data_8QMW
#
_entry.id   8QMW
#
_cell.length_a   206.010
_cell.length_b   106.440
_cell.length_c   108.490
_cell.angle_alpha   90.00
_cell.angle_beta   113.09
_cell.angle_gamma   90.00
#
_symmetry.space_group_name_H-M   'C 1 2 1'
#
loop_
_entity.id
_entity.type
_entity.pdbx_description
1 polymer 'RubisCO large subunit'
2 polymer 'RubisCO small subunit'
3 non-polymer 2-CARBOXYARABINITOL-1,5-DIPHOSPHATE
4 non-polymer 'MAGNESIUM ION'
5 non-polymer 2-[3-(2-HYDROXY-1,1-DIHYDROXYMETHYL-ETHYLAMINO)-PROPYLAMINO]-2-HYDROXYMETHYL-PROPANE-1,3-DIOL
6 water water
#
loop_
_entity_poly.entity_id
_entity_poly.type
_entity_poly.pdbx_seq_one_letter_code
_entity_poly.pdbx_strand_id
1 'polypeptide(L)'
;MARAQYEAGVRPYRETYYDPDYEPKDTDLLCAFRITPKPGVPMEEAAAAVAAESSTGTWTEVWSNLLTDLERYKARCYRI
EGDVAYIAYPLDLFEEGSIVNIMSSIVGNVFGFKAVQALRLEDMRIPVAYLKTFPGPPTGIQVERDRLNKYGRPLLGGTI
KPKLGLSAKEYARVVYECLRGGLDTT(KCX)DDENLNSQPFNRWRDRFLYVMEAVRKAEAETGERKGHWLNVTAGSTEEM
LKRAEFAAELGSRYIMVDFLTAGFAAFASVRRWARENGLMLHCHRAMHAVFDRQPNHGIHFRVLAKWLRMVGGDHVHTGT
VVGKLEGDRAETLGIADLLREDYVPADPGRGLFFDQDWAGLKPVFPVASGGIHVWHVPDLVSIFGDDAFFLFGGGTHGHP
RGSRAGATANRVAVEAVVQARNEGRDILAEGREILEEAARSCPELREAMELWGDVKFEVEA
;
A,B,C,D
2 'polypeptide(L)'
;MHTETFSYLPPLTDEEIKKQVEYILKNGWIPGIEYTDEPGPHNSYWSFWKLPFFNAETAEEVMEELEACREANPDCYIKI
TGYDNIRQGQVLSFVAYRPHHHHHH
;
E,F,G,H
#
loop_
_chem_comp.id
_chem_comp.type
_chem_comp.name
_chem_comp.formula
B3P non-polymer 2-[3-(2-HYDROXY-1,1-DIHYDROXYMETHYL-ETHYLAMINO)-PROPYLAMINO]-2-HYDROXYMETHYL-PROPANE-1,3-DIOL 'C11 H26 N2 O6'
CAP saccharide 2-CARBOXYARABINITOL-1,5-DIPHOSPHATE 'C6 H14 O13 P2'
MG non-polymer 'MAGNESIUM ION' 'Mg 2'
#
# COMPACT_ATOMS: atom_id res chain seq x y z
N GLN A 5 15.79 -24.11 -33.61
CA GLN A 5 16.57 -23.60 -32.45
C GLN A 5 15.89 -23.97 -31.12
N TYR A 6 14.69 -24.55 -31.19
CA TYR A 6 14.01 -25.03 -29.96
C TYR A 6 13.07 -26.18 -30.33
N GLU A 7 12.57 -26.86 -29.33
CA GLU A 7 11.73 -28.01 -29.66
C GLU A 7 10.28 -27.53 -29.76
N ALA A 8 9.84 -27.17 -30.97
CA ALA A 8 8.46 -26.72 -31.14
C ALA A 8 7.50 -27.92 -31.17
N GLY A 9 6.22 -27.65 -30.91
CA GLY A 9 5.21 -28.69 -30.89
C GLY A 9 4.49 -28.79 -29.56
N VAL A 10 3.36 -29.53 -29.58
CA VAL A 10 2.54 -29.71 -28.37
C VAL A 10 3.17 -30.76 -27.46
N ARG A 11 3.13 -30.49 -26.17
CA ARG A 11 3.62 -31.40 -25.14
C ARG A 11 2.50 -31.65 -24.14
N PRO A 12 2.59 -32.75 -23.36
CA PRO A 12 1.62 -32.95 -22.31
C PRO A 12 1.80 -31.87 -21.21
N TYR A 13 0.69 -31.33 -20.70
CA TYR A 13 0.83 -30.45 -19.57
C TYR A 13 1.53 -31.13 -18.40
N ARG A 14 1.36 -32.43 -18.25
CA ARG A 14 1.91 -33.14 -17.06
C ARG A 14 3.44 -32.99 -17.00
N GLU A 15 4.08 -32.89 -18.16
CA GLU A 15 5.54 -32.93 -18.18
C GLU A 15 6.14 -31.84 -17.28
N THR A 16 5.60 -30.64 -17.33
CA THR A 16 6.11 -29.52 -16.56
C THR A 16 5.25 -29.20 -15.34
N TYR A 17 3.94 -29.48 -15.39
CA TYR A 17 3.05 -28.88 -14.42
C TYR A 17 2.48 -29.87 -13.41
N TYR A 18 2.94 -31.12 -13.44
CA TYR A 18 2.62 -32.11 -12.40
C TYR A 18 3.94 -32.51 -11.77
N ASP A 19 4.05 -32.34 -10.45
CA ASP A 19 5.30 -32.71 -9.77
C ASP A 19 4.96 -33.24 -8.39
N PRO A 20 4.73 -34.54 -8.28
CA PRO A 20 4.29 -35.12 -7.00
C PRO A 20 5.39 -35.20 -5.98
N ASP A 21 6.62 -34.90 -6.34
CA ASP A 21 7.70 -34.83 -5.38
C ASP A 21 7.87 -33.43 -4.82
N TYR A 22 7.06 -32.46 -5.26
CA TYR A 22 7.25 -31.08 -4.81
C TYR A 22 6.75 -30.91 -3.38
N GLU A 23 7.55 -30.24 -2.53
CA GLU A 23 7.11 -29.92 -1.16
C GLU A 23 6.67 -28.47 -1.09
N PRO A 24 5.41 -28.18 -0.77
CA PRO A 24 4.96 -26.78 -0.74
C PRO A 24 5.76 -25.95 0.26
N LYS A 25 6.06 -24.73 -0.15
CA LYS A 25 6.66 -23.75 0.75
C LYS A 25 5.60 -23.00 1.53
N ASP A 26 5.98 -22.48 2.70
CA ASP A 26 5.05 -21.68 3.46
C ASP A 26 4.68 -20.37 2.76
N THR A 27 5.45 -19.96 1.76
CA THR A 27 5.05 -18.80 0.98
C THR A 27 4.18 -19.14 -0.22
N ASP A 28 4.01 -20.42 -0.56
CA ASP A 28 3.19 -20.77 -1.73
C ASP A 28 1.71 -20.55 -1.42
N LEU A 29 0.94 -20.17 -2.44
CA LEU A 29 -0.51 -20.19 -2.33
C LEU A 29 -0.98 -21.57 -2.79
N LEU A 30 -1.79 -22.25 -1.97
CA LEU A 30 -2.20 -23.62 -2.29
C LEU A 30 -3.69 -23.64 -2.65
N CYS A 31 -4.04 -24.42 -3.67
CA CYS A 31 -5.44 -24.57 -4.05
C CYS A 31 -5.81 -26.03 -3.96
N ALA A 32 -7.03 -26.31 -3.46
CA ALA A 32 -7.63 -27.63 -3.54
C ALA A 32 -8.77 -27.58 -4.55
N PHE A 33 -8.58 -28.20 -5.71
CA PHE A 33 -9.60 -28.23 -6.75
C PHE A 33 -10.23 -29.60 -6.84
N ARG A 34 -11.56 -29.66 -6.90
CA ARG A 34 -12.27 -30.90 -7.21
C ARG A 34 -12.51 -30.97 -8.71
N ILE A 35 -11.93 -31.97 -9.38
CA ILE A 35 -11.84 -31.99 -10.83
C ILE A 35 -12.73 -33.09 -11.39
N THR A 36 -13.52 -32.74 -12.38
CA THR A 36 -14.22 -33.73 -13.21
C THR A 36 -13.60 -33.69 -14.61
N PRO A 37 -12.65 -34.56 -14.93
CA PRO A 37 -12.05 -34.51 -16.27
C PRO A 37 -13.03 -34.97 -17.33
N LYS A 38 -12.78 -34.47 -18.53
CA LYS A 38 -13.40 -35.07 -19.71
C LYS A 38 -13.07 -36.56 -19.70
N PRO A 39 -14.02 -37.42 -20.06
CA PRO A 39 -13.73 -38.87 -20.06
C PRO A 39 -12.45 -39.22 -20.80
N GLY A 40 -11.63 -40.07 -20.17
CA GLY A 40 -10.37 -40.49 -20.71
C GLY A 40 -9.18 -39.60 -20.37
N VAL A 41 -9.41 -38.41 -19.84
CA VAL A 41 -8.33 -37.54 -19.41
C VAL A 41 -8.01 -37.91 -17.96
N PRO A 42 -6.81 -38.39 -17.66
CA PRO A 42 -6.47 -38.74 -16.28
C PRO A 42 -6.38 -37.51 -15.40
N MET A 43 -6.61 -37.71 -14.09
CA MET A 43 -6.49 -36.61 -13.13
C MET A 43 -5.16 -35.86 -13.26
N GLU A 44 -4.07 -36.58 -13.56
CA GLU A 44 -2.78 -35.90 -13.54
C GLU A 44 -2.70 -34.88 -14.68
N GLU A 45 -3.18 -35.24 -15.86
CA GLU A 45 -3.15 -34.29 -16.97
C GLU A 45 -4.17 -33.18 -16.77
N ALA A 46 -5.36 -33.51 -16.25
CA ALA A 46 -6.36 -32.48 -15.95
C ALA A 46 -5.82 -31.46 -14.94
N ALA A 47 -5.23 -31.96 -13.86
CA ALA A 47 -4.67 -31.07 -12.84
C ALA A 47 -3.51 -30.26 -13.42
N ALA A 48 -2.71 -30.89 -14.26
CA ALA A 48 -1.56 -30.17 -14.86
C ALA A 48 -2.04 -29.07 -15.79
N ALA A 49 -3.13 -29.34 -16.53
CA ALA A 49 -3.71 -28.33 -17.40
C ALA A 49 -4.18 -27.14 -16.57
N VAL A 50 -4.87 -27.42 -15.46
CA VAL A 50 -5.31 -26.34 -14.59
C VAL A 50 -4.11 -25.55 -14.08
N ALA A 51 -3.08 -26.26 -13.63
CA ALA A 51 -1.90 -25.56 -13.10
C ALA A 51 -1.24 -24.73 -14.20
N ALA A 52 -1.09 -25.29 -15.38
CA ALA A 52 -0.36 -24.60 -16.45
C ALA A 52 -1.11 -23.36 -16.89
N GLU A 53 -2.41 -23.52 -17.16
CA GLU A 53 -3.20 -22.44 -17.76
C GLU A 53 -3.71 -21.45 -16.71
N SER A 54 -3.32 -21.60 -15.46
CA SER A 54 -3.53 -20.56 -14.46
C SER A 54 -2.21 -19.93 -14.02
N SER A 55 -1.10 -20.27 -14.68
CA SER A 55 0.20 -19.75 -14.24
C SER A 55 1.00 -19.26 -15.43
N THR A 56 1.73 -20.15 -16.13
CA THR A 56 2.70 -19.75 -17.15
C THR A 56 2.48 -20.43 -18.50
N GLY A 57 1.67 -21.49 -18.56
CA GLY A 57 1.68 -22.39 -19.69
C GLY A 57 0.65 -22.04 -20.76
N THR A 58 0.77 -22.69 -21.93
CA THR A 58 -0.33 -22.70 -22.88
C THR A 58 -0.29 -24.06 -23.59
N TRP A 59 -0.90 -24.13 -24.78
CA TRP A 59 -1.26 -25.40 -25.41
C TRP A 59 -0.16 -25.97 -26.30
N THR A 60 0.89 -25.20 -26.59
CA THR A 60 1.98 -25.68 -27.41
C THR A 60 3.24 -25.00 -26.88
N GLU A 61 4.39 -25.62 -27.13
CA GLU A 61 5.65 -25.07 -26.61
C GLU A 61 6.02 -23.77 -27.36
N VAL A 62 6.46 -22.73 -26.63
CA VAL A 62 6.81 -21.45 -27.28
C VAL A 62 8.28 -21.14 -27.06
N TRP A 63 8.88 -20.51 -28.09
CA TRP A 63 10.33 -20.23 -28.05
C TRP A 63 10.66 -19.39 -26.83
N SER A 64 9.74 -18.52 -26.43
CA SER A 64 10.01 -17.56 -25.38
C SER A 64 10.00 -18.18 -23.98
N ASN A 65 9.54 -19.44 -23.83
CA ASN A 65 9.70 -20.11 -22.53
C ASN A 65 11.15 -20.12 -22.09
N LEU A 66 12.07 -20.21 -23.06
CA LEU A 66 13.49 -20.31 -22.76
C LEU A 66 14.10 -18.98 -22.33
N LEU A 67 13.33 -17.88 -22.37
CA LEU A 67 13.80 -16.59 -21.89
C LEU A 67 13.52 -16.37 -20.41
N THR A 68 12.88 -17.32 -19.74
CA THR A 68 12.62 -17.13 -18.32
C THR A 68 12.87 -18.45 -17.59
N ASP A 69 12.50 -18.46 -16.32
CA ASP A 69 12.84 -19.53 -15.39
C ASP A 69 11.52 -20.20 -14.99
N LEU A 70 11.02 -21.10 -15.85
CA LEU A 70 9.69 -21.66 -15.56
C LEU A 70 9.71 -22.52 -14.30
N GLU A 71 10.86 -23.07 -13.91
CA GLU A 71 10.89 -23.88 -12.69
C GLU A 71 10.60 -23.02 -11.47
N ARG A 72 10.99 -21.76 -11.53
CA ARG A 72 10.69 -20.83 -10.46
C ARG A 72 9.23 -20.38 -10.46
N TYR A 73 8.68 -20.06 -11.62
CA TYR A 73 7.41 -19.35 -11.67
C TYR A 73 6.20 -20.26 -11.82
N LYS A 74 6.36 -21.48 -12.33
CA LYS A 74 5.19 -22.27 -12.69
C LYS A 74 4.40 -22.64 -11.43
N ALA A 75 3.08 -22.73 -11.57
CA ALA A 75 2.29 -23.45 -10.59
C ALA A 75 2.48 -24.94 -10.86
N ARG A 76 2.30 -25.75 -9.84
CA ARG A 76 2.43 -27.18 -10.08
C ARG A 76 1.48 -27.99 -9.20
N CYS A 77 0.85 -28.97 -9.81
CA CYS A 77 0.07 -29.89 -9.01
C CYS A 77 1.03 -30.83 -8.29
N TYR A 78 0.91 -30.92 -6.96
CA TYR A 78 1.90 -31.68 -6.18
C TYR A 78 1.28 -32.85 -5.43
N ARG A 79 -0.04 -33.02 -5.50
CA ARG A 79 -0.67 -34.13 -4.80
C ARG A 79 -2.07 -34.27 -5.37
N ILE A 80 -2.47 -35.52 -5.60
CA ILE A 80 -3.83 -35.85 -6.02
C ILE A 80 -4.38 -36.89 -5.06
N GLU A 81 -5.57 -36.63 -4.51
CA GLU A 81 -6.26 -37.59 -3.64
C GLU A 81 -7.65 -37.80 -4.22
N GLY A 82 -7.86 -38.92 -4.92
CA GLY A 82 -9.19 -39.11 -5.52
C GLY A 82 -9.45 -38.08 -6.61
N ASP A 83 -10.53 -37.30 -6.46
CA ASP A 83 -10.84 -36.27 -7.44
C ASP A 83 -10.40 -34.88 -6.99
N VAL A 84 -9.59 -34.79 -5.93
CA VAL A 84 -9.08 -33.52 -5.45
C VAL A 84 -7.61 -33.38 -5.83
N ALA A 85 -7.29 -32.28 -6.54
CA ALA A 85 -5.92 -31.95 -6.91
C ALA A 85 -5.45 -30.76 -6.10
N TYR A 86 -4.27 -30.88 -5.55
CA TYR A 86 -3.63 -29.82 -4.77
C TYR A 86 -2.59 -29.15 -5.66
N ILE A 87 -2.71 -27.83 -5.84
CA ILE A 87 -1.83 -27.10 -6.74
C ILE A 87 -1.14 -25.98 -5.96
N ALA A 88 0.19 -25.89 -6.08
CA ALA A 88 0.98 -24.87 -5.40
C ALA A 88 1.39 -23.78 -6.39
N TYR A 89 1.19 -22.51 -6.00
CA TYR A 89 1.49 -21.33 -6.81
C TYR A 89 2.54 -20.53 -6.07
N PRO A 90 3.65 -20.21 -6.70
CA PRO A 90 4.69 -19.43 -6.01
C PRO A 90 4.19 -18.02 -5.68
N LEU A 91 4.66 -17.53 -4.54
CA LEU A 91 4.31 -16.18 -4.09
C LEU A 91 4.53 -15.13 -5.19
N ASP A 92 5.63 -15.26 -5.94
CA ASP A 92 5.97 -14.27 -6.97
C ASP A 92 4.94 -14.17 -8.08
N LEU A 93 4.00 -15.13 -8.19
CA LEU A 93 3.04 -15.08 -9.29
C LEU A 93 1.96 -14.02 -9.11
N PHE A 94 1.81 -13.43 -7.92
CA PHE A 94 0.61 -12.67 -7.58
C PHE A 94 0.91 -11.19 -7.41
N GLU A 95 -0.05 -10.36 -7.83
CA GLU A 95 0.06 -8.94 -7.52
C GLU A 95 -0.34 -8.68 -6.07
N GLU A 96 0.55 -8.00 -5.34
CA GLU A 96 0.28 -7.65 -3.94
C GLU A 96 -1.03 -6.89 -3.77
N GLY A 97 -1.82 -7.29 -2.77
CA GLY A 97 -3.02 -6.56 -2.44
C GLY A 97 -4.19 -6.68 -3.40
N SER A 98 -4.13 -7.59 -4.37
CA SER A 98 -5.13 -7.63 -5.43
C SER A 98 -5.88 -8.97 -5.47
N ILE A 99 -7.10 -9.02 -4.90
CA ILE A 99 -7.95 -10.19 -5.10
C ILE A 99 -8.25 -10.36 -6.58
N VAL A 100 -8.44 -9.25 -7.28
CA VAL A 100 -8.70 -9.30 -8.71
C VAL A 100 -7.64 -10.14 -9.41
N ASN A 101 -6.36 -9.97 -9.02
CA ASN A 101 -5.31 -10.76 -9.66
C ASN A 101 -5.43 -12.23 -9.26
N ILE A 102 -5.72 -12.53 -7.98
CA ILE A 102 -5.85 -13.92 -7.58
C ILE A 102 -6.89 -14.62 -8.46
N MET A 103 -8.04 -13.97 -8.62
CA MET A 103 -9.10 -14.57 -9.41
C MET A 103 -8.69 -14.70 -10.88
N SER A 104 -8.00 -13.68 -11.41
CA SER A 104 -7.65 -13.71 -12.83
C SER A 104 -6.71 -14.85 -13.15
N SER A 105 -5.88 -15.28 -12.18
CA SER A 105 -5.09 -16.50 -12.33
C SER A 105 -5.88 -17.74 -11.95
N ILE A 106 -6.25 -17.87 -10.68
CA ILE A 106 -6.75 -19.14 -10.14
C ILE A 106 -8.05 -19.58 -10.80
N VAL A 107 -8.95 -18.62 -11.12
CA VAL A 107 -10.26 -18.96 -11.68
C VAL A 107 -10.51 -18.26 -13.03
N GLY A 108 -9.44 -17.79 -13.68
CA GLY A 108 -9.53 -17.00 -14.89
C GLY A 108 -10.10 -17.72 -16.10
N ASN A 109 -9.37 -18.75 -16.58
CA ASN A 109 -9.80 -19.51 -17.74
C ASN A 109 -10.03 -21.00 -17.45
N VAL A 110 -9.46 -21.53 -16.35
CA VAL A 110 -9.36 -22.96 -16.17
C VAL A 110 -10.70 -23.65 -15.91
N PHE A 111 -11.81 -22.91 -15.70
CA PHE A 111 -13.12 -23.55 -15.54
C PHE A 111 -13.83 -23.81 -16.88
N GLY A 112 -13.25 -23.36 -17.98
CA GLY A 112 -13.88 -23.46 -19.28
C GLY A 112 -13.13 -24.31 -20.29
N PHE A 113 -12.13 -25.10 -19.86
CA PHE A 113 -11.42 -25.96 -20.82
C PHE A 113 -12.22 -27.19 -21.23
N LYS A 114 -12.09 -27.61 -22.50
CA LYS A 114 -12.72 -28.86 -22.94
C LYS A 114 -12.24 -30.05 -22.13
N ALA A 115 -10.98 -30.01 -21.65
CA ALA A 115 -10.38 -31.16 -21.00
C ALA A 115 -10.90 -31.39 -19.59
N VAL A 116 -11.52 -30.38 -18.97
CA VAL A 116 -11.98 -30.45 -17.60
C VAL A 116 -13.45 -30.02 -17.63
N GLN A 117 -14.37 -31.00 -17.52
CA GLN A 117 -15.79 -30.73 -17.73
C GLN A 117 -16.48 -30.11 -16.53
N ALA A 118 -15.92 -30.23 -15.34
CA ALA A 118 -16.40 -29.48 -14.18
C ALA A 118 -15.20 -29.28 -13.27
N LEU A 119 -15.23 -28.20 -12.48
CA LEU A 119 -14.13 -27.84 -11.62
C LEU A 119 -14.69 -27.04 -10.48
N ARG A 120 -14.29 -27.38 -9.25
CA ARG A 120 -14.71 -26.58 -8.11
C ARG A 120 -13.51 -26.30 -7.22
N LEU A 121 -13.30 -25.03 -6.94
CA LEU A 121 -12.23 -24.62 -6.06
C LEU A 121 -12.80 -24.74 -4.66
N GLU A 122 -12.33 -25.71 -3.89
CA GLU A 122 -12.88 -26.02 -2.58
C GLU A 122 -12.30 -25.16 -1.46
N ASP A 123 -10.99 -24.86 -1.55
CA ASP A 123 -10.31 -24.15 -0.48
C ASP A 123 -9.02 -23.60 -1.08
N MET A 124 -8.43 -22.66 -0.38
CA MET A 124 -7.16 -22.09 -0.80
C MET A 124 -6.39 -21.74 0.47
N ARG A 125 -5.12 -22.06 0.49
CA ARG A 125 -4.27 -21.68 1.63
C ARG A 125 -3.57 -20.41 1.22
N ILE A 126 -3.98 -19.28 1.77
CA ILE A 126 -3.37 -17.99 1.47
C ILE A 126 -2.18 -17.82 2.42
N PRO A 127 -0.96 -17.72 1.90
CA PRO A 127 0.22 -17.68 2.79
C PRO A 127 0.29 -16.34 3.51
N VAL A 128 0.83 -16.35 4.74
CA VAL A 128 0.94 -15.15 5.55
C VAL A 128 1.64 -14.03 4.77
N ALA A 129 2.66 -14.36 3.97
CA ALA A 129 3.40 -13.28 3.31
C ALA A 129 2.56 -12.56 2.27
N TYR A 130 1.57 -13.24 1.71
CA TYR A 130 0.66 -12.58 0.79
C TYR A 130 -0.45 -11.85 1.53
N LEU A 131 -0.97 -12.46 2.60
CA LEU A 131 -1.98 -11.80 3.42
C LEU A 131 -1.52 -10.43 3.89
N LYS A 132 -0.23 -10.29 4.25
CA LYS A 132 0.17 -9.00 4.78
C LYS A 132 0.14 -7.88 3.75
N THR A 133 -0.04 -8.19 2.44
CA THR A 133 -0.20 -7.15 1.42
C THR A 133 -1.63 -6.63 1.33
N PHE A 134 -2.52 -7.13 2.17
CA PHE A 134 -3.94 -6.74 2.23
C PHE A 134 -4.25 -6.04 3.55
N PRO A 135 -5.19 -5.07 3.56
CA PRO A 135 -5.41 -4.29 4.78
C PRO A 135 -6.43 -4.91 5.74
N GLY A 136 -7.21 -5.84 5.22
CA GLY A 136 -8.30 -6.44 5.98
C GLY A 136 -9.41 -5.45 6.29
N PRO A 137 -10.32 -5.84 7.17
CA PRO A 137 -11.51 -5.04 7.47
C PRO A 137 -11.14 -3.62 7.81
N PRO A 138 -11.94 -2.64 7.38
CA PRO A 138 -11.65 -1.26 7.74
C PRO A 138 -11.93 -1.01 9.20
N THR A 139 -12.78 -1.82 9.84
CA THR A 139 -13.11 -1.64 11.25
C THR A 139 -12.77 -2.89 12.05
N GLY A 140 -13.36 -4.05 11.73
CA GLY A 140 -13.14 -5.28 12.46
C GLY A 140 -14.02 -5.39 13.70
N ILE A 141 -14.26 -6.66 14.11
CA ILE A 141 -15.27 -6.94 15.14
C ILE A 141 -15.02 -6.11 16.39
N GLN A 142 -13.79 -6.11 16.88
CA GLN A 142 -13.58 -5.50 18.19
C GLN A 142 -13.78 -4.00 18.12
N VAL A 143 -13.18 -3.34 17.12
CA VAL A 143 -13.39 -1.89 17.02
C VAL A 143 -14.85 -1.55 16.77
N GLU A 144 -15.54 -2.37 15.95
CA GLU A 144 -16.96 -2.15 15.69
C GLU A 144 -17.77 -2.21 16.98
N ARG A 145 -17.50 -3.21 17.83
CA ARG A 145 -18.24 -3.28 19.10
C ARG A 145 -17.94 -2.06 19.97
N ASP A 146 -16.68 -1.60 19.95
CA ASP A 146 -16.35 -0.36 20.64
C ASP A 146 -17.11 0.81 20.04
N ARG A 147 -17.20 0.91 18.71
CA ARG A 147 -17.91 2.05 18.14
C ARG A 147 -19.39 2.01 18.46
N LEU A 148 -19.97 0.80 18.57
CA LEU A 148 -21.37 0.66 18.93
C LEU A 148 -21.62 0.69 20.42
N ASN A 149 -20.59 0.49 21.24
CA ASN A 149 -20.74 0.29 22.69
C ASN A 149 -21.67 -0.88 23.03
N LYS A 150 -21.47 -2.03 22.35
CA LYS A 150 -22.36 -3.18 22.48
C LYS A 150 -21.50 -4.41 22.69
N TYR A 151 -21.67 -5.07 23.83
CA TYR A 151 -20.84 -6.23 24.14
C TYR A 151 -21.68 -7.32 24.75
N GLY A 152 -21.40 -8.57 24.41
CA GLY A 152 -21.97 -9.70 25.13
C GLY A 152 -23.19 -10.37 24.52
N ARG A 153 -23.53 -10.07 23.27
CA ARG A 153 -24.66 -10.77 22.64
C ARG A 153 -24.54 -10.62 21.15
N PRO A 154 -25.16 -11.52 20.37
CA PRO A 154 -25.37 -11.22 18.94
C PRO A 154 -26.09 -9.91 18.75
N LEU A 155 -25.78 -9.24 17.64
CA LEU A 155 -26.38 -7.97 17.29
C LEU A 155 -27.55 -8.21 16.35
N LEU A 156 -28.61 -7.40 16.50
CA LEU A 156 -29.86 -7.58 15.79
C LEU A 156 -29.93 -6.65 14.59
N GLY A 157 -30.39 -7.18 13.45
CA GLY A 157 -30.60 -6.33 12.30
C GLY A 157 -31.84 -6.80 11.53
N GLY A 158 -31.99 -6.32 10.32
CA GLY A 158 -33.17 -6.67 9.55
C GLY A 158 -33.28 -5.86 8.27
N THR A 159 -33.54 -6.56 7.16
CA THR A 159 -33.76 -5.90 5.89
C THR A 159 -35.14 -5.26 5.86
N ILE A 160 -35.22 -4.01 5.39
CA ILE A 160 -36.53 -3.39 5.21
C ILE A 160 -37.28 -4.07 4.04
N LYS A 161 -38.58 -4.30 4.23
CA LYS A 161 -39.46 -4.89 3.22
C LYS A 161 -40.70 -4.02 3.08
N PRO A 162 -41.38 -4.06 1.90
CA PRO A 162 -41.01 -4.84 0.68
C PRO A 162 -39.62 -4.47 0.17
N LYS A 163 -38.99 -5.39 -0.57
CA LYS A 163 -37.61 -5.14 -1.01
C LYS A 163 -37.49 -3.81 -1.71
N LEU A 164 -38.42 -3.58 -2.65
CA LEU A 164 -38.54 -2.40 -3.48
C LEU A 164 -39.97 -1.90 -3.41
N GLY A 165 -40.18 -0.61 -3.64
CA GLY A 165 -41.51 -0.07 -3.84
C GLY A 165 -41.92 0.98 -2.82
N LEU A 166 -41.31 1.02 -1.62
CA LEU A 166 -41.65 2.04 -0.64
C LEU A 166 -41.02 3.37 -1.04
N SER A 167 -41.75 4.47 -0.81
CA SER A 167 -41.11 5.78 -0.95
C SER A 167 -39.99 5.96 0.09
N ALA A 168 -39.13 6.95 -0.13
CA ALA A 168 -38.07 7.21 0.84
C ALA A 168 -38.63 7.53 2.24
N LYS A 169 -39.66 8.35 2.31
CA LYS A 169 -40.20 8.72 3.62
C LYS A 169 -40.84 7.53 4.33
N GLU A 170 -41.58 6.69 3.59
CA GLU A 170 -42.19 5.56 4.27
C GLU A 170 -41.16 4.47 4.57
N TYR A 171 -40.16 4.31 3.70
CA TYR A 171 -39.03 3.43 4.00
C TYR A 171 -38.41 3.78 5.37
N ALA A 172 -38.20 5.07 5.61
CA ALA A 172 -37.57 5.45 6.86
C ALA A 172 -38.55 5.33 8.02
N ARG A 173 -39.86 5.43 7.77
CA ARG A 173 -40.81 5.08 8.82
C ARG A 173 -40.59 3.64 9.29
N VAL A 174 -40.43 2.69 8.36
CA VAL A 174 -40.18 1.31 8.79
C VAL A 174 -38.88 1.20 9.56
N VAL A 175 -37.82 1.88 9.09
CA VAL A 175 -36.56 1.91 9.84
C VAL A 175 -36.76 2.42 11.26
N TYR A 176 -37.48 3.53 11.40
CA TYR A 176 -37.72 4.12 12.72
C TYR A 176 -38.40 3.12 13.66
N GLU A 177 -39.46 2.45 13.19
CA GLU A 177 -40.17 1.50 14.02
C GLU A 177 -39.25 0.35 14.44
N CYS A 178 -38.48 -0.18 13.51
CA CYS A 178 -37.59 -1.29 13.82
C CYS A 178 -36.56 -0.90 14.86
N LEU A 179 -35.85 0.20 14.60
CA LEU A 179 -34.75 0.56 15.48
C LEU A 179 -35.27 0.93 16.86
N ARG A 180 -36.40 1.66 16.92
CA ARG A 180 -36.89 2.08 18.24
C ARG A 180 -37.46 0.90 19.02
N GLY A 181 -37.79 -0.20 18.33
CA GLY A 181 -38.27 -1.40 18.98
C GLY A 181 -37.20 -2.35 19.45
N GLY A 182 -35.93 -2.05 19.17
CA GLY A 182 -34.85 -2.84 19.73
C GLY A 182 -33.88 -3.44 18.74
N LEU A 183 -34.08 -3.33 17.43
CA LEU A 183 -33.04 -3.78 16.52
C LEU A 183 -31.87 -2.82 16.65
N ASP A 184 -30.64 -3.36 16.52
CA ASP A 184 -29.49 -2.47 16.55
C ASP A 184 -29.29 -1.77 15.22
N THR A 185 -29.63 -2.46 14.13
CA THR A 185 -29.43 -1.96 12.78
C THR A 185 -30.61 -2.38 11.92
N THR A 186 -30.71 -1.71 10.77
CA THR A 186 -31.58 -2.12 9.69
C THR A 186 -30.75 -2.00 8.42
N KCX A 187 -31.26 -2.51 7.31
CA KCX A 187 -30.49 -2.44 6.05
CB KCX A 187 -29.58 -3.71 5.81
CG KCX A 187 -30.40 -5.04 5.59
CD KCX A 187 -29.41 -6.23 5.46
CE KCX A 187 -28.57 -6.20 4.12
NZ KCX A 187 -29.50 -6.30 2.99
C KCX A 187 -31.35 -2.24 4.82
O KCX A 187 -32.52 -2.76 4.82
CX KCX A 187 -30.05 -7.50 2.57
OQ1 KCX A 187 -30.91 -7.35 1.61
OQ2 KCX A 187 -29.73 -8.55 3.08
N ASP A 188 -30.80 -1.59 3.79
CA ASP A 188 -31.40 -1.63 2.45
C ASP A 188 -31.33 -3.04 1.86
N ASP A 189 -32.33 -3.44 1.09
CA ASP A 189 -32.15 -4.70 0.36
C ASP A 189 -30.99 -4.58 -0.62
N GLU A 190 -30.37 -5.74 -0.92
CA GLU A 190 -29.24 -5.73 -1.85
C GLU A 190 -29.61 -5.09 -3.19
N ASN A 191 -30.87 -5.20 -3.62
CA ASN A 191 -31.23 -4.66 -4.93
C ASN A 191 -31.81 -3.25 -4.84
N LEU A 192 -31.87 -2.65 -3.66
CA LEU A 192 -32.36 -1.28 -3.50
C LEU A 192 -31.15 -0.38 -3.63
N ASN A 193 -31.05 0.31 -4.77
CA ASN A 193 -29.89 1.16 -5.01
C ASN A 193 -30.44 2.56 -5.20
N SER A 194 -30.66 3.02 -6.44
CA SER A 194 -31.43 4.23 -6.67
C SER A 194 -32.39 3.99 -7.84
N GLN A 195 -33.69 4.12 -7.58
CA GLN A 195 -34.74 3.73 -8.52
C GLN A 195 -35.84 4.77 -8.54
N PRO A 196 -36.70 4.77 -9.57
CA PRO A 196 -37.75 5.80 -9.70
C PRO A 196 -38.66 5.96 -8.48
N PHE A 197 -39.00 4.86 -7.80
CA PHE A 197 -39.85 4.94 -6.61
C PHE A 197 -39.10 5.31 -5.33
N ASN A 198 -37.75 5.35 -5.35
CA ASN A 198 -36.98 5.52 -4.11
C ASN A 198 -35.54 5.87 -4.55
N ARG A 199 -35.27 7.18 -4.64
CA ARG A 199 -33.97 7.66 -5.10
C ARG A 199 -33.02 7.75 -3.91
N TRP A 200 -31.73 7.44 -4.12
CA TRP A 200 -30.86 7.15 -2.98
C TRP A 200 -30.70 8.37 -2.08
N ARG A 201 -30.61 9.58 -2.64
CA ARG A 201 -30.37 10.74 -1.78
C ARG A 201 -31.55 10.96 -0.83
N ASP A 202 -32.77 10.78 -1.35
CA ASP A 202 -33.94 10.94 -0.48
C ASP A 202 -33.92 9.89 0.61
N ARG A 203 -33.64 8.64 0.24
CA ARG A 203 -33.56 7.58 1.23
C ARG A 203 -32.50 7.87 2.31
N PHE A 204 -31.26 8.18 1.89
CA PHE A 204 -30.20 8.38 2.87
C PHE A 204 -30.61 9.45 3.88
N LEU A 205 -31.15 10.57 3.37
CA LEU A 205 -31.56 11.67 4.24
C LEU A 205 -32.61 11.23 5.25
N TYR A 206 -33.73 10.65 4.77
CA TYR A 206 -34.80 10.27 5.67
C TYR A 206 -34.40 9.15 6.61
N VAL A 207 -33.66 8.15 6.11
CA VAL A 207 -33.24 7.07 6.97
C VAL A 207 -32.42 7.62 8.14
N MET A 208 -31.52 8.57 7.86
CA MET A 208 -30.68 9.04 8.94
C MET A 208 -31.45 9.86 9.96
N GLU A 209 -32.51 10.56 9.53
CA GLU A 209 -33.42 11.17 10.51
C GLU A 209 -34.01 10.10 11.43
N ALA A 210 -34.47 8.97 10.85
CA ALA A 210 -35.03 7.88 11.64
C ALA A 210 -34.00 7.23 12.58
N VAL A 211 -32.75 7.06 12.10
CA VAL A 211 -31.70 6.49 12.95
C VAL A 211 -31.45 7.38 14.15
N ARG A 212 -31.29 8.69 13.94
CA ARG A 212 -31.01 9.57 15.06
C ARG A 212 -32.17 9.61 16.04
N LYS A 213 -33.39 9.59 15.53
CA LYS A 213 -34.56 9.65 16.40
C LYS A 213 -34.64 8.40 17.27
N ALA A 214 -34.42 7.22 16.67
CA ALA A 214 -34.46 5.98 17.45
C ALA A 214 -33.33 5.92 18.45
N GLU A 215 -32.15 6.44 18.09
CA GLU A 215 -31.05 6.45 19.04
C GLU A 215 -31.36 7.34 20.23
N ALA A 216 -31.90 8.53 19.98
CA ALA A 216 -32.27 9.42 21.08
C ALA A 216 -33.34 8.80 21.98
N GLU A 217 -34.32 8.10 21.38
CA GLU A 217 -35.48 7.63 22.16
C GLU A 217 -35.15 6.39 22.97
N THR A 218 -34.26 5.54 22.46
CA THR A 218 -33.89 4.31 23.16
C THR A 218 -32.65 4.45 24.04
N GLY A 219 -31.78 5.39 23.75
CA GLY A 219 -30.49 5.46 24.43
C GLY A 219 -29.44 4.49 23.96
N GLU A 220 -29.71 3.68 22.93
CA GLU A 220 -28.73 2.73 22.38
C GLU A 220 -28.26 3.22 21.02
N ARG A 221 -26.97 3.05 20.72
CA ARG A 221 -26.50 3.51 19.42
C ARG A 221 -27.10 2.64 18.32
N LYS A 222 -27.41 3.28 17.19
CA LYS A 222 -28.14 2.65 16.10
C LYS A 222 -27.40 2.83 14.79
N GLY A 223 -27.75 2.02 13.79
CA GLY A 223 -27.19 2.23 12.48
C GLY A 223 -28.11 1.68 11.41
N HIS A 224 -27.94 2.18 10.18
CA HIS A 224 -28.66 1.61 9.05
C HIS A 224 -27.64 1.39 7.94
N TRP A 225 -27.69 0.20 7.35
CA TRP A 225 -26.68 -0.17 6.34
C TRP A 225 -27.15 0.41 5.01
N LEU A 226 -26.75 1.68 4.77
CA LEU A 226 -27.13 2.40 3.55
C LEU A 226 -26.40 1.81 2.34
N ASN A 227 -27.17 1.35 1.34
CA ASN A 227 -26.59 0.61 0.21
C ASN A 227 -26.02 1.60 -0.78
N VAL A 228 -24.69 1.62 -0.91
CA VAL A 228 -24.05 2.51 -1.88
C VAL A 228 -23.82 1.78 -3.19
N THR A 229 -24.17 0.51 -3.29
CA THR A 229 -24.02 -0.24 -4.54
C THR A 229 -24.58 0.54 -5.73
N ALA A 230 -23.79 0.69 -6.78
CA ALA A 230 -24.19 1.54 -7.89
C ALA A 230 -23.48 1.06 -9.15
N GLY A 231 -23.77 1.73 -10.26
CA GLY A 231 -23.30 1.21 -11.54
C GLY A 231 -21.84 1.47 -11.84
N SER A 232 -21.19 2.39 -11.12
CA SER A 232 -19.78 2.72 -11.32
C SER A 232 -19.16 3.01 -9.97
N THR A 233 -17.83 2.92 -9.89
CA THR A 233 -17.16 3.21 -8.62
C THR A 233 -17.41 4.64 -8.19
N GLU A 234 -17.28 5.60 -9.13
CA GLU A 234 -17.46 7.00 -8.79
C GLU A 234 -18.81 7.23 -8.12
N GLU A 235 -19.86 6.63 -8.69
CA GLU A 235 -21.20 6.79 -8.11
C GLU A 235 -21.27 6.15 -6.72
N MET A 236 -20.62 5.01 -6.51
CA MET A 236 -20.66 4.41 -5.16
C MET A 236 -19.97 5.35 -4.15
N LEU A 237 -18.82 5.90 -4.54
CA LEU A 237 -18.10 6.81 -3.64
C LEU A 237 -18.88 8.09 -3.38
N LYS A 238 -19.67 8.56 -4.37
CA LYS A 238 -20.54 9.71 -4.15
C LYS A 238 -21.59 9.40 -3.08
N ARG A 239 -22.17 8.21 -3.17
CA ARG A 239 -23.15 7.78 -2.19
C ARG A 239 -22.51 7.60 -0.82
N ALA A 240 -21.30 7.01 -0.77
CA ALA A 240 -20.61 6.88 0.51
C ALA A 240 -20.36 8.26 1.15
N GLU A 241 -19.94 9.24 0.34
CA GLU A 241 -19.66 10.58 0.86
C GLU A 241 -20.88 11.19 1.53
N PHE A 242 -22.05 11.04 0.92
CA PHE A 242 -23.24 11.61 1.53
C PHE A 242 -23.60 10.88 2.83
N ALA A 243 -23.43 9.55 2.85
CA ALA A 243 -23.61 8.85 4.12
C ALA A 243 -22.70 9.43 5.22
N ALA A 244 -21.43 9.69 4.90
CA ALA A 244 -20.53 10.23 5.91
C ALA A 244 -20.93 11.66 6.28
N GLU A 245 -21.38 12.45 5.31
CA GLU A 245 -21.82 13.81 5.64
C GLU A 245 -23.00 13.79 6.59
N LEU A 246 -23.86 12.78 6.49
CA LEU A 246 -25.02 12.61 7.36
C LEU A 246 -24.67 11.99 8.71
N GLY A 247 -23.42 11.58 8.92
CA GLY A 247 -23.03 10.94 10.16
C GLY A 247 -23.48 9.49 10.28
N SER A 248 -23.77 8.81 9.18
CA SER A 248 -24.01 7.38 9.29
C SER A 248 -22.78 6.66 9.81
N ARG A 249 -23.00 5.71 10.72
CA ARG A 249 -21.92 4.82 11.14
C ARG A 249 -21.59 3.78 10.07
N TYR A 250 -22.50 3.58 9.10
CA TYR A 250 -22.41 2.45 8.19
C TYR A 250 -22.70 2.82 6.74
N ILE A 251 -22.07 2.06 5.84
CA ILE A 251 -22.53 1.90 4.47
C ILE A 251 -22.51 0.40 4.14
N MET A 252 -23.13 0.06 3.00
CA MET A 252 -23.25 -1.32 2.55
C MET A 252 -22.86 -1.42 1.07
N VAL A 253 -22.17 -2.51 0.72
CA VAL A 253 -21.83 -2.78 -0.67
C VAL A 253 -22.15 -4.24 -1.00
N ASP A 254 -22.71 -4.48 -2.19
CA ASP A 254 -22.88 -5.83 -2.75
C ASP A 254 -21.55 -6.17 -3.39
N PHE A 255 -20.65 -6.87 -2.66
CA PHE A 255 -19.25 -6.85 -3.10
C PHE A 255 -19.00 -7.70 -4.34
N LEU A 256 -19.87 -8.66 -4.62
CA LEU A 256 -19.70 -9.49 -5.82
C LEU A 256 -20.37 -8.88 -7.04
N THR A 257 -21.55 -8.26 -6.88
CA THR A 257 -22.17 -7.64 -8.06
C THR A 257 -21.47 -6.34 -8.43
N ALA A 258 -21.13 -5.50 -7.44
CA ALA A 258 -20.28 -4.35 -7.73
C ALA A 258 -18.91 -4.82 -8.21
N GLY A 259 -18.39 -5.87 -7.59
CA GLY A 259 -17.14 -6.51 -7.97
C GLY A 259 -15.97 -6.09 -7.09
N PHE A 260 -14.91 -6.90 -7.12
CA PHE A 260 -13.82 -6.72 -6.16
C PHE A 260 -13.01 -5.42 -6.34
N ALA A 261 -12.81 -4.92 -7.57
CA ALA A 261 -12.03 -3.68 -7.67
C ALA A 261 -12.78 -2.48 -7.06
N ALA A 262 -14.08 -2.34 -7.37
CA ALA A 262 -14.90 -1.29 -6.75
C ALA A 262 -15.03 -1.50 -5.24
N PHE A 263 -15.19 -2.74 -4.81
CA PHE A 263 -15.23 -3.04 -3.37
C PHE A 263 -13.96 -2.53 -2.67
N ALA A 264 -12.79 -2.79 -3.25
CA ALA A 264 -11.54 -2.32 -2.64
C ALA A 264 -11.50 -0.79 -2.58
N SER A 265 -12.02 -0.12 -3.63
CA SER A 265 -12.12 1.34 -3.60
C SER A 265 -12.98 1.81 -2.43
N VAL A 266 -14.11 1.13 -2.23
CA VAL A 266 -15.03 1.50 -1.15
C VAL A 266 -14.43 1.19 0.23
N ARG A 267 -13.69 0.09 0.33
CA ARG A 267 -13.05 -0.23 1.65
C ARG A 267 -12.08 0.90 2.02
N ARG A 268 -11.26 1.33 1.06
CA ARG A 268 -10.32 2.41 1.37
C ARG A 268 -11.06 3.66 1.77
N TRP A 269 -12.10 4.01 1.02
CA TRP A 269 -12.89 5.18 1.38
C TRP A 269 -13.48 5.03 2.78
N ALA A 270 -14.01 3.84 3.10
CA ALA A 270 -14.66 3.63 4.40
C ALA A 270 -13.65 3.83 5.53
N ARG A 271 -12.47 3.24 5.39
CA ARG A 271 -11.43 3.40 6.41
C ARG A 271 -11.07 4.86 6.60
N GLU A 272 -10.87 5.59 5.50
CA GLU A 272 -10.41 6.96 5.61
C GLU A 272 -11.47 7.88 6.16
N ASN A 273 -12.75 7.51 6.05
CA ASN A 273 -13.81 8.37 6.50
C ASN A 273 -14.52 7.85 7.75
N GLY A 274 -14.07 6.75 8.32
CA GLY A 274 -14.60 6.31 9.60
C GLY A 274 -15.96 5.63 9.52
N LEU A 275 -16.29 5.03 8.39
CA LEU A 275 -17.56 4.36 8.24
C LEU A 275 -17.31 2.86 8.24
N MET A 276 -18.25 2.12 8.81
CA MET A 276 -18.13 0.68 8.82
C MET A 276 -18.81 0.14 7.57
N LEU A 277 -18.38 -1.04 7.13
CA LEU A 277 -18.73 -1.53 5.78
C LEU A 277 -19.43 -2.88 5.85
N HIS A 278 -20.76 -2.88 5.67
CA HIS A 278 -21.51 -4.12 5.55
C HIS A 278 -21.37 -4.68 4.14
N CYS A 279 -21.05 -5.98 4.03
CA CYS A 279 -20.89 -6.62 2.72
C CYS A 279 -21.98 -7.67 2.50
N HIS A 280 -22.73 -7.49 1.43
CA HIS A 280 -23.75 -8.41 1.01
C HIS A 280 -23.19 -9.27 -0.12
N ARG A 281 -23.43 -10.60 -0.05
CA ARG A 281 -22.82 -11.53 -1.00
C ARG A 281 -23.72 -11.86 -2.19
N ALA A 282 -24.62 -10.94 -2.56
CA ALA A 282 -25.44 -11.10 -3.77
C ALA A 282 -24.61 -11.67 -4.91
N MET A 283 -25.18 -12.73 -5.52
CA MET A 283 -24.60 -13.46 -6.69
C MET A 283 -23.80 -14.71 -6.26
N HIS A 284 -23.47 -14.85 -4.98
CA HIS A 284 -22.56 -15.93 -4.61
C HIS A 284 -23.11 -17.32 -5.00
N ALA A 285 -24.44 -17.55 -4.83
CA ALA A 285 -25.00 -18.89 -5.07
C ALA A 285 -25.04 -19.24 -6.55
N VAL A 286 -24.83 -18.28 -7.45
CA VAL A 286 -24.65 -18.61 -8.86
C VAL A 286 -23.52 -19.61 -9.04
N PHE A 287 -22.48 -19.53 -8.19
CA PHE A 287 -21.32 -20.38 -8.43
C PHE A 287 -20.76 -21.06 -7.18
N ASP A 288 -21.32 -20.83 -5.98
CA ASP A 288 -20.80 -21.49 -4.80
C ASP A 288 -21.72 -22.60 -4.29
N ARG A 289 -22.80 -22.89 -4.99
CA ARG A 289 -23.81 -23.80 -4.47
C ARG A 289 -23.59 -25.25 -4.89
N GLN A 290 -23.27 -25.48 -6.17
CA GLN A 290 -23.28 -26.88 -6.62
C GLN A 290 -21.96 -27.56 -6.27
N PRO A 291 -21.99 -28.81 -5.81
CA PRO A 291 -20.75 -29.44 -5.34
C PRO A 291 -19.78 -29.81 -6.44
N ASN A 292 -20.19 -29.80 -7.73
CA ASN A 292 -19.28 -30.19 -8.80
C ASN A 292 -18.60 -29.00 -9.49
N HIS A 293 -19.07 -27.78 -9.29
CA HIS A 293 -18.54 -26.68 -10.11
C HIS A 293 -18.66 -25.33 -9.42
N GLY A 294 -17.57 -24.56 -9.48
CA GLY A 294 -17.59 -23.16 -9.07
C GLY A 294 -16.56 -22.91 -7.99
N ILE A 295 -16.92 -22.09 -7.01
CA ILE A 295 -15.99 -21.66 -5.96
C ILE A 295 -16.73 -21.77 -4.64
N HIS A 296 -16.19 -22.54 -3.68
CA HIS A 296 -16.91 -22.71 -2.43
C HIS A 296 -16.97 -21.38 -1.70
N PHE A 297 -18.05 -21.15 -0.96
CA PHE A 297 -18.13 -19.89 -0.23
C PHE A 297 -16.95 -19.68 0.73
N ARG A 298 -16.34 -20.75 1.24
CA ARG A 298 -15.25 -20.48 2.19
C ARG A 298 -14.09 -19.74 1.52
N VAL A 299 -13.89 -19.93 0.21
CA VAL A 299 -12.86 -19.16 -0.48
C VAL A 299 -13.28 -17.71 -0.63
N LEU A 300 -14.55 -17.48 -1.02
CA LEU A 300 -15.08 -16.12 -1.08
C LEU A 300 -14.94 -15.41 0.26
N ALA A 301 -15.21 -16.13 1.36
CA ALA A 301 -15.09 -15.57 2.70
C ALA A 301 -13.64 -15.15 3.00
N LYS A 302 -12.67 -15.96 2.59
CA LYS A 302 -11.28 -15.56 2.76
C LYS A 302 -10.97 -14.29 1.98
N TRP A 303 -11.39 -14.23 0.72
CA TRP A 303 -11.11 -13.04 -0.08
C TRP A 303 -11.79 -11.82 0.50
N LEU A 304 -13.01 -12.02 1.01
CA LEU A 304 -13.75 -10.93 1.65
C LEU A 304 -12.97 -10.38 2.86
N ARG A 305 -12.45 -11.27 3.72
CA ARG A 305 -11.71 -10.78 4.88
C ARG A 305 -10.44 -10.04 4.48
N MET A 306 -9.85 -10.44 3.34
CA MET A 306 -8.59 -9.85 2.91
C MET A 306 -8.79 -8.43 2.40
N VAL A 307 -9.77 -8.22 1.54
CA VAL A 307 -9.98 -6.87 0.95
C VAL A 307 -10.33 -5.96 2.11
N GLY A 308 -11.26 -6.46 2.92
CA GLY A 308 -11.70 -5.71 4.08
C GLY A 308 -13.18 -5.45 4.11
N GLY A 309 -13.95 -6.41 4.61
CA GLY A 309 -15.35 -6.12 4.91
C GLY A 309 -15.53 -6.23 6.42
N ASP A 310 -16.39 -5.39 7.00
CA ASP A 310 -16.64 -5.49 8.44
C ASP A 310 -17.62 -6.59 8.78
N HIS A 311 -18.51 -6.91 7.86
CA HIS A 311 -19.42 -8.05 8.02
C HIS A 311 -19.61 -8.71 6.67
N VAL A 312 -19.93 -9.99 6.68
CA VAL A 312 -20.45 -10.63 5.46
C VAL A 312 -21.48 -11.66 5.85
N HIS A 313 -22.51 -11.79 5.00
CA HIS A 313 -23.52 -12.82 5.20
C HIS A 313 -22.87 -14.20 5.06
N THR A 314 -23.26 -15.13 5.94
CA THR A 314 -22.73 -16.49 5.94
C THR A 314 -23.81 -17.54 5.82
N GLY A 315 -25.07 -17.17 5.70
CA GLY A 315 -26.16 -18.11 5.78
C GLY A 315 -26.62 -18.36 7.21
N THR A 316 -27.75 -19.06 7.30
CA THR A 316 -28.40 -19.36 8.56
C THR A 316 -28.43 -20.84 8.88
N VAL A 317 -28.19 -21.72 7.88
CA VAL A 317 -28.43 -23.16 7.93
C VAL A 317 -29.92 -23.48 8.02
N VAL A 318 -30.63 -22.84 8.98
CA VAL A 318 -32.00 -23.24 9.27
C VAL A 318 -33.08 -22.45 8.53
N GLY A 319 -32.74 -21.38 7.83
CA GLY A 319 -33.71 -20.50 7.17
C GLY A 319 -34.01 -20.85 5.71
N LYS A 320 -34.36 -19.84 4.92
CA LYS A 320 -34.90 -20.15 3.61
C LYS A 320 -33.84 -20.42 2.54
N LEU A 321 -32.56 -20.10 2.80
CA LEU A 321 -31.49 -20.27 1.83
C LEU A 321 -30.58 -21.40 2.27
N GLU A 322 -29.95 -22.08 1.31
CA GLU A 322 -29.24 -23.31 1.67
C GLU A 322 -27.93 -23.00 2.41
N GLY A 323 -27.59 -23.84 3.36
CA GLY A 323 -26.28 -23.70 4.01
C GLY A 323 -26.07 -24.92 4.89
N ASP A 324 -24.86 -25.45 4.93
CA ASP A 324 -24.55 -26.64 5.73
C ASP A 324 -23.98 -26.26 7.10
N ARG A 325 -24.45 -26.91 8.17
CA ARG A 325 -24.02 -26.50 9.51
C ARG A 325 -22.50 -26.63 9.68
N ALA A 326 -21.93 -27.81 9.38
CA ALA A 326 -20.49 -28.02 9.59
C ALA A 326 -19.66 -27.04 8.75
N GLU A 327 -20.02 -26.87 7.48
CA GLU A 327 -19.28 -25.94 6.64
C GLU A 327 -19.38 -24.52 7.20
N THR A 328 -20.55 -24.18 7.73
CA THR A 328 -20.76 -22.82 8.23
C THR A 328 -19.94 -22.57 9.50
N LEU A 329 -19.83 -23.58 10.38
CA LEU A 329 -18.96 -23.46 11.54
C LEU A 329 -17.54 -23.18 11.11
N GLY A 330 -17.08 -23.82 10.03
CA GLY A 330 -15.73 -23.56 9.57
C GLY A 330 -15.57 -22.15 9.00
N ILE A 331 -16.57 -21.69 8.26
CA ILE A 331 -16.54 -20.36 7.67
C ILE A 331 -16.56 -19.30 8.75
N ALA A 332 -17.36 -19.50 9.81
CA ALA A 332 -17.35 -18.53 10.90
C ALA A 332 -15.95 -18.43 11.52
N ASP A 333 -15.27 -19.58 11.69
CA ASP A 333 -13.91 -19.55 12.23
C ASP A 333 -12.95 -18.83 11.28
N LEU A 334 -13.05 -19.12 9.98
CA LEU A 334 -12.23 -18.42 8.99
C LEU A 334 -12.42 -16.91 9.03
N LEU A 335 -13.62 -16.45 9.36
CA LEU A 335 -13.88 -15.02 9.35
C LEU A 335 -13.43 -14.36 10.65
N ARG A 336 -13.34 -15.12 11.74
CA ARG A 336 -13.16 -14.49 13.07
C ARG A 336 -11.86 -14.81 13.78
N GLU A 337 -11.25 -15.97 13.54
CA GLU A 337 -10.13 -16.41 14.37
C GLU A 337 -8.79 -15.97 13.77
N ASP A 338 -7.75 -16.03 14.60
CA ASP A 338 -6.42 -15.70 14.13
C ASP A 338 -5.78 -16.86 13.39
N TYR A 339 -6.18 -18.06 13.73
CA TYR A 339 -5.61 -19.27 13.16
C TYR A 339 -6.70 -20.33 13.12
N VAL A 340 -6.86 -20.99 11.99
CA VAL A 340 -7.88 -22.02 11.82
C VAL A 340 -7.23 -23.29 11.31
N PRO A 341 -7.15 -24.34 12.12
CA PRO A 341 -6.58 -25.61 11.65
C PRO A 341 -7.44 -26.30 10.61
N ALA A 342 -6.78 -27.07 9.74
CA ALA A 342 -7.51 -27.94 8.82
C ALA A 342 -8.45 -28.86 9.60
N ASP A 343 -9.56 -29.20 8.95
CA ASP A 343 -10.61 -30.03 9.53
C ASP A 343 -11.46 -30.64 8.42
N PRO A 344 -11.19 -31.89 8.02
CA PRO A 344 -11.99 -32.51 6.96
C PRO A 344 -13.48 -32.55 7.25
N GLY A 345 -13.88 -32.66 8.52
CA GLY A 345 -15.29 -32.66 8.83
C GLY A 345 -15.99 -31.36 8.51
N ARG A 346 -15.25 -30.25 8.38
CA ARG A 346 -15.84 -28.97 8.01
C ARG A 346 -15.41 -28.53 6.63
N GLY A 347 -14.79 -29.43 5.86
CA GLY A 347 -14.28 -29.08 4.55
C GLY A 347 -13.17 -28.06 4.56
N LEU A 348 -12.45 -27.89 5.68
CA LEU A 348 -11.27 -27.04 5.72
C LEU A 348 -10.07 -27.89 5.29
N PHE A 349 -9.62 -27.69 4.03
CA PHE A 349 -8.55 -28.50 3.48
C PHE A 349 -7.16 -28.10 3.95
N PHE A 350 -6.99 -26.85 4.38
CA PHE A 350 -5.69 -26.31 4.75
C PHE A 350 -5.77 -25.65 6.11
N ASP A 351 -4.65 -25.60 6.81
CA ASP A 351 -4.55 -24.68 7.95
C ASP A 351 -4.50 -23.25 7.42
N GLN A 352 -5.20 -22.34 8.10
CA GLN A 352 -5.17 -20.94 7.67
C GLN A 352 -4.74 -20.05 8.83
N ASP A 353 -3.55 -19.45 8.70
CA ASP A 353 -3.10 -18.38 9.60
C ASP A 353 -3.58 -17.05 9.03
N TRP A 354 -4.08 -16.14 9.88
CA TRP A 354 -4.63 -14.88 9.36
C TRP A 354 -3.67 -13.69 9.47
N ALA A 355 -2.42 -13.91 9.91
CA ALA A 355 -1.38 -12.86 9.84
C ALA A 355 -1.81 -11.58 10.55
N GLY A 356 -2.63 -11.69 11.58
CA GLY A 356 -3.06 -10.51 12.32
C GLY A 356 -4.10 -9.64 11.65
N LEU A 357 -4.67 -10.05 10.53
CA LEU A 357 -5.73 -9.27 9.91
C LEU A 357 -6.95 -9.27 10.83
N LYS A 358 -7.68 -8.16 10.85
CA LYS A 358 -8.83 -8.00 11.73
C LYS A 358 -9.94 -9.01 11.34
N PRO A 359 -10.79 -9.39 12.29
CA PRO A 359 -11.90 -10.30 12.00
C PRO A 359 -13.16 -9.60 11.51
N VAL A 360 -14.03 -10.43 10.85
CA VAL A 360 -15.26 -10.02 10.17
C VAL A 360 -16.45 -10.62 10.92
N PHE A 361 -17.50 -9.83 11.14
CA PHE A 361 -18.76 -10.38 11.68
C PHE A 361 -19.45 -11.30 10.67
N PRO A 362 -19.71 -12.57 10.99
CA PRO A 362 -20.72 -13.32 10.22
C PRO A 362 -22.09 -12.69 10.38
N VAL A 363 -22.90 -12.78 9.33
CA VAL A 363 -24.25 -12.24 9.35
C VAL A 363 -25.21 -13.34 8.91
N ALA A 364 -26.14 -13.70 9.79
CA ALA A 364 -27.12 -14.75 9.53
C ALA A 364 -28.45 -14.10 9.17
N SER A 365 -28.97 -14.36 7.97
CA SER A 365 -30.14 -13.66 7.45
C SER A 365 -30.88 -14.55 6.48
N GLY A 366 -32.22 -14.48 6.49
CA GLY A 366 -32.97 -15.08 5.39
C GLY A 366 -33.97 -16.12 5.86
N GLY A 367 -35.23 -15.73 5.97
CA GLY A 367 -36.27 -16.66 6.36
C GLY A 367 -36.22 -17.10 7.81
N ILE A 368 -35.58 -16.31 8.70
CA ILE A 368 -35.50 -16.73 10.09
C ILE A 368 -36.48 -15.96 10.95
N HIS A 369 -36.86 -16.57 12.08
CA HIS A 369 -37.80 -15.97 13.01
C HIS A 369 -37.46 -16.46 14.41
N VAL A 370 -38.26 -16.04 15.40
CA VAL A 370 -37.87 -16.22 16.79
C VAL A 370 -37.53 -17.67 17.11
N TRP A 371 -38.20 -18.63 16.46
CA TRP A 371 -37.94 -20.02 16.82
C TRP A 371 -36.54 -20.49 16.41
N HIS A 372 -35.90 -19.81 15.48
CA HIS A 372 -34.54 -20.17 15.08
C HIS A 372 -33.47 -19.63 16.01
N VAL A 373 -33.81 -18.74 16.95
CA VAL A 373 -32.77 -18.04 17.72
C VAL A 373 -31.91 -19.01 18.52
N PRO A 374 -32.46 -20.01 19.22
CA PRO A 374 -31.59 -20.97 19.91
C PRO A 374 -30.57 -21.61 18.97
N ASP A 375 -31.00 -22.10 17.80
CA ASP A 375 -30.05 -22.63 16.82
C ASP A 375 -29.03 -21.59 16.40
N LEU A 376 -29.47 -20.35 16.13
CA LEU A 376 -28.51 -19.37 15.63
C LEU A 376 -27.47 -19.03 16.69
N VAL A 377 -27.90 -18.89 17.95
CA VAL A 377 -26.92 -18.59 18.99
C VAL A 377 -25.96 -19.75 19.14
N SER A 378 -26.48 -20.98 19.04
CA SER A 378 -25.64 -22.18 19.19
C SER A 378 -24.59 -22.26 18.07
N ILE A 379 -24.99 -21.96 16.84
CA ILE A 379 -24.07 -22.03 15.70
C ILE A 379 -23.02 -20.94 15.80
N PHE A 380 -23.44 -19.69 16.03
CA PHE A 380 -22.57 -18.55 15.86
C PHE A 380 -21.98 -17.98 17.14
N GLY A 381 -22.61 -18.19 18.30
CA GLY A 381 -22.09 -17.48 19.45
C GLY A 381 -22.43 -16.00 19.36
N ASP A 382 -21.71 -15.20 20.17
CA ASP A 382 -22.05 -13.79 20.30
C ASP A 382 -21.64 -12.95 19.09
N ASP A 383 -20.53 -13.29 18.45
CA ASP A 383 -19.95 -12.37 17.45
C ASP A 383 -20.60 -12.64 16.10
N ALA A 384 -21.83 -12.17 15.99
CA ALA A 384 -22.60 -12.33 14.74
C ALA A 384 -23.72 -11.29 14.75
N PHE A 385 -24.22 -10.95 13.55
CA PHE A 385 -25.50 -10.25 13.40
C PHE A 385 -26.54 -11.28 12.99
N PHE A 386 -27.74 -11.21 13.60
CA PHE A 386 -28.90 -11.98 13.16
C PHE A 386 -29.87 -10.97 12.58
N LEU A 387 -30.28 -11.15 11.31
CA LEU A 387 -31.17 -10.22 10.62
C LEU A 387 -32.55 -10.82 10.45
N PHE A 388 -33.57 -10.03 10.79
CA PHE A 388 -34.98 -10.45 10.70
C PHE A 388 -35.71 -9.41 9.84
N GLY A 389 -35.95 -9.73 8.58
CA GLY A 389 -36.69 -8.82 7.73
C GLY A 389 -38.18 -9.13 7.80
N GLY A 390 -38.60 -10.11 7.01
CA GLY A 390 -39.94 -10.64 7.17
C GLY A 390 -40.24 -10.99 8.63
N GLY A 391 -39.24 -11.50 9.36
CA GLY A 391 -39.43 -11.89 10.75
C GLY A 391 -39.56 -10.71 11.71
N THR A 392 -39.38 -9.49 11.22
CA THR A 392 -39.71 -8.29 11.99
C THR A 392 -41.01 -7.67 11.48
N HIS A 393 -41.03 -7.28 10.20
CA HIS A 393 -42.18 -6.53 9.72
C HIS A 393 -43.40 -7.40 9.57
N GLY A 394 -43.25 -8.73 9.57
CA GLY A 394 -44.36 -9.65 9.47
C GLY A 394 -45.01 -9.97 10.79
N HIS A 395 -44.55 -9.33 11.86
CA HIS A 395 -45.21 -9.46 13.15
C HIS A 395 -46.66 -8.97 13.02
N PRO A 396 -47.61 -9.60 13.71
CA PRO A 396 -49.01 -9.17 13.53
C PRO A 396 -49.23 -7.72 13.88
N ARG A 397 -48.41 -7.14 14.75
CA ARG A 397 -48.56 -5.75 15.17
C ARG A 397 -47.52 -4.84 14.53
N GLY A 398 -46.80 -5.33 13.54
CA GLY A 398 -45.86 -4.51 12.79
C GLY A 398 -44.44 -4.53 13.32
N SER A 399 -43.64 -3.58 12.81
CA SER A 399 -42.19 -3.67 12.91
C SER A 399 -41.63 -3.32 14.29
N ARG A 400 -42.25 -2.41 15.06
CA ARG A 400 -41.71 -2.16 16.38
C ARG A 400 -41.90 -3.39 17.27
N ALA A 401 -43.12 -3.93 17.30
CA ALA A 401 -43.38 -5.14 18.07
C ALA A 401 -42.51 -6.30 17.61
N GLY A 402 -42.35 -6.46 16.30
CA GLY A 402 -41.52 -7.54 15.77
C GLY A 402 -40.08 -7.39 16.19
N ALA A 403 -39.57 -6.16 16.20
CA ALA A 403 -38.19 -5.94 16.62
C ALA A 403 -38.01 -6.29 18.08
N THR A 404 -38.99 -5.93 18.92
CA THR A 404 -38.87 -6.22 20.33
C THR A 404 -38.87 -7.72 20.55
N ALA A 405 -39.74 -8.44 19.82
CA ALA A 405 -39.78 -9.89 19.97
C ALA A 405 -38.41 -10.48 19.66
N ASN A 406 -37.78 -10.02 18.58
CA ASN A 406 -36.52 -10.61 18.18
C ASN A 406 -35.40 -10.24 19.14
N ARG A 407 -35.38 -9.01 19.63
CA ARG A 407 -34.33 -8.60 20.58
C ARG A 407 -34.45 -9.41 21.87
N VAL A 408 -35.68 -9.57 22.38
CA VAL A 408 -35.92 -10.30 23.62
C VAL A 408 -35.50 -11.76 23.45
N ALA A 409 -35.89 -12.36 22.32
CA ALA A 409 -35.51 -13.75 22.04
C ALA A 409 -34.01 -13.91 22.12
N VAL A 410 -33.25 -13.03 21.46
CA VAL A 410 -31.79 -13.19 21.47
C VAL A 410 -31.24 -13.05 22.88
N GLU A 411 -31.71 -12.01 23.61
CA GLU A 411 -31.18 -11.79 24.95
C GLU A 411 -31.54 -12.92 25.92
N ALA A 412 -32.77 -13.45 25.84
CA ALA A 412 -33.15 -14.55 26.73
C ALA A 412 -32.29 -15.78 26.47
N VAL A 413 -31.98 -16.07 25.20
CA VAL A 413 -31.18 -17.26 24.90
C VAL A 413 -29.74 -17.07 25.35
N VAL A 414 -29.18 -15.88 25.11
CA VAL A 414 -27.82 -15.60 25.62
C VAL A 414 -27.79 -15.75 27.13
N GLN A 415 -28.72 -15.11 27.82
CA GLN A 415 -28.74 -15.25 29.27
C GLN A 415 -28.72 -16.72 29.68
N ALA A 416 -29.60 -17.52 29.07
CA ALA A 416 -29.69 -18.93 29.45
C ALA A 416 -28.38 -19.68 29.14
N ARG A 417 -27.82 -19.43 27.97
CA ARG A 417 -26.55 -20.08 27.66
C ARG A 417 -25.50 -19.74 28.72
N ASN A 418 -25.39 -18.46 29.06
CA ASN A 418 -24.38 -18.01 30.02
C ASN A 418 -24.60 -18.62 31.39
N GLU A 419 -25.85 -18.92 31.74
CA GLU A 419 -26.11 -19.61 33.00
C GLU A 419 -25.78 -21.10 32.97
N GLY A 420 -25.43 -21.67 31.81
CA GLY A 420 -25.10 -23.06 31.71
C GLY A 420 -26.15 -23.95 31.09
N ARG A 421 -27.26 -23.39 30.60
CA ARG A 421 -28.29 -24.24 30.02
C ARG A 421 -27.92 -24.64 28.60
N ASP A 422 -28.39 -25.82 28.20
CA ASP A 422 -28.20 -26.33 26.84
C ASP A 422 -29.28 -25.69 26.00
N ILE A 423 -28.90 -24.67 25.24
CA ILE A 423 -29.91 -23.90 24.54
C ILE A 423 -30.50 -24.66 23.35
N LEU A 424 -29.87 -25.74 22.89
CA LEU A 424 -30.54 -26.55 21.88
C LEU A 424 -31.59 -27.45 22.53
N ALA A 425 -31.19 -28.15 23.61
CA ALA A 425 -32.14 -29.01 24.30
C ALA A 425 -33.31 -28.22 24.87
N GLU A 426 -33.06 -27.00 25.36
CA GLU A 426 -34.09 -26.21 26.02
C GLU A 426 -34.58 -25.02 25.20
N GLY A 427 -34.26 -24.97 23.90
CA GLY A 427 -34.57 -23.77 23.12
C GLY A 427 -36.02 -23.33 23.23
N ARG A 428 -36.97 -24.25 22.96
CA ARG A 428 -38.37 -23.88 23.02
C ARG A 428 -38.75 -23.38 24.40
N GLU A 429 -38.26 -24.06 25.45
CA GLU A 429 -38.59 -23.69 26.82
C GLU A 429 -38.07 -22.30 27.19
N ILE A 430 -36.82 -21.98 26.81
CA ILE A 430 -36.27 -20.64 27.05
C ILE A 430 -37.13 -19.56 26.39
N LEU A 431 -37.52 -19.80 25.12
CA LEU A 431 -38.38 -18.83 24.46
C LEU A 431 -39.73 -18.72 25.17
N GLU A 432 -40.29 -19.84 25.60
CA GLU A 432 -41.59 -19.77 26.29
C GLU A 432 -41.47 -19.01 27.60
N GLU A 433 -40.36 -19.20 28.32
CA GLU A 433 -40.14 -18.43 29.55
C GLU A 433 -40.09 -16.94 29.25
N ALA A 434 -39.30 -16.56 28.25
CA ALA A 434 -39.20 -15.14 27.90
C ALA A 434 -40.54 -14.59 27.45
N ALA A 435 -41.36 -15.40 26.77
CA ALA A 435 -42.62 -14.88 26.26
C ALA A 435 -43.60 -14.57 27.38
N ARG A 436 -43.38 -15.13 28.57
CA ARG A 436 -44.26 -14.81 29.69
C ARG A 436 -44.19 -13.34 30.06
N SER A 437 -43.07 -12.68 29.83
CA SER A 437 -42.88 -11.27 30.11
C SER A 437 -42.90 -10.42 28.87
N CYS A 438 -43.20 -10.99 27.71
CA CYS A 438 -43.05 -10.25 26.46
C CYS A 438 -44.12 -10.69 25.48
N PRO A 439 -45.27 -10.05 25.50
CA PRO A 439 -46.37 -10.43 24.59
C PRO A 439 -46.00 -10.34 23.12
N GLU A 440 -45.12 -9.41 22.74
CA GLU A 440 -44.68 -9.37 21.34
C GLU A 440 -44.05 -10.70 20.93
N LEU A 441 -43.25 -11.28 21.83
CA LEU A 441 -42.59 -12.55 21.56
C LEU A 441 -43.61 -13.68 21.49
N ARG A 442 -44.56 -13.69 22.42
CA ARG A 442 -45.63 -14.68 22.37
C ARG A 442 -46.35 -14.66 21.03
N GLU A 443 -46.69 -13.45 20.52
CA GLU A 443 -47.44 -13.36 19.27
C GLU A 443 -46.58 -13.82 18.09
N ALA A 444 -45.28 -13.52 18.12
CA ALA A 444 -44.40 -13.98 17.06
C ALA A 444 -44.27 -15.50 17.09
N MET A 445 -44.12 -16.07 18.29
CA MET A 445 -44.04 -17.52 18.38
C MET A 445 -45.30 -18.19 17.83
N GLU A 446 -46.47 -17.62 18.14
CA GLU A 446 -47.72 -18.22 17.66
C GLU A 446 -47.85 -18.11 16.16
N LEU A 447 -47.38 -17.01 15.58
CA LEU A 447 -47.60 -16.81 14.14
C LEU A 447 -46.75 -17.79 13.33
N TRP A 448 -45.50 -18.00 13.73
CA TRP A 448 -44.57 -18.73 12.89
C TRP A 448 -44.21 -20.11 13.45
N GLY A 449 -44.92 -20.59 14.46
CA GLY A 449 -44.57 -21.88 15.04
C GLY A 449 -44.64 -23.05 14.08
N ASP A 450 -45.40 -22.93 12.99
CA ASP A 450 -45.50 -24.03 12.02
C ASP A 450 -44.57 -23.86 10.82
N VAL A 451 -43.73 -22.83 10.80
CA VAL A 451 -42.98 -22.45 9.61
C VAL A 451 -41.56 -22.98 9.81
N LYS A 452 -41.24 -24.06 9.11
CA LYS A 452 -39.92 -24.68 9.21
C LYS A 452 -39.35 -24.86 7.82
N PHE A 453 -38.04 -24.85 7.73
CA PHE A 453 -37.35 -25.16 6.49
C PHE A 453 -36.59 -26.46 6.69
N GLU A 454 -36.41 -27.21 5.62
CA GLU A 454 -35.73 -28.50 5.74
C GLU A 454 -34.30 -28.24 6.19
N GLN B 5 -54.48 -4.98 11.73
CA GLN B 5 -54.77 -4.15 10.57
C GLN B 5 -54.46 -4.84 9.25
N TYR B 6 -53.85 -6.02 9.24
CA TYR B 6 -53.51 -6.70 7.99
C TYR B 6 -53.41 -8.20 8.26
N GLU B 7 -53.39 -8.99 7.18
CA GLU B 7 -53.39 -10.45 7.35
C GLU B 7 -51.95 -10.90 7.43
N ALA B 8 -51.45 -11.08 8.64
CA ALA B 8 -50.08 -11.54 8.80
C ALA B 8 -49.99 -13.04 8.57
N GLY B 9 -48.79 -13.51 8.30
CA GLY B 9 -48.54 -14.93 8.12
C GLY B 9 -47.96 -15.26 6.75
N VAL B 10 -47.52 -16.52 6.63
CA VAL B 10 -46.86 -17.03 5.43
C VAL B 10 -47.89 -17.51 4.43
N ARG B 11 -47.75 -17.04 3.20
CA ARG B 11 -48.55 -17.45 2.07
C ARG B 11 -47.62 -18.07 1.02
N PRO B 12 -48.08 -19.05 0.25
CA PRO B 12 -47.28 -19.48 -0.91
C PRO B 12 -46.92 -18.29 -1.79
N TYR B 13 -45.70 -18.33 -2.31
CA TYR B 13 -45.28 -17.28 -3.23
C TYR B 13 -46.19 -17.20 -4.44
N ARG B 14 -46.72 -18.35 -4.89
CA ARG B 14 -47.51 -18.31 -6.13
C ARG B 14 -48.76 -17.45 -5.99
N GLU B 15 -49.24 -17.20 -4.78
CA GLU B 15 -50.47 -16.42 -4.65
C GLU B 15 -50.31 -15.02 -5.21
N THR B 16 -49.13 -14.42 -5.02
CA THR B 16 -48.86 -13.05 -5.47
C THR B 16 -47.98 -12.99 -6.72
N TYR B 17 -47.09 -13.95 -6.89
CA TYR B 17 -45.99 -13.79 -7.85
C TYR B 17 -46.07 -14.72 -9.05
N TYR B 18 -47.10 -15.55 -9.16
CA TYR B 18 -47.35 -16.38 -10.35
C TYR B 18 -48.62 -15.86 -10.97
N ASP B 19 -48.54 -15.38 -12.22
CA ASP B 19 -49.69 -14.80 -12.90
C ASP B 19 -49.61 -15.14 -14.38
N PRO B 20 -50.09 -16.32 -14.76
CA PRO B 20 -50.02 -16.70 -16.18
C PRO B 20 -50.97 -15.92 -17.06
N ASP B 21 -51.79 -15.03 -16.50
CA ASP B 21 -52.60 -14.09 -17.28
C ASP B 21 -51.86 -12.82 -17.67
N TYR B 22 -50.68 -12.59 -17.08
CA TYR B 22 -50.00 -11.32 -17.28
C TYR B 22 -49.43 -11.25 -18.69
N GLU B 23 -49.61 -10.09 -19.34
CA GLU B 23 -49.08 -9.91 -20.68
C GLU B 23 -47.86 -8.98 -20.61
N PRO B 24 -46.67 -9.44 -20.97
CA PRO B 24 -45.48 -8.58 -20.82
C PRO B 24 -45.65 -7.29 -21.60
N LYS B 25 -45.22 -6.19 -21.00
CA LYS B 25 -45.10 -4.89 -21.66
C LYS B 25 -43.76 -4.75 -22.39
N ASP B 26 -43.75 -3.90 -23.42
CA ASP B 26 -42.51 -3.60 -24.14
C ASP B 26 -41.43 -3.00 -23.25
N THR B 27 -41.80 -2.39 -22.14
CA THR B 27 -40.85 -1.84 -21.17
C THR B 27 -40.44 -2.83 -20.07
N ASP B 28 -41.04 -4.00 -19.97
CA ASP B 28 -40.62 -4.96 -18.94
C ASP B 28 -39.29 -5.60 -19.33
N LEU B 29 -38.47 -5.86 -18.33
CA LEU B 29 -37.31 -6.73 -18.51
C LEU B 29 -37.77 -8.18 -18.28
N LEU B 30 -37.49 -9.08 -19.23
CA LEU B 30 -37.98 -10.46 -19.14
C LEU B 30 -36.81 -11.39 -18.87
N CYS B 31 -37.01 -12.39 -18.02
CA CYS B 31 -35.99 -13.40 -17.82
C CYS B 31 -36.51 -14.79 -18.15
N ALA B 32 -35.63 -15.64 -18.71
CA ALA B 32 -35.94 -17.06 -18.91
C ALA B 32 -35.04 -17.88 -17.97
N PHE B 33 -35.63 -18.51 -16.96
CA PHE B 33 -34.89 -19.25 -15.94
C PHE B 33 -35.21 -20.74 -16.08
N ARG B 34 -34.18 -21.58 -16.18
CA ARG B 34 -34.39 -23.02 -16.19
C ARG B 34 -34.33 -23.47 -14.73
N ILE B 35 -35.43 -24.01 -14.21
CA ILE B 35 -35.60 -24.24 -12.78
C ILE B 35 -35.64 -25.73 -12.53
N THR B 36 -34.82 -26.20 -11.60
CA THR B 36 -35.01 -27.52 -11.01
C THR B 36 -35.57 -27.35 -9.60
N PRO B 37 -36.86 -27.54 -9.35
CA PRO B 37 -37.37 -27.37 -7.99
C PRO B 37 -36.85 -28.45 -7.05
N LYS B 38 -36.80 -28.10 -5.78
CA LYS B 38 -36.66 -29.13 -4.76
C LYS B 38 -37.76 -30.16 -4.95
N PRO B 39 -37.46 -31.46 -4.93
CA PRO B 39 -38.52 -32.46 -5.06
C PRO B 39 -39.64 -32.20 -4.08
N GLY B 40 -40.87 -32.26 -4.58
CA GLY B 40 -42.04 -31.94 -3.81
C GLY B 40 -42.51 -30.50 -3.91
N VAL B 41 -41.67 -29.58 -4.40
CA VAL B 41 -42.06 -28.20 -4.59
C VAL B 41 -42.56 -28.04 -6.02
N PRO B 42 -43.81 -27.65 -6.24
CA PRO B 42 -44.32 -27.51 -7.62
C PRO B 42 -43.55 -26.41 -8.36
N MET B 43 -43.39 -26.61 -9.68
CA MET B 43 -42.76 -25.64 -10.56
C MET B 43 -43.35 -24.24 -10.36
N GLU B 44 -44.68 -24.15 -10.23
CA GLU B 44 -45.33 -22.85 -10.07
C GLU B 44 -44.84 -22.14 -8.80
N GLU B 45 -44.67 -22.88 -7.72
CA GLU B 45 -44.21 -22.29 -6.47
C GLU B 45 -42.74 -21.91 -6.55
N ALA B 46 -41.91 -22.79 -7.14
CA ALA B 46 -40.49 -22.50 -7.31
C ALA B 46 -40.30 -21.25 -8.17
N ALA B 47 -41.02 -21.18 -9.30
CA ALA B 47 -40.92 -20.00 -10.16
C ALA B 47 -41.42 -18.75 -9.45
N ALA B 48 -42.51 -18.86 -8.68
CA ALA B 48 -42.98 -17.67 -7.96
C ALA B 48 -41.98 -17.23 -6.89
N ALA B 49 -41.29 -18.17 -6.23
CA ALA B 49 -40.25 -17.81 -5.28
C ALA B 49 -39.17 -16.98 -5.94
N VAL B 50 -38.71 -17.42 -7.12
CA VAL B 50 -37.70 -16.69 -7.84
C VAL B 50 -38.21 -15.30 -8.18
N ALA B 51 -39.46 -15.21 -8.65
CA ALA B 51 -40.03 -13.92 -9.00
C ALA B 51 -40.13 -13.01 -7.78
N ALA B 52 -40.61 -13.55 -6.66
CA ALA B 52 -40.81 -12.75 -5.47
C ALA B 52 -39.50 -12.22 -4.95
N GLU B 53 -38.53 -13.12 -4.79
CA GLU B 53 -37.32 -12.80 -4.05
C GLU B 53 -36.27 -12.13 -4.91
N SER B 54 -36.57 -11.84 -6.19
CA SER B 54 -35.74 -11.00 -7.02
C SER B 54 -36.42 -9.66 -7.31
N SER B 55 -37.52 -9.34 -6.61
CA SER B 55 -38.21 -8.08 -6.89
C SER B 55 -38.68 -7.38 -5.62
N THR B 56 -39.84 -7.78 -5.09
CA THR B 56 -40.47 -7.08 -3.97
C THR B 56 -40.77 -7.96 -2.75
N GLY B 57 -40.76 -9.29 -2.89
CA GLY B 57 -41.36 -10.14 -1.88
C GLY B 57 -40.35 -10.68 -0.87
N THR B 58 -40.89 -11.30 0.18
CA THR B 58 -40.05 -12.14 1.07
C THR B 58 -40.93 -13.29 1.54
N TRP B 59 -40.53 -13.96 2.63
CA TRP B 59 -41.04 -15.28 2.98
C TRP B 59 -42.31 -15.25 3.81
N THR B 60 -42.76 -14.06 4.23
CA THR B 60 -43.95 -13.92 5.05
C THR B 60 -44.53 -12.57 4.70
N GLU B 61 -45.85 -12.41 4.88
CA GLU B 61 -46.50 -11.16 4.52
C GLU B 61 -46.05 -10.05 5.47
N VAL B 62 -45.85 -8.82 4.96
CA VAL B 62 -45.46 -7.73 5.86
C VAL B 62 -46.43 -6.57 5.76
N TRP B 63 -46.65 -5.90 6.89
CA TRP B 63 -47.63 -4.81 6.93
C TRP B 63 -47.30 -3.72 5.90
N SER B 64 -46.02 -3.49 5.62
CA SER B 64 -45.62 -2.39 4.76
C SER B 64 -45.85 -2.65 3.27
N ASN B 65 -46.18 -3.89 2.87
CA ASN B 65 -46.58 -4.15 1.48
C ASN B 65 -47.73 -3.24 1.07
N LEU B 66 -48.63 -2.93 2.01
CA LEU B 66 -49.81 -2.14 1.73
C LEU B 66 -49.52 -0.65 1.61
N LEU B 67 -48.27 -0.23 1.88
CA LEU B 67 -47.88 1.16 1.66
C LEU B 67 -47.39 1.38 0.24
N THR B 68 -47.38 0.37 -0.61
CA THR B 68 -46.96 0.62 -1.99
C THR B 68 -47.90 -0.09 -2.95
N ASP B 69 -47.53 -0.08 -4.22
CA ASP B 69 -48.37 -0.55 -5.31
C ASP B 69 -47.70 -1.81 -5.87
N LEU B 70 -47.87 -2.93 -5.16
CA LEU B 70 -47.23 -4.15 -5.62
C LEU B 70 -47.75 -4.61 -6.98
N GLU B 71 -49.00 -4.26 -7.34
CA GLU B 71 -49.48 -4.64 -8.67
C GLU B 71 -48.63 -3.99 -9.74
N ARG B 72 -48.19 -2.75 -9.46
CA ARG B 72 -47.32 -2.05 -10.40
C ARG B 72 -45.89 -2.58 -10.37
N TYR B 73 -45.34 -2.87 -9.17
CA TYR B 73 -43.90 -3.07 -9.03
C TYR B 73 -43.45 -4.53 -9.03
N LYS B 74 -44.31 -5.46 -8.66
CA LYS B 74 -43.85 -6.83 -8.46
C LYS B 74 -43.39 -7.43 -9.78
N ALA B 75 -42.36 -8.30 -9.70
CA ALA B 75 -42.13 -9.22 -10.81
C ALA B 75 -43.18 -10.32 -10.79
N ARG B 76 -43.43 -10.92 -11.96
CA ARG B 76 -44.47 -11.95 -12.09
C ARG B 76 -43.94 -13.05 -13.00
N CYS B 77 -43.97 -14.30 -12.54
CA CYS B 77 -43.80 -15.41 -13.47
C CYS B 77 -45.08 -15.47 -14.31
N TYR B 78 -44.96 -15.26 -15.62
CA TYR B 78 -46.13 -15.19 -16.47
C TYR B 78 -46.26 -16.38 -17.39
N ARG B 79 -45.26 -17.27 -17.42
CA ARG B 79 -45.37 -18.45 -18.27
C ARG B 79 -44.39 -19.50 -17.75
N ILE B 80 -44.83 -20.75 -17.66
CA ILE B 80 -43.92 -21.84 -17.37
C ILE B 80 -44.04 -22.83 -18.52
N GLU B 81 -42.93 -23.15 -19.16
CA GLU B 81 -42.93 -24.04 -20.31
C GLU B 81 -41.82 -25.05 -20.11
N GLY B 82 -42.19 -26.31 -19.95
CA GLY B 82 -41.18 -27.31 -19.60
C GLY B 82 -40.52 -26.91 -18.30
N ASP B 83 -39.19 -26.87 -18.31
CA ASP B 83 -38.49 -26.47 -17.09
C ASP B 83 -38.10 -25.00 -17.09
N VAL B 84 -38.65 -24.19 -17.99
CA VAL B 84 -38.28 -22.79 -18.08
C VAL B 84 -39.42 -21.94 -17.56
N ALA B 85 -39.09 -21.06 -16.62
CA ALA B 85 -40.01 -20.06 -16.11
C ALA B 85 -39.67 -18.71 -16.73
N TYR B 86 -40.69 -18.05 -17.27
CA TYR B 86 -40.56 -16.71 -17.85
C TYR B 86 -41.07 -15.72 -16.82
N ILE B 87 -40.24 -14.74 -16.48
CA ILE B 87 -40.57 -13.79 -15.41
C ILE B 87 -40.41 -12.38 -15.97
N ALA B 88 -41.41 -11.51 -15.71
CA ALA B 88 -41.42 -10.14 -16.20
C ALA B 88 -41.16 -9.20 -15.05
N TYR B 89 -40.25 -8.24 -15.24
CA TYR B 89 -39.85 -7.27 -14.22
C TYR B 89 -40.19 -5.87 -14.71
N PRO B 90 -41.04 -5.11 -14.03
CA PRO B 90 -41.36 -3.77 -14.52
C PRO B 90 -40.14 -2.86 -14.60
N LEU B 91 -40.17 -1.95 -15.58
CA LEU B 91 -39.06 -1.05 -15.82
C LEU B 91 -38.66 -0.27 -14.58
N ASP B 92 -39.65 0.14 -13.77
CA ASP B 92 -39.36 0.95 -12.58
C ASP B 92 -38.52 0.22 -11.54
N LEU B 93 -38.35 -1.09 -11.64
CA LEU B 93 -37.55 -1.77 -10.64
C LEU B 93 -36.05 -1.54 -10.80
N PHE B 94 -35.60 -0.99 -11.93
CA PHE B 94 -34.19 -0.98 -12.26
C PHE B 94 -33.57 0.41 -12.18
N GLU B 95 -32.30 0.46 -11.72
CA GLU B 95 -31.58 1.73 -11.74
C GLU B 95 -31.03 1.97 -13.14
N GLU B 96 -31.31 3.17 -13.68
CA GLU B 96 -30.78 3.55 -14.99
C GLU B 96 -29.27 3.40 -15.09
N GLY B 97 -28.84 2.78 -16.19
CA GLY B 97 -27.42 2.66 -16.50
C GLY B 97 -26.60 1.74 -15.63
N SER B 98 -27.22 0.90 -14.81
CA SER B 98 -26.49 0.13 -13.80
C SER B 98 -26.65 -1.36 -14.05
N ILE B 99 -25.64 -1.99 -14.67
CA ILE B 99 -25.65 -3.44 -14.74
C ILE B 99 -25.62 -4.03 -13.34
N VAL B 100 -24.90 -3.37 -12.44
CA VAL B 100 -24.77 -3.86 -11.09
C VAL B 100 -26.14 -4.06 -10.45
N ASN B 101 -27.05 -3.11 -10.69
CA ASN B 101 -28.41 -3.22 -10.17
C ASN B 101 -29.15 -4.39 -10.80
N ILE B 102 -29.02 -4.56 -12.13
CA ILE B 102 -29.67 -5.71 -12.77
C ILE B 102 -29.24 -6.99 -12.07
N MET B 103 -27.94 -7.15 -11.89
CA MET B 103 -27.44 -8.41 -11.27
C MET B 103 -27.97 -8.55 -9.84
N SER B 104 -27.98 -7.43 -9.10
CA SER B 104 -28.34 -7.53 -7.70
C SER B 104 -29.79 -8.00 -7.53
N SER B 105 -30.67 -7.66 -8.47
CA SER B 105 -32.03 -8.22 -8.47
C SER B 105 -32.06 -9.63 -9.06
N ILE B 106 -31.71 -9.72 -10.34
CA ILE B 106 -31.97 -10.93 -11.11
C ILE B 106 -31.19 -12.13 -10.59
N VAL B 107 -29.93 -11.91 -10.18
CA VAL B 107 -29.11 -13.05 -9.76
C VAL B 107 -28.61 -12.88 -8.32
N GLY B 108 -29.24 -12.00 -7.54
CA GLY B 108 -28.73 -11.66 -6.22
C GLY B 108 -28.81 -12.81 -5.23
N ASN B 109 -30.04 -13.28 -4.94
CA ASN B 109 -30.26 -14.30 -3.92
C ASN B 109 -30.95 -15.54 -4.45
N VAL B 110 -31.63 -15.47 -5.60
CA VAL B 110 -32.56 -16.55 -5.94
C VAL B 110 -31.87 -17.87 -6.27
N PHE B 111 -30.56 -17.87 -6.55
CA PHE B 111 -29.90 -19.13 -6.86
C PHE B 111 -29.57 -19.96 -5.63
N GLY B 112 -29.76 -19.41 -4.44
CA GLY B 112 -29.45 -20.09 -3.21
C GLY B 112 -30.63 -20.58 -2.39
N PHE B 113 -31.87 -20.51 -2.92
CA PHE B 113 -33.03 -20.92 -2.12
C PHE B 113 -33.12 -22.44 -1.98
N LYS B 114 -33.45 -22.91 -0.77
CA LYS B 114 -33.68 -24.33 -0.59
C LYS B 114 -34.79 -24.85 -1.50
N ALA B 115 -35.77 -24.01 -1.83
CA ALA B 115 -36.92 -24.47 -2.63
C ALA B 115 -36.55 -24.78 -4.07
N VAL B 116 -35.40 -24.31 -4.53
CA VAL B 116 -34.99 -24.43 -5.93
C VAL B 116 -33.60 -25.05 -5.89
N GLN B 117 -33.51 -26.35 -6.24
CA GLN B 117 -32.29 -27.15 -6.16
C GLN B 117 -31.24 -26.74 -7.20
N ALA B 118 -31.66 -26.24 -8.35
CA ALA B 118 -30.74 -25.71 -9.35
C ALA B 118 -31.46 -24.63 -10.13
N LEU B 119 -30.71 -23.64 -10.61
CA LEU B 119 -31.32 -22.52 -11.33
C LEU B 119 -30.33 -22.02 -12.39
N ARG B 120 -30.81 -21.89 -13.62
CA ARG B 120 -29.95 -21.43 -14.72
C ARG B 120 -30.61 -20.26 -15.44
N LEU B 121 -29.98 -19.09 -15.40
CA LEU B 121 -30.49 -17.94 -16.15
C LEU B 121 -30.03 -18.06 -17.59
N GLU B 122 -30.96 -18.36 -18.49
CA GLU B 122 -30.63 -18.62 -19.88
C GLU B 122 -30.57 -17.34 -20.71
N ASP B 123 -31.44 -16.36 -20.44
CA ASP B 123 -31.53 -15.22 -21.35
C ASP B 123 -32.33 -14.15 -20.65
N MET B 124 -32.17 -12.92 -21.11
CA MET B 124 -33.06 -11.87 -20.65
C MET B 124 -33.29 -10.90 -21.78
N ARG B 125 -34.53 -10.42 -21.87
CA ARG B 125 -34.92 -9.43 -22.85
C ARG B 125 -34.75 -8.06 -22.20
N ILE B 126 -33.73 -7.32 -22.62
CA ILE B 126 -33.53 -5.98 -22.07
C ILE B 126 -34.41 -5.03 -22.87
N PRO B 127 -35.34 -4.32 -22.25
CA PRO B 127 -36.23 -3.45 -23.04
C PRO B 127 -35.49 -2.23 -23.59
N VAL B 128 -35.96 -1.75 -24.74
CA VAL B 128 -35.31 -0.63 -25.44
C VAL B 128 -35.22 0.61 -24.56
N ALA B 129 -36.27 0.89 -23.79
CA ALA B 129 -36.28 2.08 -22.96
C ALA B 129 -35.21 2.04 -21.88
N TYR B 130 -34.89 0.83 -21.38
CA TYR B 130 -33.81 0.68 -20.41
C TYR B 130 -32.45 0.71 -21.12
N LEU B 131 -32.35 0.10 -22.31
CA LEU B 131 -31.08 0.10 -23.04
C LEU B 131 -30.58 1.51 -23.31
N LYS B 132 -31.49 2.46 -23.57
CA LYS B 132 -31.08 3.83 -23.89
C LYS B 132 -30.44 4.53 -22.72
N THR B 133 -30.53 3.98 -21.50
CA THR B 133 -29.87 4.56 -20.35
C THR B 133 -28.43 4.09 -20.24
N PHE B 134 -27.97 3.23 -21.15
CA PHE B 134 -26.60 2.71 -21.17
C PHE B 134 -25.83 3.32 -22.35
N PRO B 135 -24.51 3.56 -22.18
CA PRO B 135 -23.76 4.21 -23.29
C PRO B 135 -23.27 3.25 -24.36
N GLY B 136 -23.12 1.97 -24.06
CA GLY B 136 -22.60 1.01 -24.99
C GLY B 136 -21.10 1.19 -25.15
N PRO B 137 -20.54 0.48 -26.14
CA PRO B 137 -19.08 0.51 -26.37
C PRO B 137 -18.52 1.92 -26.45
N PRO B 138 -17.35 2.15 -25.90
CA PRO B 138 -16.71 3.45 -26.04
C PRO B 138 -16.36 3.77 -27.48
N THR B 139 -16.06 2.75 -28.30
CA THR B 139 -15.65 2.94 -29.69
C THR B 139 -16.60 2.24 -30.66
N GLY B 140 -16.76 0.94 -30.54
CA GLY B 140 -17.63 0.15 -31.40
C GLY B 140 -16.93 -0.20 -32.72
N ILE B 141 -17.46 -1.24 -33.37
CA ILE B 141 -16.74 -1.87 -34.48
C ILE B 141 -16.39 -0.85 -35.56
N GLN B 142 -17.38 -0.06 -36.01
CA GLN B 142 -17.14 0.80 -37.17
C GLN B 142 -16.11 1.87 -36.86
N VAL B 143 -16.24 2.54 -35.71
CA VAL B 143 -15.27 3.58 -35.37
C VAL B 143 -13.89 2.96 -35.15
N GLU B 144 -13.84 1.76 -34.56
CA GLU B 144 -12.57 1.09 -34.32
C GLU B 144 -11.86 0.76 -35.64
N ARG B 145 -12.60 0.23 -36.62
CA ARG B 145 -11.99 0.01 -37.93
C ARG B 145 -11.50 1.33 -38.53
N ASP B 146 -12.24 2.42 -38.34
CA ASP B 146 -11.77 3.73 -38.82
C ASP B 146 -10.50 4.15 -38.12
N ARG B 147 -10.42 3.96 -36.79
CA ARG B 147 -9.20 4.30 -36.07
C ARG B 147 -8.01 3.42 -36.49
N LEU B 148 -8.25 2.16 -36.86
CA LEU B 148 -7.18 1.29 -37.29
C LEU B 148 -6.85 1.42 -38.76
N ASN B 149 -7.76 2.00 -39.53
CA ASN B 149 -7.70 2.03 -40.99
C ASN B 149 -7.60 0.60 -41.55
N LYS B 150 -8.48 -0.29 -41.06
CA LYS B 150 -8.44 -1.70 -41.48
C LYS B 150 -9.83 -2.15 -41.86
N TYR B 151 -9.99 -2.60 -43.11
CA TYR B 151 -11.32 -2.93 -43.60
C TYR B 151 -11.29 -4.19 -44.45
N GLY B 152 -12.25 -5.09 -44.24
CA GLY B 152 -12.44 -6.18 -45.17
C GLY B 152 -11.86 -7.53 -44.78
N ARG B 153 -11.36 -7.69 -43.55
CA ARG B 153 -10.90 -9.00 -43.09
C ARG B 153 -11.01 -9.06 -41.58
N PRO B 154 -11.09 -10.28 -41.01
CA PRO B 154 -10.85 -10.44 -39.58
C PRO B 154 -9.52 -9.81 -39.18
N LEU B 155 -9.47 -9.28 -37.95
CA LEU B 155 -8.24 -8.72 -37.41
C LEU B 155 -7.46 -9.78 -36.63
N LEU B 156 -6.13 -9.67 -36.66
CA LEU B 156 -5.23 -10.65 -36.06
C LEU B 156 -4.70 -10.15 -34.73
N GLY B 157 -4.66 -11.04 -33.73
CA GLY B 157 -4.00 -10.72 -32.48
C GLY B 157 -3.38 -11.96 -31.87
N GLY B 158 -2.97 -11.85 -30.62
CA GLY B 158 -2.31 -12.97 -29.98
C GLY B 158 -1.84 -12.59 -28.59
N THR B 159 -2.03 -13.49 -27.64
CA THR B 159 -1.55 -13.27 -26.28
C THR B 159 -0.06 -13.57 -26.23
N ILE B 160 0.72 -12.70 -25.57
CA ILE B 160 2.12 -13.00 -25.37
C ILE B 160 2.25 -14.16 -24.38
N LYS B 161 3.19 -15.06 -24.64
CA LYS B 161 3.52 -16.22 -23.82
C LYS B 161 5.02 -16.29 -23.58
N PRO B 162 5.45 -16.98 -22.50
CA PRO B 162 4.66 -17.59 -21.40
C PRO B 162 3.75 -16.56 -20.74
N LYS B 163 2.65 -17.03 -20.12
CA LYS B 163 1.66 -16.10 -19.57
C LYS B 163 2.32 -15.08 -18.65
N LEU B 164 3.22 -15.57 -17.81
CA LEU B 164 3.91 -14.82 -16.77
C LEU B 164 5.36 -15.26 -16.82
N GLY B 165 6.25 -14.39 -16.33
CA GLY B 165 7.65 -14.75 -16.16
C GLY B 165 8.64 -14.02 -17.05
N LEU B 166 8.23 -13.50 -18.20
CA LEU B 166 9.15 -12.68 -18.99
C LEU B 166 9.37 -11.32 -18.33
N SER B 167 10.62 -10.85 -18.35
CA SER B 167 10.90 -9.46 -18.02
C SER B 167 10.18 -8.51 -18.97
N ALA B 168 10.08 -7.25 -18.55
CA ALA B 168 9.41 -6.25 -19.39
C ALA B 168 10.13 -6.07 -20.75
N LYS B 169 11.46 -5.99 -20.75
CA LYS B 169 12.15 -5.77 -22.02
C LYS B 169 12.00 -6.97 -22.98
N GLU B 170 12.07 -8.21 -22.45
CA GLU B 170 11.91 -9.34 -23.36
C GLU B 170 10.45 -9.58 -23.73
N TYR B 171 9.52 -9.28 -22.82
CA TYR B 171 8.10 -9.26 -23.17
C TYR B 171 7.87 -8.37 -24.40
N ALA B 172 8.45 -7.16 -24.38
CA ALA B 172 8.29 -6.25 -25.50
C ALA B 172 9.02 -6.75 -26.76
N ARG B 173 10.13 -7.48 -26.60
CA ARG B 173 10.74 -8.10 -27.78
C ARG B 173 9.76 -9.04 -28.47
N VAL B 174 9.01 -9.84 -27.70
CA VAL B 174 8.03 -10.75 -28.32
C VAL B 174 6.93 -9.96 -29.00
N VAL B 175 6.44 -8.91 -28.34
CA VAL B 175 5.45 -8.03 -28.97
C VAL B 175 5.96 -7.50 -30.30
N TYR B 176 7.18 -6.94 -30.28
CA TYR B 176 7.77 -6.40 -31.51
C TYR B 176 7.81 -7.45 -32.61
N GLU B 177 8.27 -8.66 -32.30
CA GLU B 177 8.39 -9.67 -33.35
C GLU B 177 7.02 -10.02 -33.92
N CYS B 178 6.01 -10.14 -33.05
CA CYS B 178 4.64 -10.43 -33.50
C CYS B 178 4.09 -9.34 -34.39
N LEU B 179 4.14 -8.09 -33.91
CA LEU B 179 3.49 -7.02 -34.66
C LEU B 179 4.20 -6.80 -35.99
N ARG B 180 5.54 -6.84 -35.98
CA ARG B 180 6.26 -6.59 -37.23
C ARG B 180 6.10 -7.73 -38.23
N GLY B 181 5.68 -8.91 -37.79
CA GLY B 181 5.38 -10.05 -38.63
C GLY B 181 3.98 -10.10 -39.20
N GLY B 182 3.11 -9.14 -38.83
CA GLY B 182 1.81 -9.04 -39.46
C GLY B 182 0.60 -9.18 -38.52
N LEU B 183 0.77 -9.47 -37.24
CA LEU B 183 -0.39 -9.33 -36.34
C LEU B 183 -0.76 -7.87 -36.24
N ASP B 184 -2.08 -7.60 -36.18
CA ASP B 184 -2.54 -6.24 -35.96
C ASP B 184 -2.35 -5.81 -34.51
N THR B 185 -2.50 -6.76 -33.59
CA THR B 185 -2.46 -6.47 -32.16
C THR B 185 -1.78 -7.61 -31.44
N THR B 186 -1.39 -7.32 -30.20
CA THR B 186 -0.98 -8.36 -29.27
C THR B 186 -1.63 -8.01 -27.93
N KCX B 187 -1.61 -8.93 -26.96
CA KCX B 187 -2.21 -8.61 -25.63
CB KCX B 187 -3.74 -9.08 -25.55
CG KCX B 187 -3.83 -10.62 -25.71
CD KCX B 187 -5.33 -11.13 -25.66
CE KCX B 187 -5.97 -10.82 -24.28
NZ KCX B 187 -5.34 -11.59 -23.24
C KCX B 187 -1.45 -9.19 -24.44
O KCX B 187 -0.82 -10.30 -24.64
CX KCX B 187 -5.66 -12.93 -23.06
OQ1 KCX B 187 -6.49 -13.47 -23.78
OQ2 KCX B 187 -4.98 -13.49 -22.13
N ASP B 188 -1.53 -8.55 -23.27
CA ASP B 188 -1.17 -9.14 -22.00
C ASP B 188 -2.08 -10.31 -21.72
N ASP B 189 -1.55 -11.35 -21.09
CA ASP B 189 -2.44 -12.35 -20.52
C ASP B 189 -3.37 -11.73 -19.48
N GLU B 190 -4.53 -12.37 -19.30
CA GLU B 190 -5.50 -11.84 -18.34
C GLU B 190 -4.92 -11.76 -16.94
N ASN B 191 -4.01 -12.66 -16.58
CA ASN B 191 -3.47 -12.65 -15.24
C ASN B 191 -2.16 -11.87 -15.13
N LEU B 192 -1.68 -11.28 -16.20
CA LEU B 192 -0.51 -10.40 -16.15
C LEU B 192 -1.02 -8.99 -15.81
N ASN B 193 -0.71 -8.54 -14.59
CA ASN B 193 -1.19 -7.25 -14.13
C ASN B 193 0.06 -6.49 -13.71
N SER B 194 0.43 -6.50 -12.44
CA SER B 194 1.75 -6.01 -12.03
C SER B 194 2.33 -6.97 -11.01
N GLN B 195 3.49 -7.60 -11.30
CA GLN B 195 4.03 -8.64 -10.42
C GLN B 195 5.56 -8.51 -10.30
N PRO B 196 6.20 -9.18 -9.32
CA PRO B 196 7.66 -8.99 -9.10
C PRO B 196 8.53 -9.10 -10.35
N PHE B 197 8.20 -10.03 -11.26
CA PHE B 197 9.02 -10.28 -12.46
C PHE B 197 8.69 -9.36 -13.63
N ASN B 198 7.59 -8.60 -13.54
CA ASN B 198 7.16 -7.79 -14.66
C ASN B 198 6.14 -6.78 -14.11
N ARG B 199 6.63 -5.59 -13.76
CA ARG B 199 5.83 -4.54 -13.18
C ARG B 199 5.20 -3.69 -14.27
N TRP B 200 3.97 -3.21 -14.01
CA TRP B 200 3.16 -2.71 -15.13
C TRP B 200 3.78 -1.49 -15.79
N ARG B 201 4.39 -0.57 -15.01
CA ARG B 201 4.97 0.62 -15.63
C ARG B 201 6.11 0.25 -16.57
N ASP B 202 6.95 -0.69 -16.17
CA ASP B 202 8.02 -1.14 -17.05
C ASP B 202 7.44 -1.76 -18.30
N ARG B 203 6.45 -2.63 -18.14
CA ARG B 203 5.89 -3.28 -19.31
C ARG B 203 5.27 -2.27 -20.24
N PHE B 204 4.47 -1.34 -19.70
CA PHE B 204 3.77 -0.42 -20.59
C PHE B 204 4.77 0.41 -21.39
N LEU B 205 5.83 0.90 -20.74
CA LEU B 205 6.85 1.71 -21.42
C LEU B 205 7.49 0.93 -22.58
N TYR B 206 8.02 -0.27 -22.30
CA TYR B 206 8.74 -0.99 -23.35
C TYR B 206 7.80 -1.50 -24.43
N VAL B 207 6.61 -1.97 -24.04
CA VAL B 207 5.68 -2.47 -25.06
C VAL B 207 5.35 -1.35 -26.05
N MET B 208 5.15 -0.13 -25.56
CA MET B 208 4.77 0.90 -26.51
C MET B 208 5.93 1.29 -27.42
N GLU B 209 7.19 1.16 -26.97
CA GLU B 209 8.31 1.33 -27.88
C GLU B 209 8.25 0.30 -28.99
N ALA B 210 7.92 -0.94 -28.64
CA ALA B 210 7.85 -2.00 -29.64
C ALA B 210 6.69 -1.76 -30.60
N VAL B 211 5.55 -1.31 -30.09
CA VAL B 211 4.39 -1.02 -30.94
C VAL B 211 4.72 0.06 -31.96
N ARG B 212 5.35 1.15 -31.51
CA ARG B 212 5.66 2.24 -32.42
C ARG B 212 6.66 1.76 -33.46
N LYS B 213 7.62 0.94 -33.04
CA LYS B 213 8.64 0.50 -33.97
C LYS B 213 8.04 -0.38 -35.05
N ALA B 214 7.15 -1.30 -34.68
CA ALA B 214 6.56 -2.20 -35.66
C ALA B 214 5.64 -1.44 -36.60
N GLU B 215 4.92 -0.45 -36.07
CA GLU B 215 4.05 0.36 -36.91
C GLU B 215 4.87 1.11 -37.96
N ALA B 216 5.97 1.74 -37.53
CA ALA B 216 6.83 2.48 -38.46
C ALA B 216 7.42 1.56 -39.51
N GLU B 217 7.83 0.36 -39.09
CA GLU B 217 8.52 -0.54 -40.01
C GLU B 217 7.56 -1.22 -40.98
N THR B 218 6.35 -1.60 -40.53
CA THR B 218 5.39 -2.22 -41.44
C THR B 218 4.53 -1.26 -42.23
N GLY B 219 4.32 -0.05 -41.73
CA GLY B 219 3.38 0.87 -42.34
C GLY B 219 1.93 0.65 -41.97
N GLU B 220 1.62 -0.36 -41.15
CA GLU B 220 0.25 -0.64 -40.70
C GLU B 220 0.08 -0.24 -39.25
N ARG B 221 -1.07 0.31 -38.91
CA ARG B 221 -1.31 0.70 -37.52
C ARG B 221 -1.37 -0.54 -36.63
N LYS B 222 -0.80 -0.43 -35.44
CA LYS B 222 -0.67 -1.55 -34.50
C LYS B 222 -1.21 -1.14 -33.15
N GLY B 223 -1.49 -2.14 -32.30
CA GLY B 223 -1.85 -1.87 -30.92
C GLY B 223 -1.48 -3.05 -30.04
N HIS B 224 -1.39 -2.79 -28.73
CA HIS B 224 -1.17 -3.85 -27.74
C HIS B 224 -2.20 -3.62 -26.66
N TRP B 225 -2.86 -4.68 -26.26
CA TRP B 225 -3.92 -4.56 -25.27
C TRP B 225 -3.26 -4.61 -23.89
N LEU B 226 -2.88 -3.41 -23.44
CA LEU B 226 -2.19 -3.22 -22.15
C LEU B 226 -3.19 -3.48 -21.03
N ASN B 227 -2.92 -4.49 -20.21
CA ASN B 227 -3.87 -4.88 -19.17
C ASN B 227 -3.76 -3.91 -18.00
N VAL B 228 -4.84 -3.14 -17.75
CA VAL B 228 -4.93 -2.26 -16.59
C VAL B 228 -5.61 -2.92 -15.41
N THR B 229 -6.08 -4.17 -15.55
CA THR B 229 -6.72 -4.89 -14.44
C THR B 229 -5.87 -4.79 -13.17
N ALA B 230 -6.50 -4.37 -12.07
CA ALA B 230 -5.77 -4.16 -10.83
C ALA B 230 -6.72 -4.32 -9.63
N GLY B 231 -6.16 -4.18 -8.42
CA GLY B 231 -6.92 -4.51 -7.23
C GLY B 231 -7.98 -3.49 -6.86
N SER B 232 -7.88 -2.27 -7.37
CA SER B 232 -8.80 -1.20 -7.04
C SER B 232 -9.08 -0.39 -8.30
N THR B 233 -10.21 0.30 -8.32
CA THR B 233 -10.55 1.12 -9.49
C THR B 233 -9.50 2.20 -9.70
N GLU B 234 -9.08 2.86 -8.62
CA GLU B 234 -8.15 3.97 -8.78
C GLU B 234 -6.86 3.48 -9.40
N GLU B 235 -6.40 2.30 -9.00
CA GLU B 235 -5.19 1.76 -9.60
C GLU B 235 -5.40 1.47 -11.09
N MET B 236 -6.57 0.89 -11.45
CA MET B 236 -6.83 0.68 -12.89
C MET B 236 -6.80 1.99 -13.66
N LEU B 237 -7.36 3.07 -13.10
CA LEU B 237 -7.40 4.32 -13.87
C LEU B 237 -6.01 4.93 -13.99
N LYS B 238 -5.16 4.71 -12.97
CA LYS B 238 -3.78 5.17 -13.02
C LYS B 238 -3.03 4.47 -14.14
N ARG B 239 -3.28 3.17 -14.29
CA ARG B 239 -2.62 2.45 -15.38
C ARG B 239 -3.17 2.88 -16.73
N ALA B 240 -4.50 3.08 -16.84
CA ALA B 240 -5.06 3.60 -18.10
C ALA B 240 -4.47 4.96 -18.47
N GLU B 241 -4.28 5.81 -17.46
CA GLU B 241 -3.75 7.14 -17.75
C GLU B 241 -2.36 7.06 -18.36
N PHE B 242 -1.51 6.17 -17.83
CA PHE B 242 -0.17 6.00 -18.40
C PHE B 242 -0.21 5.46 -19.82
N ALA B 243 -1.12 4.53 -20.10
CA ALA B 243 -1.26 4.02 -21.47
C ALA B 243 -1.63 5.14 -22.42
N ALA B 244 -2.53 6.03 -22.00
CA ALA B 244 -2.89 7.19 -22.82
C ALA B 244 -1.72 8.15 -22.98
N GLU B 245 -0.97 8.39 -21.89
CA GLU B 245 0.22 9.25 -21.99
C GLU B 245 1.19 8.71 -23.02
N LEU B 246 1.31 7.38 -23.11
CA LEU B 246 2.23 6.75 -24.03
C LEU B 246 1.67 6.66 -25.45
N GLY B 247 0.44 7.10 -25.66
CA GLY B 247 -0.19 7.06 -26.97
C GLY B 247 -0.65 5.69 -27.40
N SER B 248 -0.87 4.78 -26.46
CA SER B 248 -1.53 3.52 -26.82
C SER B 248 -2.91 3.76 -27.40
N ARG B 249 -3.25 3.04 -28.47
CA ARG B 249 -4.65 3.08 -28.90
C ARG B 249 -5.56 2.23 -28.02
N TYR B 250 -5.02 1.37 -27.16
CA TYR B 250 -5.83 0.37 -26.46
C TYR B 250 -5.47 0.24 -24.99
N ILE B 251 -6.46 -0.13 -24.19
CA ILE B 251 -6.19 -0.81 -22.92
C ILE B 251 -7.06 -2.05 -22.85
N MET B 252 -6.78 -2.89 -21.85
CA MET B 252 -7.51 -4.14 -21.65
C MET B 252 -8.00 -4.22 -20.21
N VAL B 253 -9.19 -4.77 -19.99
CA VAL B 253 -9.66 -5.01 -18.63
C VAL B 253 -10.28 -6.40 -18.55
N ASP B 254 -10.08 -7.07 -17.42
CA ASP B 254 -10.78 -8.33 -17.14
C ASP B 254 -12.09 -7.91 -16.47
N PHE B 255 -13.16 -7.79 -17.27
CA PHE B 255 -14.33 -7.05 -16.76
C PHE B 255 -15.06 -7.80 -15.65
N LEU B 256 -14.99 -9.15 -15.63
CA LEU B 256 -15.67 -9.89 -14.56
C LEU B 256 -14.81 -10.00 -13.30
N THR B 257 -13.49 -10.18 -13.45
CA THR B 257 -12.70 -10.24 -12.21
C THR B 257 -12.57 -8.86 -11.57
N ALA B 258 -12.33 -7.80 -12.37
CA ALA B 258 -12.40 -6.44 -11.82
C ALA B 258 -13.81 -6.13 -11.31
N GLY B 259 -14.83 -6.58 -12.06
CA GLY B 259 -16.20 -6.40 -11.65
C GLY B 259 -16.86 -5.26 -12.41
N PHE B 260 -18.22 -5.31 -12.48
CA PHE B 260 -18.94 -4.39 -13.35
C PHE B 260 -18.88 -2.92 -12.91
N ALA B 261 -18.86 -2.62 -11.60
CA ALA B 261 -18.77 -1.20 -11.24
C ALA B 261 -17.43 -0.59 -11.67
N ALA B 262 -16.32 -1.29 -11.42
CA ALA B 262 -15.04 -0.77 -11.88
C ALA B 262 -14.93 -0.79 -13.41
N PHE B 263 -15.54 -1.79 -14.06
CA PHE B 263 -15.58 -1.81 -15.53
C PHE B 263 -16.24 -0.55 -16.09
N ALA B 264 -17.41 -0.15 -15.54
CA ALA B 264 -18.05 1.09 -15.99
C ALA B 264 -17.14 2.31 -15.78
N SER B 265 -16.39 2.35 -14.67
CA SER B 265 -15.43 3.42 -14.46
C SER B 265 -14.37 3.44 -15.58
N VAL B 266 -13.83 2.26 -15.91
CA VAL B 266 -12.82 2.16 -16.97
C VAL B 266 -13.42 2.51 -18.33
N ARG B 267 -14.66 2.10 -18.58
CA ARG B 267 -15.28 2.45 -19.89
C ARG B 267 -15.37 3.98 -20.02
N ARG B 268 -15.83 4.64 -18.97
CA ARG B 268 -15.95 6.09 -19.05
C ARG B 268 -14.59 6.73 -19.25
N TRP B 269 -13.59 6.24 -18.52
CA TRP B 269 -12.25 6.83 -18.63
C TRP B 269 -11.66 6.59 -20.02
N ALA B 270 -11.83 5.37 -20.54
CA ALA B 270 -11.33 5.06 -21.88
C ALA B 270 -11.93 6.01 -22.90
N ARG B 271 -13.26 6.20 -22.84
CA ARG B 271 -13.94 7.08 -23.78
C ARG B 271 -13.39 8.50 -23.70
N GLU B 272 -13.24 9.00 -22.48
CA GLU B 272 -12.82 10.38 -22.30
C GLU B 272 -11.37 10.61 -22.67
N ASN B 273 -10.58 9.53 -22.75
CA ASN B 273 -9.15 9.67 -23.01
C ASN B 273 -8.71 9.06 -24.32
N GLY B 274 -9.65 8.72 -25.20
CA GLY B 274 -9.32 8.28 -26.55
C GLY B 274 -8.82 6.85 -26.71
N LEU B 275 -9.03 5.99 -25.71
CA LEU B 275 -8.55 4.62 -25.74
C LEU B 275 -9.67 3.65 -26.12
N MET B 276 -9.33 2.63 -26.89
CA MET B 276 -10.24 1.53 -27.19
C MET B 276 -10.06 0.46 -26.11
N LEU B 277 -11.14 -0.30 -25.82
CA LEU B 277 -11.21 -1.10 -24.60
C LEU B 277 -11.46 -2.58 -24.92
N HIS B 278 -10.39 -3.38 -24.83
CA HIS B 278 -10.51 -4.83 -24.94
C HIS B 278 -10.99 -5.41 -23.62
N CYS B 279 -11.99 -6.29 -23.68
CA CYS B 279 -12.57 -6.90 -22.48
C CYS B 279 -12.33 -8.40 -22.50
N HIS B 280 -11.59 -8.87 -21.48
CA HIS B 280 -11.32 -10.28 -21.31
C HIS B 280 -12.34 -10.83 -20.32
N ARG B 281 -12.87 -12.03 -20.61
CA ARG B 281 -13.98 -12.58 -19.81
C ARG B 281 -13.51 -13.55 -18.73
N ALA B 282 -12.27 -13.39 -18.25
CA ALA B 282 -11.78 -14.24 -17.17
C ALA B 282 -12.83 -14.37 -16.08
N MET B 283 -12.99 -15.59 -15.58
CA MET B 283 -13.93 -16.00 -14.53
C MET B 283 -15.30 -16.36 -15.10
N HIS B 284 -15.57 -16.11 -16.40
CA HIS B 284 -16.93 -16.33 -16.89
C HIS B 284 -17.35 -17.80 -16.72
N ALA B 285 -16.42 -18.75 -16.93
CA ALA B 285 -16.84 -20.15 -16.89
C ALA B 285 -17.12 -20.62 -15.47
N VAL B 286 -16.66 -19.88 -14.46
CA VAL B 286 -17.09 -20.18 -13.10
C VAL B 286 -18.61 -20.07 -13.00
N PHE B 287 -19.20 -19.11 -13.72
CA PHE B 287 -20.64 -18.84 -13.71
C PHE B 287 -21.39 -19.62 -14.77
N ASP B 288 -20.78 -19.85 -15.93
CA ASP B 288 -21.57 -20.19 -17.12
C ASP B 288 -21.35 -21.59 -17.69
N ARG B 289 -20.50 -22.41 -17.08
CA ARG B 289 -20.12 -23.68 -17.70
C ARG B 289 -21.27 -24.70 -17.69
N GLN B 290 -22.00 -24.81 -16.55
CA GLN B 290 -22.88 -25.98 -16.38
C GLN B 290 -24.31 -25.68 -16.84
N PRO B 291 -24.96 -26.65 -17.48
CA PRO B 291 -26.27 -26.37 -18.09
C PRO B 291 -27.41 -26.36 -17.10
N ASN B 292 -27.19 -26.83 -15.86
CA ASN B 292 -28.27 -26.89 -14.89
C ASN B 292 -28.25 -25.73 -13.90
N HIS B 293 -27.15 -25.00 -13.81
CA HIS B 293 -27.09 -24.00 -12.75
C HIS B 293 -26.04 -22.95 -13.10
N GLY B 294 -26.43 -21.67 -13.01
CA GLY B 294 -25.50 -20.56 -13.28
C GLY B 294 -26.13 -19.57 -14.25
N ILE B 295 -25.30 -18.82 -14.97
CA ILE B 295 -25.78 -17.80 -15.91
C ILE B 295 -25.12 -18.10 -17.23
N HIS B 296 -25.91 -18.26 -18.31
CA HIS B 296 -25.24 -18.50 -19.60
C HIS B 296 -24.45 -17.27 -20.05
N PHE B 297 -23.35 -17.53 -20.79
CA PHE B 297 -22.53 -16.40 -21.24
C PHE B 297 -23.33 -15.39 -22.06
N ARG B 298 -24.34 -15.83 -22.81
CA ARG B 298 -25.04 -14.84 -23.64
C ARG B 298 -25.62 -13.70 -22.80
N VAL B 299 -25.94 -13.95 -21.52
CA VAL B 299 -26.46 -12.89 -20.66
C VAL B 299 -25.34 -11.93 -20.29
N LEU B 300 -24.19 -12.49 -19.91
CA LEU B 300 -23.00 -11.69 -19.62
C LEU B 300 -22.60 -10.88 -20.84
N ALA B 301 -22.77 -11.46 -22.05
CA ALA B 301 -22.42 -10.73 -23.27
C ALA B 301 -23.34 -9.53 -23.50
N LYS B 302 -24.63 -9.69 -23.19
CA LYS B 302 -25.54 -8.55 -23.29
C LYS B 302 -25.11 -7.45 -22.34
N TRP B 303 -24.80 -7.83 -21.10
CA TRP B 303 -24.42 -6.80 -20.14
C TRP B 303 -23.12 -6.12 -20.56
N LEU B 304 -22.20 -6.89 -21.15
CA LEU B 304 -20.94 -6.34 -21.67
C LEU B 304 -21.20 -5.27 -22.72
N ARG B 305 -22.10 -5.55 -23.68
CA ARG B 305 -22.38 -4.58 -24.72
C ARG B 305 -23.01 -3.33 -24.14
N MET B 306 -23.80 -3.47 -23.07
CA MET B 306 -24.49 -2.33 -22.49
C MET B 306 -23.52 -1.38 -21.78
N VAL B 307 -22.64 -1.92 -20.94
CA VAL B 307 -21.71 -1.04 -20.19
C VAL B 307 -20.84 -0.35 -21.23
N GLY B 308 -20.38 -1.17 -22.16
CA GLY B 308 -19.52 -0.68 -23.19
C GLY B 308 -18.14 -1.30 -23.21
N GLY B 309 -17.99 -2.41 -23.91
CA GLY B 309 -16.64 -2.92 -24.23
C GLY B 309 -16.47 -2.84 -25.75
N ASP B 310 -15.26 -2.57 -26.24
CA ASP B 310 -15.08 -2.59 -27.70
C ASP B 310 -14.92 -4.00 -28.27
N HIS B 311 -14.40 -4.94 -27.48
CA HIS B 311 -14.34 -6.34 -27.91
C HIS B 311 -14.65 -7.18 -26.67
N VAL B 312 -15.15 -8.40 -26.88
CA VAL B 312 -15.10 -9.41 -25.83
C VAL B 312 -14.84 -10.77 -26.45
N HIS B 313 -14.16 -11.63 -25.70
CA HIS B 313 -13.94 -13.00 -26.15
C HIS B 313 -15.26 -13.74 -26.20
N THR B 314 -15.44 -14.58 -27.23
CA THR B 314 -16.70 -15.29 -27.42
C THR B 314 -16.52 -16.80 -27.51
N GLY B 315 -15.29 -17.28 -27.54
CA GLY B 315 -15.05 -18.68 -27.81
C GLY B 315 -14.64 -18.88 -29.26
N THR B 316 -14.05 -20.05 -29.51
CA THR B 316 -13.60 -20.43 -30.83
C THR B 316 -14.43 -21.52 -31.47
N VAL B 317 -15.17 -22.28 -30.66
CA VAL B 317 -15.82 -23.55 -31.02
C VAL B 317 -14.80 -24.66 -31.22
N VAL B 318 -13.76 -24.40 -32.03
CA VAL B 318 -12.84 -25.44 -32.50
C VAL B 318 -11.58 -25.57 -31.65
N GLY B 319 -11.36 -24.66 -30.69
CA GLY B 319 -10.12 -24.57 -29.93
C GLY B 319 -10.16 -25.30 -28.60
N LYS B 320 -9.32 -24.83 -27.67
CA LYS B 320 -9.09 -25.60 -26.45
C LYS B 320 -10.14 -25.35 -25.39
N LEU B 321 -10.95 -24.29 -25.52
CA LEU B 321 -11.98 -23.98 -24.52
C LEU B 321 -13.37 -24.30 -25.06
N GLU B 322 -14.26 -24.68 -24.15
CA GLU B 322 -15.59 -25.15 -24.54
C GLU B 322 -16.42 -24.02 -25.14
N GLY B 323 -17.20 -24.35 -26.19
CA GLY B 323 -18.13 -23.38 -26.74
C GLY B 323 -18.85 -24.04 -27.89
N ASP B 324 -20.16 -24.15 -27.83
CA ASP B 324 -20.94 -24.83 -28.89
C ASP B 324 -21.14 -23.91 -30.11
N ARG B 325 -21.18 -24.49 -31.30
CA ARG B 325 -21.31 -23.65 -32.50
C ARG B 325 -22.60 -22.82 -32.50
N ALA B 326 -23.76 -23.46 -32.26
CA ALA B 326 -25.03 -22.70 -32.30
C ALA B 326 -25.03 -21.56 -31.28
N GLU B 327 -24.63 -21.85 -30.02
CA GLU B 327 -24.66 -20.79 -29.02
C GLU B 327 -23.66 -19.69 -29.33
N THR B 328 -22.53 -20.03 -29.96
CA THR B 328 -21.54 -19.02 -30.31
C THR B 328 -22.06 -18.11 -31.42
N LEU B 329 -22.77 -18.67 -32.39
CA LEU B 329 -23.39 -17.86 -33.44
C LEU B 329 -24.42 -16.90 -32.84
N GLY B 330 -25.20 -17.37 -31.86
CA GLY B 330 -26.14 -16.49 -31.17
C GLY B 330 -25.43 -15.34 -30.45
N ILE B 331 -24.36 -15.66 -29.72
CA ILE B 331 -23.60 -14.64 -29.00
C ILE B 331 -23.01 -13.61 -29.98
N ALA B 332 -22.44 -14.08 -31.10
CA ALA B 332 -21.91 -13.13 -32.07
C ALA B 332 -22.99 -12.17 -32.58
N ASP B 333 -24.18 -12.68 -32.89
CA ASP B 333 -25.26 -11.79 -33.34
C ASP B 333 -25.65 -10.80 -32.23
N LEU B 334 -25.75 -11.29 -30.99
CA LEU B 334 -26.08 -10.42 -29.88
C LEU B 334 -25.07 -9.29 -29.74
N LEU B 335 -23.79 -9.57 -30.02
CA LEU B 335 -22.76 -8.54 -29.84
C LEU B 335 -22.71 -7.54 -31.00
N ARG B 336 -23.12 -7.95 -32.22
CA ARG B 336 -22.86 -7.15 -33.42
C ARG B 336 -24.09 -6.57 -34.08
N GLU B 337 -25.26 -7.18 -33.93
CA GLU B 337 -26.39 -6.78 -34.75
C GLU B 337 -27.28 -5.74 -34.07
N ASP B 338 -28.05 -5.01 -34.91
CA ASP B 338 -29.00 -4.02 -34.39
C ASP B 338 -30.23 -4.67 -33.78
N TYR B 339 -30.56 -5.87 -34.23
CA TYR B 339 -31.75 -6.57 -33.79
C TYR B 339 -31.49 -8.05 -34.00
N VAL B 340 -31.85 -8.87 -33.00
CA VAL B 340 -31.57 -10.31 -33.03
C VAL B 340 -32.87 -11.03 -32.68
N PRO B 341 -33.47 -11.75 -33.64
CA PRO B 341 -34.67 -12.54 -33.32
C PRO B 341 -34.36 -13.66 -32.33
N ALA B 342 -35.39 -14.10 -31.59
CA ALA B 342 -35.22 -15.26 -30.72
C ALA B 342 -34.90 -16.51 -31.55
N ASP B 343 -34.33 -17.52 -30.88
CA ASP B 343 -34.08 -18.85 -31.42
C ASP B 343 -33.62 -19.74 -30.27
N PRO B 344 -34.54 -20.45 -29.62
CA PRO B 344 -34.12 -21.27 -28.47
C PRO B 344 -33.15 -22.39 -28.87
N GLY B 345 -33.08 -22.74 -30.15
CA GLY B 345 -32.06 -23.67 -30.60
C GLY B 345 -30.64 -23.14 -30.42
N ARG B 346 -30.51 -21.82 -30.24
CA ARG B 346 -29.24 -21.19 -29.92
C ARG B 346 -29.23 -20.66 -28.50
N GLY B 347 -30.28 -20.93 -27.73
CA GLY B 347 -30.42 -20.44 -26.38
C GLY B 347 -30.97 -19.04 -26.28
N LEU B 348 -31.39 -18.45 -27.40
CA LEU B 348 -31.98 -17.11 -27.41
C LEU B 348 -33.47 -17.27 -27.19
N PHE B 349 -33.94 -17.02 -25.97
CA PHE B 349 -35.35 -17.21 -25.69
C PHE B 349 -36.18 -16.01 -26.05
N PHE B 350 -35.55 -14.85 -26.24
CA PHE B 350 -36.26 -13.63 -26.55
C PHE B 350 -35.64 -12.98 -27.78
N ASP B 351 -36.41 -12.06 -28.36
CA ASP B 351 -35.83 -11.20 -29.41
C ASP B 351 -35.10 -10.09 -28.65
N GLN B 352 -34.06 -9.55 -29.25
CA GLN B 352 -33.34 -8.46 -28.58
C GLN B 352 -33.14 -7.34 -29.57
N ASP B 353 -33.79 -6.20 -29.33
CA ASP B 353 -33.57 -4.98 -30.09
C ASP B 353 -32.49 -4.20 -29.35
N TRP B 354 -31.46 -3.73 -30.08
CA TRP B 354 -30.32 -3.12 -29.40
C TRP B 354 -30.40 -1.59 -29.33
N ALA B 355 -31.51 -0.99 -29.77
CA ALA B 355 -31.81 0.43 -29.51
C ALA B 355 -30.72 1.38 -30.03
N GLY B 356 -29.98 0.97 -31.07
CA GLY B 356 -28.95 1.84 -31.61
C GLY B 356 -27.60 1.78 -30.90
N LEU B 357 -27.45 0.94 -29.86
CA LEU B 357 -26.15 0.83 -29.19
C LEU B 357 -25.13 0.29 -30.18
N LYS B 358 -23.90 0.77 -30.06
CA LYS B 358 -22.82 0.35 -30.94
C LYS B 358 -22.52 -1.15 -30.77
N PRO B 359 -21.95 -1.76 -31.80
CA PRO B 359 -21.59 -3.18 -31.75
C PRO B 359 -20.19 -3.42 -31.19
N VAL B 360 -20.00 -4.66 -30.70
CA VAL B 360 -18.79 -5.16 -30.05
C VAL B 360 -18.12 -6.19 -30.95
N PHE B 361 -16.79 -6.12 -31.08
CA PHE B 361 -16.04 -7.19 -31.80
C PHE B 361 -16.05 -8.49 -31.01
N PRO B 362 -16.55 -9.59 -31.57
CA PRO B 362 -16.19 -10.90 -31.00
C PRO B 362 -14.70 -11.16 -31.17
N VAL B 363 -14.16 -11.91 -30.22
CA VAL B 363 -12.75 -12.25 -30.21
C VAL B 363 -12.67 -13.76 -30.01
N ALA B 364 -12.11 -14.45 -31.00
CA ALA B 364 -11.94 -15.90 -30.96
C ALA B 364 -10.49 -16.18 -30.60
N SER B 365 -10.28 -16.88 -29.49
CA SER B 365 -8.95 -17.07 -28.91
C SER B 365 -8.89 -18.38 -28.14
N GLY B 366 -7.79 -19.09 -28.26
CA GLY B 366 -7.55 -20.19 -27.34
C GLY B 366 -7.34 -21.53 -28.00
N GLY B 367 -6.06 -21.89 -28.18
CA GLY B 367 -5.77 -23.19 -28.75
C GLY B 367 -5.99 -23.27 -30.23
N ILE B 368 -6.04 -22.14 -30.95
CA ILE B 368 -6.29 -22.19 -32.40
C ILE B 368 -4.99 -21.99 -33.17
N HIS B 369 -5.00 -22.47 -34.41
CA HIS B 369 -3.83 -22.39 -35.27
C HIS B 369 -4.30 -22.34 -36.72
N VAL B 370 -3.34 -22.34 -37.65
CA VAL B 370 -3.68 -21.99 -39.05
C VAL B 370 -4.75 -22.90 -39.64
N TRP B 371 -4.80 -24.16 -39.21
CA TRP B 371 -5.77 -25.06 -39.83
C TRP B 371 -7.21 -24.72 -39.47
N HIS B 372 -7.41 -23.97 -38.39
CA HIS B 372 -8.74 -23.53 -37.98
C HIS B 372 -9.22 -22.31 -38.73
N VAL B 373 -8.38 -21.69 -39.55
CA VAL B 373 -8.76 -20.37 -40.08
C VAL B 373 -9.96 -20.47 -41.02
N PRO B 374 -10.08 -21.46 -41.93
CA PRO B 374 -11.32 -21.53 -42.73
C PRO B 374 -12.59 -21.64 -41.89
N ASP B 375 -12.61 -22.52 -40.87
CA ASP B 375 -13.78 -22.58 -39.99
C ASP B 375 -14.03 -21.26 -39.29
N LEU B 376 -12.97 -20.62 -38.77
CA LEU B 376 -13.14 -19.36 -38.05
C LEU B 376 -13.74 -18.28 -38.95
N VAL B 377 -13.25 -18.14 -40.18
CA VAL B 377 -13.82 -17.17 -41.10
C VAL B 377 -15.27 -17.53 -41.41
N SER B 378 -15.57 -18.82 -41.58
CA SER B 378 -16.95 -19.24 -41.83
C SER B 378 -17.87 -18.91 -40.67
N ILE B 379 -17.44 -19.19 -39.44
CA ILE B 379 -18.26 -18.92 -38.27
C ILE B 379 -18.46 -17.42 -38.09
N PHE B 380 -17.37 -16.64 -38.10
CA PHE B 380 -17.46 -15.26 -37.64
C PHE B 380 -17.58 -14.20 -38.73
N GLY B 381 -17.16 -14.48 -39.96
CA GLY B 381 -17.13 -13.38 -40.93
C GLY B 381 -15.97 -12.41 -40.63
N ASP B 382 -16.04 -11.22 -41.26
CA ASP B 382 -14.94 -10.26 -41.14
C ASP B 382 -14.86 -9.62 -39.76
N ASP B 383 -15.99 -9.41 -39.09
CA ASP B 383 -16.00 -8.54 -37.91
C ASP B 383 -15.70 -9.36 -36.66
N ALA B 384 -14.43 -9.70 -36.50
CA ALA B 384 -13.94 -10.52 -35.39
C ALA B 384 -12.44 -10.31 -35.33
N PHE B 385 -11.89 -10.52 -34.14
CA PHE B 385 -10.45 -10.74 -33.97
C PHE B 385 -10.24 -12.25 -33.79
N PHE B 386 -9.23 -12.77 -34.45
CA PHE B 386 -8.73 -14.12 -34.19
C PHE B 386 -7.38 -13.99 -33.50
N LEU B 387 -7.23 -14.63 -32.31
CA LEU B 387 -6.00 -14.50 -31.54
C LEU B 387 -5.22 -15.81 -31.54
N PHE B 388 -3.92 -15.71 -31.84
CA PHE B 388 -2.99 -16.83 -31.86
C PHE B 388 -1.85 -16.50 -30.90
N GLY B 389 -1.88 -17.15 -29.73
CA GLY B 389 -0.83 -16.97 -28.74
C GLY B 389 0.19 -18.06 -28.96
N GLY B 390 -0.05 -19.23 -28.37
CA GLY B 390 0.76 -20.40 -28.71
C GLY B 390 0.87 -20.61 -30.22
N GLY B 391 -0.20 -20.30 -30.95
CA GLY B 391 -0.23 -20.45 -32.40
C GLY B 391 0.63 -19.46 -33.16
N THR B 392 1.16 -18.43 -32.50
CA THR B 392 2.18 -17.56 -33.05
C THR B 392 3.58 -17.87 -32.50
N HIS B 393 3.76 -17.81 -31.17
CA HIS B 393 5.10 -17.99 -30.60
C HIS B 393 5.60 -19.42 -30.70
N GLY B 394 4.69 -20.39 -30.91
CA GLY B 394 5.05 -21.78 -31.02
C GLY B 394 5.42 -22.19 -32.44
N HIS B 395 5.45 -21.23 -33.36
CA HIS B 395 5.96 -21.52 -34.69
C HIS B 395 7.41 -22.00 -34.60
N PRO B 396 7.82 -22.93 -35.46
CA PRO B 396 9.22 -23.43 -35.38
C PRO B 396 10.27 -22.34 -35.48
N ARG B 397 9.98 -21.23 -36.19
CA ARG B 397 10.93 -20.15 -36.33
C ARG B 397 10.59 -18.94 -35.45
N GLY B 398 9.69 -19.09 -34.48
CA GLY B 398 9.43 -17.98 -33.55
C GLY B 398 8.27 -17.09 -33.98
N SER B 399 8.16 -15.96 -33.26
CA SER B 399 6.92 -15.16 -33.29
C SER B 399 6.75 -14.36 -34.57
N ARG B 400 7.82 -13.84 -35.18
CA ARG B 400 7.59 -13.09 -36.42
C ARG B 400 7.07 -14.03 -37.49
N ALA B 401 7.73 -15.18 -37.65
CA ALA B 401 7.29 -16.16 -38.64
C ALA B 401 5.88 -16.65 -38.34
N GLY B 402 5.57 -16.86 -37.07
CA GLY B 402 4.24 -17.35 -36.72
C GLY B 402 3.19 -16.32 -37.07
N ALA B 403 3.49 -15.04 -36.81
CA ALA B 403 2.53 -13.98 -37.09
C ALA B 403 2.27 -13.92 -38.59
N THR B 404 3.31 -14.04 -39.40
CA THR B 404 3.13 -13.98 -40.85
C THR B 404 2.26 -15.14 -41.33
N ALA B 405 2.51 -16.34 -40.81
CA ALA B 405 1.69 -17.49 -41.18
C ALA B 405 0.21 -17.23 -40.90
N ASN B 406 -0.09 -16.68 -39.73
CA ASN B 406 -1.48 -16.48 -39.33
C ASN B 406 -2.14 -15.39 -40.18
N ARG B 407 -1.43 -14.28 -40.44
CA ARG B 407 -1.96 -13.21 -41.29
C ARG B 407 -2.23 -13.71 -42.70
N VAL B 408 -1.27 -14.43 -43.29
CA VAL B 408 -1.48 -14.97 -44.64
C VAL B 408 -2.67 -15.90 -44.68
N ALA B 409 -2.79 -16.79 -43.68
CA ALA B 409 -3.90 -17.74 -43.70
C ALA B 409 -5.23 -17.01 -43.72
N VAL B 410 -5.38 -16.00 -42.87
CA VAL B 410 -6.61 -15.22 -42.85
C VAL B 410 -6.84 -14.52 -44.19
N GLU B 411 -5.83 -13.83 -44.71
CA GLU B 411 -6.04 -13.11 -45.98
C GLU B 411 -6.39 -14.07 -47.12
N ALA B 412 -5.71 -15.22 -47.17
CA ALA B 412 -5.93 -16.15 -48.28
C ALA B 412 -7.37 -16.67 -48.26
N VAL B 413 -7.90 -16.94 -47.06
CA VAL B 413 -9.25 -17.47 -46.93
C VAL B 413 -10.28 -16.38 -47.27
N VAL B 414 -10.06 -15.15 -46.77
CA VAL B 414 -10.95 -14.04 -47.14
C VAL B 414 -10.94 -13.85 -48.66
N GLN B 415 -9.75 -13.85 -49.28
CA GLN B 415 -9.69 -13.67 -50.73
C GLN B 415 -10.54 -14.73 -51.45
N ALA B 416 -10.34 -15.99 -51.10
CA ALA B 416 -11.05 -17.11 -51.72
C ALA B 416 -12.55 -17.00 -51.50
N ARG B 417 -12.97 -16.68 -50.26
CA ARG B 417 -14.39 -16.50 -50.00
C ARG B 417 -14.99 -15.44 -50.92
N ASN B 418 -14.30 -14.29 -51.02
CA ASN B 418 -14.81 -13.17 -51.79
C ASN B 418 -14.93 -13.52 -53.27
N GLU B 419 -14.08 -14.44 -53.75
CA GLU B 419 -14.13 -14.88 -55.14
C GLU B 419 -15.27 -15.86 -55.38
N GLY B 420 -15.92 -16.35 -54.33
CA GLY B 420 -17.02 -17.29 -54.45
C GLY B 420 -16.67 -18.72 -54.14
N ARG B 421 -15.47 -18.98 -53.63
CA ARG B 421 -15.10 -20.35 -53.31
C ARG B 421 -15.74 -20.73 -51.99
N ASP B 422 -16.06 -22.02 -51.87
CA ASP B 422 -16.62 -22.59 -50.65
C ASP B 422 -15.47 -22.85 -49.68
N ILE B 423 -15.31 -21.99 -48.65
CA ILE B 423 -14.11 -22.07 -47.82
C ILE B 423 -14.16 -23.24 -46.84
N LEU B 424 -15.32 -23.85 -46.64
CA LEU B 424 -15.37 -25.09 -45.85
C LEU B 424 -14.99 -26.28 -46.69
N ALA B 425 -15.62 -26.41 -47.86
CA ALA B 425 -15.30 -27.53 -48.76
C ALA B 425 -13.86 -27.48 -49.24
N GLU B 426 -13.35 -26.29 -49.47
CA GLU B 426 -12.01 -26.13 -50.04
C GLU B 426 -11.02 -25.53 -49.03
N GLY B 427 -11.32 -25.55 -47.73
CA GLY B 427 -10.44 -24.88 -46.76
C GLY B 427 -9.00 -25.37 -46.86
N ARG B 428 -8.82 -26.70 -46.84
CA ARG B 428 -7.48 -27.26 -46.89
C ARG B 428 -6.75 -26.84 -48.15
N GLU B 429 -7.44 -26.88 -49.29
CA GLU B 429 -6.80 -26.54 -50.56
C GLU B 429 -6.41 -25.08 -50.62
N ILE B 430 -7.27 -24.20 -50.08
CA ILE B 430 -6.96 -22.78 -50.03
C ILE B 430 -5.69 -22.56 -49.21
N LEU B 431 -5.60 -23.20 -48.04
CA LEU B 431 -4.39 -23.03 -47.23
C LEU B 431 -3.18 -23.58 -47.95
N GLU B 432 -3.31 -24.76 -48.59
CA GLU B 432 -2.19 -25.37 -49.31
C GLU B 432 -1.71 -24.46 -50.44
N GLU B 433 -2.64 -23.87 -51.19
CA GLU B 433 -2.28 -22.93 -52.26
C GLU B 433 -1.51 -21.74 -51.70
N ALA B 434 -2.01 -21.16 -50.60
CA ALA B 434 -1.34 -20.02 -50.00
C ALA B 434 0.05 -20.38 -49.50
N ALA B 435 0.20 -21.61 -48.97
CA ALA B 435 1.47 -22.05 -48.42
C ALA B 435 2.56 -22.17 -49.49
N ARG B 436 2.18 -22.33 -50.76
CA ARG B 436 3.20 -22.37 -51.81
C ARG B 436 3.91 -21.04 -51.99
N SER B 437 3.32 -19.94 -51.49
CA SER B 437 3.96 -18.63 -51.53
C SER B 437 4.36 -18.14 -50.15
N CYS B 438 4.25 -18.99 -49.14
CA CYS B 438 4.45 -18.52 -47.77
C CYS B 438 5.05 -19.65 -46.95
N PRO B 439 6.37 -19.77 -46.96
CA PRO B 439 7.02 -20.86 -46.21
C PRO B 439 6.62 -20.89 -44.75
N GLU B 440 6.40 -19.71 -44.14
CA GLU B 440 5.99 -19.68 -42.73
C GLU B 440 4.70 -20.45 -42.54
N LEU B 441 3.74 -20.26 -43.45
CA LEU B 441 2.46 -20.97 -43.34
C LEU B 441 2.65 -22.46 -43.58
N ARG B 442 3.50 -22.83 -44.54
CA ARG B 442 3.74 -24.24 -44.77
C ARG B 442 4.26 -24.91 -43.51
N GLU B 443 5.17 -24.23 -42.79
CA GLU B 443 5.77 -24.82 -41.59
C GLU B 443 4.76 -24.89 -40.44
N ALA B 444 3.90 -23.86 -40.30
CA ALA B 444 2.84 -23.90 -39.31
C ALA B 444 1.89 -25.07 -39.60
N MET B 445 1.54 -25.23 -40.87
CA MET B 445 0.64 -26.33 -41.24
C MET B 445 1.26 -27.68 -40.92
N GLU B 446 2.55 -27.85 -41.19
CA GLU B 446 3.20 -29.12 -40.89
C GLU B 446 3.23 -29.37 -39.39
N LEU B 447 3.48 -28.33 -38.60
CA LEU B 447 3.72 -28.52 -37.19
C LEU B 447 2.44 -28.92 -36.46
N TRP B 448 1.31 -28.33 -36.84
CA TRP B 448 0.10 -28.49 -36.05
C TRP B 448 -0.99 -29.29 -36.76
N GLY B 449 -0.67 -29.92 -37.89
CA GLY B 449 -1.72 -30.58 -38.65
C GLY B 449 -2.42 -31.70 -37.89
N ASP B 450 -1.74 -32.30 -36.92
CA ASP B 450 -2.37 -33.36 -36.14
C ASP B 450 -3.00 -32.89 -34.85
N VAL B 451 -3.05 -31.58 -34.59
CA VAL B 451 -3.56 -31.05 -33.32
C VAL B 451 -5.02 -30.64 -33.53
N LYS B 452 -5.94 -31.33 -32.88
CA LYS B 452 -7.37 -31.04 -33.02
C LYS B 452 -8.04 -31.19 -31.67
N PHE B 453 -9.12 -30.45 -31.47
CA PHE B 453 -9.96 -30.57 -30.30
C PHE B 453 -11.32 -31.05 -30.76
N GLU B 454 -12.06 -31.72 -29.87
CA GLU B 454 -13.39 -32.19 -30.26
C GLU B 454 -14.36 -31.02 -30.40
N VAL B 455 -15.27 -31.13 -31.37
CA VAL B 455 -16.30 -30.13 -31.58
C VAL B 455 -17.72 -30.75 -31.67
N GLN C 5 -5.39 -4.59 42.46
CA GLN C 5 -5.89 -5.64 41.53
C GLN C 5 -4.71 -6.16 40.69
N TYR C 6 -3.46 -5.77 41.02
CA TYR C 6 -2.28 -6.30 40.28
C TYR C 6 -0.99 -6.16 41.11
N GLU C 7 0.14 -6.71 40.60
CA GLU C 7 1.37 -6.65 41.37
C GLU C 7 2.20 -5.47 40.89
N ALA C 8 2.05 -4.33 41.56
CA ALA C 8 2.85 -3.15 41.22
C ALA C 8 4.29 -3.30 41.70
N GLY C 9 5.18 -2.55 41.07
CA GLY C 9 6.58 -2.50 41.46
C GLY C 9 7.51 -2.88 40.33
N VAL C 10 8.79 -2.62 40.56
CA VAL C 10 9.85 -2.88 39.58
C VAL C 10 10.27 -4.33 39.67
N ARG C 11 10.35 -4.99 38.51
CA ARG C 11 10.86 -6.34 38.35
C ARG C 11 12.04 -6.29 37.40
N PRO C 12 13.00 -7.20 37.50
CA PRO C 12 14.05 -7.27 36.47
C PRO C 12 13.42 -7.48 35.10
N TYR C 13 13.98 -6.81 34.08
CA TYR C 13 13.45 -7.03 32.74
C TYR C 13 13.52 -8.49 32.34
N ARG C 14 14.50 -9.24 32.85
CA ARG C 14 14.65 -10.59 32.34
C ARG C 14 13.50 -11.49 32.72
N GLU C 15 12.73 -11.13 33.75
CA GLU C 15 11.61 -11.98 34.14
C GLU C 15 10.57 -12.10 33.05
N THR C 16 10.36 -11.04 32.25
CA THR C 16 9.37 -11.07 31.18
C THR C 16 9.98 -11.14 29.79
N TYR C 17 11.17 -10.58 29.59
CA TYR C 17 11.67 -10.34 28.24
C TYR C 17 12.88 -11.18 27.87
N TYR C 18 13.29 -12.13 28.73
CA TYR C 18 14.31 -13.10 28.37
C TYR C 18 13.70 -14.49 28.38
N ASP C 19 13.74 -15.18 27.24
CA ASP C 19 13.17 -16.51 27.14
C ASP C 19 14.06 -17.37 26.26
N PRO C 20 15.03 -18.06 26.86
CA PRO C 20 15.97 -18.86 26.07
C PRO C 20 15.37 -20.11 25.47
N ASP C 21 14.12 -20.47 25.77
CA ASP C 21 13.46 -21.60 25.12
C ASP C 21 12.56 -21.16 23.98
N TYR C 22 12.48 -19.86 23.71
CA TYR C 22 11.61 -19.38 22.65
C TYR C 22 12.17 -19.75 21.27
N GLU C 23 11.31 -20.33 20.42
CA GLU C 23 11.73 -20.68 19.08
C GLU C 23 11.22 -19.64 18.10
N PRO C 24 12.11 -18.91 17.43
CA PRO C 24 11.66 -17.85 16.52
C PRO C 24 10.76 -18.38 15.41
N LYS C 25 9.72 -17.61 15.11
CA LYS C 25 8.78 -17.90 14.04
C LYS C 25 9.30 -17.30 12.75
N ASP C 26 8.92 -17.91 11.62
CA ASP C 26 9.37 -17.37 10.34
C ASP C 26 8.76 -16.01 10.05
N THR C 27 7.75 -15.59 10.80
CA THR C 27 7.24 -14.24 10.67
C THR C 27 7.88 -13.24 11.63
N ASP C 28 8.71 -13.68 12.59
CA ASP C 28 9.30 -12.73 13.52
C ASP C 28 10.37 -11.91 12.82
N LEU C 29 10.52 -10.66 13.25
CA LEU C 29 11.69 -9.89 12.87
C LEU C 29 12.78 -10.14 13.92
N LEU C 30 13.95 -10.57 13.48
CA LEU C 30 15.03 -10.93 14.40
C LEU C 30 16.11 -9.86 14.34
N CYS C 31 16.65 -9.51 15.50
CA CYS C 31 17.75 -8.57 15.60
C CYS C 31 18.93 -9.24 16.27
N ALA C 32 20.13 -8.94 15.75
CA ALA C 32 21.39 -9.31 16.38
C ALA C 32 21.99 -8.03 16.98
N PHE C 33 21.97 -7.94 18.31
CA PHE C 33 22.45 -6.75 19.01
C PHE C 33 23.77 -7.07 19.72
N ARG C 34 24.77 -6.24 19.49
CA ARG C 34 26.04 -6.32 20.19
C ARG C 34 25.93 -5.45 21.45
N ILE C 35 25.94 -6.09 22.62
CA ILE C 35 25.61 -5.40 23.88
C ILE C 35 26.86 -5.25 24.73
N THR C 36 27.13 -4.02 25.17
CA THR C 36 28.14 -3.78 26.19
C THR C 36 27.40 -3.33 27.45
N PRO C 37 27.12 -4.21 28.40
CA PRO C 37 26.38 -3.79 29.58
C PRO C 37 27.21 -2.85 30.45
N LYS C 38 26.50 -1.98 31.15
CA LYS C 38 27.14 -1.30 32.27
C LYS C 38 27.75 -2.36 33.19
N PRO C 39 28.97 -2.14 33.70
CA PRO C 39 29.61 -3.17 34.52
C PRO C 39 28.70 -3.52 35.70
N GLY C 40 28.56 -4.82 35.96
CA GLY C 40 27.67 -5.33 36.99
C GLY C 40 26.28 -5.71 36.51
N VAL C 41 25.86 -5.25 35.33
CA VAL C 41 24.59 -5.66 34.75
C VAL C 41 24.83 -6.93 33.94
N PRO C 42 24.21 -8.06 34.30
CA PRO C 42 24.38 -9.29 33.50
C PRO C 42 23.86 -9.13 32.08
N MET C 43 24.52 -9.85 31.16
CA MET C 43 24.07 -9.87 29.75
C MET C 43 22.58 -10.15 29.63
N GLU C 44 22.06 -11.11 30.40
CA GLU C 44 20.66 -11.49 30.24
C GLU C 44 19.74 -10.33 30.58
N GLU C 45 20.11 -9.54 31.60
CA GLU C 45 19.28 -8.41 32.00
C GLU C 45 19.39 -7.26 31.01
N ALA C 46 20.61 -6.96 30.56
CA ALA C 46 20.82 -5.97 29.51
C ALA C 46 20.06 -6.34 28.24
N ALA C 47 20.16 -7.60 27.81
CA ALA C 47 19.42 -8.02 26.62
C ALA C 47 17.92 -7.85 26.83
N ALA C 48 17.43 -8.26 28.00
CA ALA C 48 16.00 -8.14 28.26
C ALA C 48 15.57 -6.67 28.32
N ALA C 49 16.44 -5.80 28.83
CA ALA C 49 16.13 -4.37 28.82
C ALA C 49 15.96 -3.87 27.39
N VAL C 50 16.87 -4.28 26.49
CA VAL C 50 16.75 -3.83 25.10
C VAL C 50 15.45 -4.38 24.51
N ALA C 51 15.16 -5.66 24.76
CA ALA C 51 13.96 -6.26 24.19
C ALA C 51 12.70 -5.60 24.76
N ALA C 52 12.69 -5.34 26.07
CA ALA C 52 11.50 -4.72 26.69
C ALA C 52 11.27 -3.33 26.14
N GLU C 53 12.31 -2.49 26.15
CA GLU C 53 12.13 -1.06 25.89
C GLU C 53 12.10 -0.76 24.40
N SER C 54 12.18 -1.78 23.57
CA SER C 54 11.95 -1.62 22.14
C SER C 54 10.65 -2.27 21.68
N SER C 55 9.81 -2.73 22.63
CA SER C 55 8.60 -3.42 22.20
C SER C 55 7.40 -2.95 23.01
N THR C 56 7.19 -3.54 24.20
CA THR C 56 6.00 -3.29 25.01
C THR C 56 6.30 -2.80 26.43
N GLY C 57 7.55 -2.89 26.92
CA GLY C 57 7.83 -2.79 28.34
C GLY C 57 8.22 -1.37 28.78
N THR C 58 8.28 -1.17 30.09
CA THR C 58 8.97 -0.02 30.65
C THR C 58 9.56 -0.44 32.00
N TRP C 59 9.91 0.54 32.85
CA TRP C 59 10.84 0.33 33.95
C TRP C 59 10.16 -0.21 35.20
N THR C 60 8.84 -0.29 35.19
CA THR C 60 8.07 -0.74 36.35
C THR C 60 6.79 -1.36 35.80
N GLU C 61 6.21 -2.28 36.56
CA GLU C 61 5.02 -2.99 36.11
C GLU C 61 3.81 -2.03 36.03
N VAL C 62 2.98 -2.15 34.99
CA VAL C 62 1.82 -1.26 34.88
C VAL C 62 0.53 -2.07 34.81
N TRP C 63 -0.53 -1.54 35.44
CA TRP C 63 -1.79 -2.29 35.51
C TRP C 63 -2.30 -2.60 34.12
N SER C 64 -2.04 -1.72 33.17
CA SER C 64 -2.59 -1.86 31.84
C SER C 64 -1.90 -2.97 31.03
N ASN C 65 -0.77 -3.50 31.50
CA ASN C 65 -0.21 -4.68 30.84
C ASN C 65 -1.22 -5.81 30.78
N LEU C 66 -2.07 -5.91 31.80
CA LEU C 66 -3.06 -6.99 31.87
C LEU C 66 -4.26 -6.79 30.95
N LEU C 67 -4.36 -5.64 30.26
CA LEU C 67 -5.40 -5.42 29.26
C LEU C 67 -4.96 -5.89 27.87
N THR C 68 -3.76 -6.43 27.74
CA THR C 68 -3.37 -6.94 26.43
C THR C 68 -2.67 -8.30 26.62
N ASP C 69 -2.15 -8.83 25.52
CA ASP C 69 -1.62 -10.18 25.44
C ASP C 69 -0.11 -10.06 25.27
N LEU C 70 0.61 -9.78 26.36
CA LEU C 70 2.06 -9.61 26.22
C LEU C 70 2.74 -10.87 25.70
N GLU C 71 2.16 -12.04 25.98
CA GLU C 71 2.73 -13.29 25.46
C GLU C 71 2.82 -13.25 23.94
N ARG C 72 1.79 -12.72 23.29
CA ARG C 72 1.78 -12.55 21.85
C ARG C 72 2.68 -11.40 21.39
N TYR C 73 2.64 -10.25 22.08
CA TYR C 73 3.19 -9.02 21.48
C TYR C 73 4.62 -8.73 21.88
N LYS C 74 5.09 -9.25 22.99
CA LYS C 74 6.38 -8.78 23.51
C LYS C 74 7.52 -9.24 22.59
N ALA C 75 8.54 -8.40 22.48
CA ALA C 75 9.80 -8.93 21.97
C ALA C 75 10.45 -9.79 23.05
N ARG C 76 11.32 -10.72 22.63
CA ARG C 76 12.03 -11.47 23.65
C ARG C 76 13.41 -11.85 23.18
N CYS C 77 14.37 -11.70 24.07
CA CYS C 77 15.70 -12.22 23.81
C CYS C 77 15.64 -13.73 23.94
N TYR C 78 15.94 -14.45 22.86
CA TYR C 78 15.80 -15.89 22.89
C TYR C 78 17.12 -16.63 22.82
N ARG C 79 18.24 -15.91 22.64
CA ARG C 79 19.55 -16.58 22.58
C ARG C 79 20.62 -15.52 22.77
N ILE C 80 21.66 -15.88 23.50
CA ILE C 80 22.80 -14.99 23.66
C ILE C 80 24.07 -15.78 23.38
N GLU C 81 24.92 -15.23 22.50
CA GLU C 81 26.19 -15.84 22.14
C GLU C 81 27.27 -14.78 22.32
N GLY C 82 28.08 -14.94 23.35
CA GLY C 82 29.09 -13.94 23.63
C GLY C 82 28.41 -12.64 24.04
N ASP C 83 28.76 -11.56 23.35
CA ASP C 83 28.15 -10.26 23.57
C ASP C 83 27.06 -9.95 22.54
N VAL C 84 26.58 -10.97 21.84
CA VAL C 84 25.50 -10.78 20.86
C VAL C 84 24.22 -11.39 21.42
N ALA C 85 23.21 -10.54 21.56
CA ALA C 85 21.86 -10.97 21.96
C ALA C 85 20.95 -10.99 20.73
N TYR C 86 20.27 -12.11 20.55
CA TYR C 86 19.29 -12.25 19.52
C TYR C 86 17.91 -11.99 20.12
N ILE C 87 17.18 -11.05 19.51
CA ILE C 87 15.87 -10.67 20.00
C ILE C 87 14.87 -10.85 18.88
N ALA C 88 13.73 -11.47 19.20
CA ALA C 88 12.67 -11.75 18.24
C ALA C 88 11.49 -10.81 18.49
N TYR C 89 11.01 -10.16 17.43
CA TYR C 89 9.91 -9.20 17.48
C TYR C 89 8.74 -9.74 16.67
N PRO C 90 7.57 -9.93 17.27
CA PRO C 90 6.41 -10.43 16.52
C PRO C 90 6.04 -9.51 15.36
N LEU C 91 5.60 -10.12 14.26
CA LEU C 91 5.23 -9.36 13.07
C LEU C 91 4.22 -8.25 13.38
N ASP C 92 3.28 -8.51 14.31
CA ASP C 92 2.23 -7.55 14.59
C ASP C 92 2.76 -6.26 15.20
N LEU C 93 4.02 -6.23 15.67
CA LEU C 93 4.50 -5.00 16.29
C LEU C 93 4.77 -3.90 15.27
N PHE C 94 4.84 -4.21 13.98
CA PHE C 94 5.36 -3.25 13.01
C PHE C 94 4.29 -2.68 12.10
N GLU C 95 4.48 -1.40 11.74
CA GLU C 95 3.60 -0.79 10.76
C GLU C 95 4.03 -1.25 9.36
N GLU C 96 3.08 -1.77 8.60
CA GLU C 96 3.38 -2.22 7.24
C GLU C 96 4.03 -1.12 6.40
N GLY C 97 5.10 -1.47 5.67
CA GLY C 97 5.74 -0.59 4.72
C GLY C 97 6.50 0.59 5.30
N SER C 98 6.75 0.61 6.62
CA SER C 98 7.33 1.79 7.27
C SER C 98 8.70 1.48 7.92
N ILE C 99 9.79 1.81 7.21
CA ILE C 99 11.11 1.74 7.84
C ILE C 99 11.12 2.66 9.04
N VAL C 100 10.42 3.80 8.95
CA VAL C 100 10.37 4.76 10.06
C VAL C 100 9.91 4.06 11.33
N ASN C 101 8.88 3.23 11.21
CA ASN C 101 8.39 2.49 12.37
C ASN C 101 9.41 1.47 12.87
N ILE C 102 10.05 0.72 11.95
CA ILE C 102 11.10 -0.21 12.37
C ILE C 102 12.11 0.50 13.24
N MET C 103 12.60 1.64 12.77
CA MET C 103 13.63 2.34 13.53
C MET C 103 13.08 2.84 14.86
N SER C 104 11.82 3.30 14.86
CA SER C 104 11.31 3.91 16.08
C SER C 104 11.19 2.87 17.20
N SER C 105 10.95 1.60 16.88
CA SER C 105 11.06 0.53 17.87
C SER C 105 12.51 0.10 18.09
N ILE C 106 13.14 -0.44 17.04
CA ILE C 106 14.38 -1.18 17.21
C ILE C 106 15.52 -0.27 17.66
N VAL C 107 15.55 0.97 17.18
CA VAL C 107 16.66 1.84 17.54
C VAL C 107 16.17 3.12 18.23
N GLY C 108 14.93 3.13 18.70
CA GLY C 108 14.35 4.37 19.20
C GLY C 108 14.97 4.95 20.46
N ASN C 109 14.95 4.17 21.57
CA ASN C 109 15.47 4.61 22.84
C ASN C 109 16.57 3.71 23.39
N VAL C 110 16.70 2.48 22.90
CA VAL C 110 17.50 1.50 23.64
C VAL C 110 18.99 1.75 23.53
N PHE C 111 19.45 2.69 22.70
CA PHE C 111 20.88 2.98 22.63
C PHE C 111 21.34 3.97 23.68
N GLY C 112 20.41 4.54 24.45
CA GLY C 112 20.70 5.55 25.46
C GLY C 112 20.46 5.15 26.90
N PHE C 113 20.25 3.88 27.20
CA PHE C 113 19.99 3.45 28.58
C PHE C 113 21.26 3.41 29.41
N LYS C 114 21.16 3.86 30.67
CA LYS C 114 22.31 3.74 31.58
C LYS C 114 22.76 2.29 31.73
N ALA C 115 21.83 1.33 31.65
CA ALA C 115 22.18 -0.06 31.93
C ALA C 115 23.04 -0.67 30.81
N VAL C 116 23.05 -0.05 29.64
CA VAL C 116 23.68 -0.61 28.44
C VAL C 116 24.56 0.50 27.90
N GLN C 117 25.87 0.41 28.16
CA GLN C 117 26.78 1.49 27.88
C GLN C 117 27.17 1.62 26.41
N ALA C 118 27.06 0.55 25.63
CA ALA C 118 27.20 0.63 24.17
C ALA C 118 26.32 -0.45 23.56
N LEU C 119 25.83 -0.18 22.35
CA LEU C 119 24.89 -1.09 21.70
C LEU C 119 25.06 -0.94 20.19
N ARG C 120 25.15 -2.06 19.46
CA ARG C 120 25.20 -1.96 18.00
C ARG C 120 24.24 -2.97 17.41
N LEU C 121 23.40 -2.51 16.48
CA LEU C 121 22.54 -3.40 15.72
C LEU C 121 23.37 -3.93 14.56
N GLU C 122 23.76 -5.22 14.63
CA GLU C 122 24.65 -5.80 13.62
C GLU C 122 23.91 -6.31 12.39
N ASP C 123 22.71 -6.85 12.57
CA ASP C 123 21.99 -7.45 11.46
C ASP C 123 20.55 -7.57 11.90
N MET C 124 19.68 -7.75 10.92
CA MET C 124 18.25 -7.94 11.17
C MET C 124 17.75 -8.95 10.15
N ARG C 125 16.96 -9.91 10.59
CA ARG C 125 16.27 -10.85 9.71
C ARG C 125 14.89 -10.28 9.43
N ILE C 126 14.70 -9.68 8.25
CA ILE C 126 13.40 -9.13 7.86
C ILE C 126 12.61 -10.31 7.31
N PRO C 127 11.47 -10.66 7.91
CA PRO C 127 10.74 -11.85 7.45
C PRO C 127 10.02 -11.57 6.15
N VAL C 128 9.83 -12.63 5.34
CA VAL C 128 9.25 -12.43 4.01
C VAL C 128 7.88 -11.76 4.13
N ALA C 129 7.13 -12.09 5.16
CA ALA C 129 5.78 -11.51 5.26
C ALA C 129 5.83 -10.01 5.50
N TYR C 130 6.89 -9.52 6.14
CA TYR C 130 7.00 -8.08 6.32
C TYR C 130 7.59 -7.45 5.06
N LEU C 131 8.54 -8.13 4.41
CA LEU C 131 9.13 -7.57 3.21
C LEU C 131 8.08 -7.29 2.15
N LYS C 132 7.05 -8.15 2.06
CA LYS C 132 6.07 -7.97 1.00
C LYS C 132 5.24 -6.72 1.20
N THR C 133 5.36 -6.04 2.34
CA THR C 133 4.64 -4.78 2.50
C THR C 133 5.43 -3.59 1.95
N PHE C 134 6.66 -3.84 1.40
CA PHE C 134 7.52 -2.80 0.80
C PHE C 134 7.61 -2.99 -0.71
N PRO C 135 7.78 -1.89 -1.49
CA PRO C 135 7.76 -2.02 -2.96
C PRO C 135 9.15 -2.29 -3.55
N GLY C 136 10.21 -2.04 -2.78
CA GLY C 136 11.55 -2.21 -3.31
C GLY C 136 11.95 -1.16 -4.33
N PRO C 137 13.11 -1.35 -4.98
CA PRO C 137 13.63 -0.34 -5.94
C PRO C 137 12.58 0.07 -6.94
N PRO C 138 12.54 1.34 -7.32
CA PRO C 138 11.61 1.74 -8.40
C PRO C 138 12.07 1.29 -9.77
N THR C 139 13.33 0.90 -9.94
CA THR C 139 13.72 0.40 -11.25
C THR C 139 14.38 -0.96 -11.14
N GLY C 140 15.47 -1.04 -10.36
CA GLY C 140 16.16 -2.29 -10.14
C GLY C 140 17.18 -2.57 -11.24
N ILE C 141 18.14 -3.44 -10.95
CA ILE C 141 19.31 -3.56 -11.81
C ILE C 141 18.93 -3.94 -13.22
N GLN C 142 18.08 -4.95 -13.39
CA GLN C 142 17.81 -5.45 -14.75
C GLN C 142 17.10 -4.40 -15.57
N VAL C 143 16.05 -3.77 -15.02
CA VAL C 143 15.30 -2.77 -15.79
C VAL C 143 16.17 -1.55 -16.07
N GLU C 144 17.01 -1.16 -15.11
CA GLU C 144 17.92 -0.04 -15.32
C GLU C 144 18.89 -0.32 -16.48
N ARG C 145 19.47 -1.51 -16.53
CA ARG C 145 20.35 -1.83 -17.65
C ARG C 145 19.57 -1.80 -18.97
N ASP C 146 18.31 -2.25 -18.94
CA ASP C 146 17.45 -2.14 -20.12
C ASP C 146 17.20 -0.69 -20.49
N ARG C 147 16.89 0.16 -19.52
CA ARG C 147 16.67 1.57 -19.83
C ARG C 147 17.92 2.24 -20.39
N LEU C 148 19.11 1.83 -19.93
CA LEU C 148 20.35 2.41 -20.39
C LEU C 148 20.89 1.73 -21.65
N ASN C 149 20.37 0.55 -21.98
CA ASN C 149 20.90 -0.27 -23.07
C ASN C 149 22.37 -0.59 -22.88
N LYS C 150 22.76 -0.99 -21.67
CA LYS C 150 24.16 -1.22 -21.32
C LYS C 150 24.29 -2.56 -20.63
N TYR C 151 25.07 -3.46 -21.21
CA TYR C 151 25.17 -4.81 -20.67
C TYR C 151 26.61 -5.30 -20.70
N GLY C 152 27.06 -5.99 -19.67
CA GLY C 152 28.31 -6.70 -19.77
C GLY C 152 29.53 -6.03 -19.15
N ARG C 153 29.37 -4.95 -18.39
CA ARG C 153 30.51 -4.30 -17.74
C ARG C 153 30.00 -3.46 -16.58
N PRO C 154 30.85 -3.17 -15.59
CA PRO C 154 30.50 -2.12 -14.63
C PRO C 154 30.23 -0.82 -15.36
N LEU C 155 29.35 -0.02 -14.78
CA LEU C 155 28.98 1.26 -15.33
C LEU C 155 29.85 2.36 -14.69
N LEU C 156 30.10 3.41 -15.45
CA LEU C 156 31.06 4.44 -15.08
C LEU C 156 30.33 5.68 -14.61
N GLY C 157 30.78 6.26 -13.49
CA GLY C 157 30.21 7.54 -13.08
C GLY C 157 31.26 8.44 -12.48
N GLY C 158 30.85 9.53 -11.84
CA GLY C 158 31.85 10.40 -11.26
C GLY C 158 31.20 11.65 -10.69
N THR C 159 31.61 12.03 -9.48
CA THR C 159 31.08 13.22 -8.84
C THR C 159 31.76 14.45 -9.44
N ILE C 160 30.97 15.50 -9.73
CA ILE C 160 31.56 16.74 -10.26
C ILE C 160 32.29 17.44 -9.11
N LYS C 161 33.47 17.98 -9.39
CA LYS C 161 34.32 18.66 -8.42
C LYS C 161 34.73 20.00 -8.99
N PRO C 162 35.05 21.01 -8.14
CA PRO C 162 34.97 21.03 -6.66
C PRO C 162 33.57 20.74 -6.19
N LYS C 163 33.43 20.19 -4.96
CA LYS C 163 32.13 19.73 -4.47
C LYS C 163 31.10 20.82 -4.60
N LEU C 164 31.48 22.02 -4.18
CA LEU C 164 30.65 23.22 -4.19
C LEU C 164 31.47 24.35 -4.81
N GLY C 165 30.81 25.42 -5.26
CA GLY C 165 31.53 26.60 -5.72
C GLY C 165 31.46 26.86 -7.22
N LEU C 166 31.04 25.88 -8.03
CA LEU C 166 30.89 26.16 -9.46
C LEU C 166 29.51 26.77 -9.71
N SER C 167 29.46 27.72 -10.64
CA SER C 167 28.18 28.21 -11.14
C SER C 167 27.43 27.08 -11.84
N ALA C 168 26.10 27.27 -12.01
CA ALA C 168 25.33 26.24 -12.70
C ALA C 168 25.84 26.02 -14.11
N LYS C 169 26.16 27.11 -14.83
CA LYS C 169 26.59 27.00 -16.20
C LYS C 169 27.93 26.27 -16.32
N GLU C 170 28.90 26.65 -15.48
CA GLU C 170 30.21 26.03 -15.58
C GLU C 170 30.17 24.61 -15.04
N TYR C 171 29.31 24.37 -14.04
CA TYR C 171 29.09 23.03 -13.53
C TYR C 171 28.74 22.07 -14.68
N ALA C 172 27.82 22.48 -15.54
CA ALA C 172 27.40 21.60 -16.63
C ALA C 172 28.43 21.53 -17.74
N ARG C 173 29.35 22.51 -17.84
CA ARG C 173 30.52 22.32 -18.70
C ARG C 173 31.32 21.08 -18.27
N VAL C 174 31.58 20.93 -16.97
CA VAL C 174 32.30 19.76 -16.49
C VAL C 174 31.52 18.48 -16.81
N VAL C 175 30.20 18.47 -16.55
CA VAL C 175 29.37 17.32 -16.91
C VAL C 175 29.54 16.96 -18.37
N TYR C 176 29.40 17.95 -19.26
CA TYR C 176 29.49 17.69 -20.70
C TYR C 176 30.82 17.03 -21.04
N GLU C 177 31.93 17.57 -20.52
CA GLU C 177 33.23 17.00 -20.86
C GLU C 177 33.34 15.55 -20.37
N CYS C 178 32.81 15.27 -19.18
CA CYS C 178 32.90 13.92 -18.63
C CYS C 178 32.09 12.95 -19.45
N LEU C 179 30.85 13.30 -19.73
CA LEU C 179 29.98 12.35 -20.41
C LEU C 179 30.44 12.15 -21.84
N ARG C 180 30.87 13.22 -22.50
CA ARG C 180 31.31 13.05 -23.87
C ARG C 180 32.60 12.25 -23.94
N GLY C 181 33.35 12.18 -22.85
CA GLY C 181 34.58 11.42 -22.82
C GLY C 181 34.42 9.94 -22.49
N GLY C 182 33.22 9.49 -22.18
CA GLY C 182 32.96 8.06 -21.97
C GLY C 182 32.39 7.68 -20.63
N LEU C 183 32.22 8.61 -19.66
CA LEU C 183 31.43 8.19 -18.50
C LEU C 183 29.99 7.99 -18.91
N ASP C 184 29.35 7.01 -18.27
CA ASP C 184 27.93 6.77 -18.50
C ASP C 184 27.09 7.80 -17.77
N THR C 185 27.54 8.20 -16.59
CA THR C 185 26.77 9.08 -15.73
C THR C 185 27.74 10.04 -15.05
N THR C 186 27.20 11.14 -14.55
CA THR C 186 27.90 12.00 -13.58
C THR C 186 26.92 12.28 -12.43
N KCX C 187 27.41 12.85 -11.33
CA KCX C 187 26.48 13.15 -10.23
CB KCX C 187 26.46 12.00 -9.15
CG KCX C 187 27.82 11.86 -8.44
CD KCX C 187 27.78 10.67 -7.46
CE KCX C 187 26.88 10.95 -6.22
NZ KCX C 187 27.37 12.07 -5.43
C KCX C 187 26.78 14.47 -9.49
O KCX C 187 28.01 14.81 -9.42
CX KCX C 187 28.40 11.91 -4.53
OQ1 KCX C 187 28.86 10.81 -4.35
OQ2 KCX C 187 28.81 13.02 -4.01
N ASP C 188 25.77 15.14 -8.96
CA ASP C 188 25.97 16.20 -7.97
C ASP C 188 26.64 15.64 -6.71
N ASP C 189 27.51 16.40 -6.05
CA ASP C 189 27.93 15.99 -4.70
C ASP C 189 26.75 15.92 -3.75
N GLU C 190 26.89 15.07 -2.74
CA GLU C 190 25.80 14.89 -1.78
C GLU C 190 25.42 16.23 -1.14
N ASN C 191 26.36 17.16 -0.99
CA ASN C 191 26.05 18.43 -0.33
C ASN C 191 25.69 19.54 -1.31
N LEU C 192 25.66 19.25 -2.60
CA LEU C 192 25.20 20.21 -3.60
C LEU C 192 23.69 20.05 -3.75
N ASN C 193 22.94 21.05 -3.25
CA ASN C 193 21.49 20.96 -3.25
C ASN C 193 21.02 22.20 -4.02
N SER C 194 20.59 23.26 -3.33
CA SER C 194 20.40 24.54 -4.00
C SER C 194 21.02 25.63 -3.12
N GLN C 195 22.05 26.31 -3.63
CA GLN C 195 22.83 27.24 -2.84
C GLN C 195 23.05 28.54 -3.60
N PRO C 196 23.47 29.61 -2.90
CA PRO C 196 23.63 30.90 -3.58
C PRO C 196 24.51 30.85 -4.82
N PHE C 197 25.55 30.02 -4.84
CA PHE C 197 26.46 30.00 -5.98
C PHE C 197 25.99 29.08 -7.11
N ASN C 198 24.96 28.28 -6.88
CA ASN C 198 24.48 27.24 -7.82
C ASN C 198 23.07 26.81 -7.40
N ARG C 199 22.05 27.47 -7.95
CA ARG C 199 20.66 27.14 -7.60
C ARG C 199 20.17 25.98 -8.45
N TRP C 200 19.26 25.18 -7.87
CA TRP C 200 18.99 23.88 -8.47
C TRP C 200 18.30 24.02 -9.83
N ARG C 201 17.39 24.99 -10.01
CA ARG C 201 16.71 25.06 -11.31
C ARG C 201 17.70 25.29 -12.46
N ASP C 202 18.61 26.25 -12.28
CA ASP C 202 19.63 26.55 -13.30
C ASP C 202 20.49 25.32 -13.55
N ARG C 203 20.90 24.65 -12.48
CA ARG C 203 21.77 23.50 -12.66
C ARG C 203 21.04 22.38 -13.40
N PHE C 204 19.79 22.12 -13.04
CA PHE C 204 19.06 21.03 -13.71
C PHE C 204 18.95 21.30 -15.21
N LEU C 205 18.64 22.55 -15.59
CA LEU C 205 18.49 22.93 -16.98
C LEU C 205 19.79 22.75 -17.75
N TYR C 206 20.89 23.35 -17.26
CA TYR C 206 22.17 23.28 -17.97
C TYR C 206 22.68 21.85 -18.03
N VAL C 207 22.57 21.12 -16.92
CA VAL C 207 23.04 19.73 -16.95
C VAL C 207 22.30 18.94 -18.01
N MET C 208 20.97 19.11 -18.10
CA MET C 208 20.28 18.34 -19.13
C MET C 208 20.68 18.77 -20.56
N GLU C 209 21.06 20.02 -20.78
CA GLU C 209 21.64 20.37 -22.08
C GLU C 209 22.90 19.54 -22.34
N ALA C 210 23.77 19.49 -21.34
CA ALA C 210 25.03 18.74 -21.43
C ALA C 210 24.79 17.25 -21.68
N VAL C 211 23.85 16.66 -20.92
CA VAL C 211 23.53 15.24 -21.06
C VAL C 211 23.05 14.96 -22.48
N ARG C 212 22.15 15.81 -22.99
CA ARG C 212 21.61 15.59 -24.34
C ARG C 212 22.70 15.75 -25.40
N LYS C 213 23.57 16.75 -25.22
CA LYS C 213 24.65 16.99 -26.16
C LYS C 213 25.63 15.82 -26.17
N ALA C 214 26.01 15.31 -24.98
CA ALA C 214 26.91 14.17 -24.94
C ALA C 214 26.28 12.91 -25.51
N GLU C 215 24.96 12.71 -25.27
CA GLU C 215 24.28 11.54 -25.81
C GLU C 215 24.27 11.60 -27.34
N ALA C 216 23.95 12.77 -27.89
CA ALA C 216 23.94 12.91 -29.35
C ALA C 216 25.33 12.68 -29.94
N GLU C 217 26.38 13.20 -29.28
CA GLU C 217 27.71 13.15 -29.85
C GLU C 217 28.31 11.77 -29.75
N THR C 218 28.02 11.03 -28.67
CA THR C 218 28.66 9.73 -28.51
C THR C 218 27.81 8.58 -29.04
N GLY C 219 26.50 8.75 -29.09
CA GLY C 219 25.58 7.69 -29.44
C GLY C 219 25.23 6.75 -28.31
N GLU C 220 25.74 7.00 -27.09
CA GLU C 220 25.43 6.18 -25.93
C GLU C 220 24.50 6.93 -24.99
N ARG C 221 23.55 6.21 -24.40
CA ARG C 221 22.64 6.84 -23.45
C ARG C 221 23.38 7.36 -22.22
N LYS C 222 23.02 8.56 -21.75
CA LYS C 222 23.74 9.20 -20.66
C LYS C 222 22.78 9.55 -19.55
N GLY C 223 23.33 9.84 -18.39
CA GLY C 223 22.49 10.41 -17.35
C GLY C 223 23.34 11.17 -16.36
N HIS C 224 22.66 11.99 -15.58
CA HIS C 224 23.30 12.73 -14.50
C HIS C 224 22.41 12.63 -13.28
N TRP C 225 23.02 12.35 -12.13
CA TRP C 225 22.25 12.13 -10.90
C TRP C 225 22.01 13.50 -10.27
N LEU C 226 20.88 14.11 -10.68
CA LEU C 226 20.44 15.41 -10.20
C LEU C 226 19.97 15.30 -8.76
N ASN C 227 20.64 16.00 -7.85
CA ASN C 227 20.33 15.88 -6.43
C ASN C 227 19.08 16.69 -6.09
N VAL C 228 18.02 16.01 -5.65
CA VAL C 228 16.79 16.69 -5.24
C VAL C 228 16.74 16.91 -3.76
N THR C 229 17.77 16.43 -3.01
CA THR C 229 17.85 16.58 -1.56
C THR C 229 17.58 18.04 -1.19
N ALA C 230 16.66 18.26 -0.27
CA ALA C 230 16.27 19.62 0.06
C ALA C 230 15.74 19.65 1.50
N GLY C 231 15.38 20.85 1.97
CA GLY C 231 15.03 21.00 3.37
C GLY C 231 13.68 20.41 3.75
N SER C 232 12.78 20.24 2.79
CA SER C 232 11.44 19.72 3.04
C SER C 232 11.07 18.76 1.92
N THR C 233 10.13 17.86 2.21
CA THR C 233 9.70 16.88 1.22
C THR C 233 9.10 17.57 0.00
N GLU C 234 8.31 18.62 0.23
CA GLU C 234 7.65 19.28 -0.90
C GLU C 234 8.69 19.85 -1.85
N GLU C 235 9.76 20.42 -1.31
CA GLU C 235 10.80 20.95 -2.17
C GLU C 235 11.50 19.83 -2.96
N MET C 236 11.76 18.69 -2.32
CA MET C 236 12.38 17.58 -3.08
C MET C 236 11.46 17.15 -4.22
N LEU C 237 10.16 17.07 -3.95
CA LEU C 237 9.25 16.59 -5.01
C LEU C 237 9.14 17.58 -6.14
N LYS C 238 9.23 18.89 -5.84
CA LYS C 238 9.22 19.89 -6.92
C LYS C 238 10.46 19.77 -7.79
N ARG C 239 11.62 19.51 -7.17
CA ARG C 239 12.85 19.32 -7.93
C ARG C 239 12.79 18.05 -8.76
N ALA C 240 12.24 16.98 -8.20
CA ALA C 240 12.08 15.75 -8.98
C ALA C 240 11.16 15.98 -10.16
N GLU C 241 10.08 16.75 -9.93
CA GLU C 241 9.13 17.05 -11.00
C GLU C 241 9.82 17.76 -12.15
N PHE C 242 10.66 18.73 -11.84
CA PHE C 242 11.37 19.45 -12.91
C PHE C 242 12.37 18.54 -13.63
N ALA C 243 13.07 17.67 -12.89
CA ALA C 243 13.96 16.72 -13.55
C ALA C 243 13.19 15.88 -14.56
N ALA C 244 11.99 15.44 -14.18
CA ALA C 244 11.14 14.64 -15.09
C ALA C 244 10.70 15.46 -16.30
N GLU C 245 10.29 16.71 -16.09
CA GLU C 245 9.91 17.58 -17.23
C GLU C 245 11.04 17.73 -18.21
N LEU C 246 12.30 17.75 -17.73
CA LEU C 246 13.44 17.89 -18.62
C LEU C 246 13.86 16.57 -19.25
N GLY C 247 13.21 15.46 -18.93
CA GLY C 247 13.62 14.17 -19.48
C GLY C 247 14.88 13.58 -18.88
N SER C 248 15.23 13.95 -17.66
CA SER C 248 16.32 13.25 -16.99
C SER C 248 15.95 11.81 -16.73
N ARG C 249 16.90 10.89 -16.99
CA ARG C 249 16.65 9.51 -16.59
C ARG C 249 16.78 9.30 -15.09
N TYR C 250 17.41 10.26 -14.37
CA TYR C 250 17.79 10.05 -12.98
C TYR C 250 17.45 11.24 -12.10
N ILE C 251 17.21 10.95 -10.83
CA ILE C 251 17.42 11.90 -9.75
C ILE C 251 18.24 11.20 -8.68
N MET C 252 18.62 11.97 -7.67
CA MET C 252 19.44 11.47 -6.56
C MET C 252 18.87 12.00 -5.27
N VAL C 253 18.97 11.20 -4.20
CA VAL C 253 18.55 11.67 -2.87
C VAL C 253 19.59 11.21 -1.84
N ASP C 254 19.88 12.06 -0.87
CA ASP C 254 20.66 11.63 0.29
C ASP C 254 19.67 11.02 1.27
N PHE C 255 19.52 9.70 1.25
CA PHE C 255 18.34 9.13 1.91
C PHE C 255 18.40 9.21 3.43
N LEU C 256 19.60 9.30 4.03
CA LEU C 256 19.71 9.39 5.48
C LEU C 256 19.60 10.83 5.96
N THR C 257 20.20 11.77 5.25
CA THR C 257 20.04 13.15 5.74
C THR C 257 18.64 13.70 5.48
N ALA C 258 18.07 13.44 4.29
CA ALA C 258 16.65 13.77 4.08
C ALA C 258 15.76 12.96 5.03
N GLY C 259 16.12 11.70 5.25
CA GLY C 259 15.45 10.82 6.19
C GLY C 259 14.45 9.91 5.51
N PHE C 260 14.06 8.86 6.23
CA PHE C 260 13.34 7.76 5.59
C PHE C 260 11.91 8.12 5.17
N ALA C 261 11.21 9.01 5.90
CA ALA C 261 9.84 9.35 5.48
C ALA C 261 9.84 10.11 4.15
N ALA C 262 10.73 11.10 4.02
CA ALA C 262 10.87 11.83 2.77
C ALA C 262 11.41 10.92 1.67
N PHE C 263 12.36 10.03 2.02
CA PHE C 263 12.88 9.06 1.05
C PHE C 263 11.75 8.25 0.44
N ALA C 264 10.85 7.72 1.28
CA ALA C 264 9.70 6.98 0.77
C ALA C 264 8.86 7.86 -0.16
N SER C 265 8.66 9.12 0.21
CA SER C 265 7.92 10.01 -0.69
C SER C 265 8.60 10.14 -2.06
N VAL C 266 9.91 10.32 -2.07
CA VAL C 266 10.66 10.45 -3.31
C VAL C 266 10.62 9.15 -4.12
N ARG C 267 10.72 7.99 -3.45
CA ARG C 267 10.69 6.74 -4.19
C ARG C 267 9.38 6.60 -4.95
N ARG C 268 8.27 6.92 -4.29
CA ARG C 268 6.98 6.84 -4.95
C ARG C 268 6.92 7.80 -6.13
N TRP C 269 7.37 9.03 -5.92
CA TRP C 269 7.31 10.02 -6.99
C TRP C 269 8.18 9.59 -8.16
N ALA C 270 9.37 9.08 -7.86
CA ALA C 270 10.28 8.64 -8.91
C ALA C 270 9.65 7.52 -9.72
N ARG C 271 9.05 6.53 -9.04
CA ARG C 271 8.43 5.43 -9.77
C ARG C 271 7.30 5.93 -10.68
N GLU C 272 6.46 6.81 -10.14
CA GLU C 272 5.30 7.25 -10.90
C GLU C 272 5.67 8.19 -12.03
N ASN C 273 6.90 8.72 -12.05
CA ASN C 273 7.29 9.69 -13.07
C ASN C 273 8.43 9.20 -13.95
N GLY C 274 8.75 7.92 -13.87
CA GLY C 274 9.69 7.30 -14.77
C GLY C 274 11.13 7.64 -14.51
N LEU C 275 11.47 8.04 -13.28
CA LEU C 275 12.84 8.41 -12.91
C LEU C 275 13.52 7.27 -12.14
N MET C 276 14.79 7.04 -12.45
CA MET C 276 15.63 6.15 -11.66
C MET C 276 16.23 6.94 -10.51
N LEU C 277 16.53 6.26 -9.40
CA LEU C 277 16.77 6.92 -8.11
C LEU C 277 18.13 6.51 -7.51
N HIS C 278 19.12 7.39 -7.66
CA HIS C 278 20.42 7.17 -7.03
C HIS C 278 20.32 7.55 -5.54
N CYS C 279 20.84 6.70 -4.66
CA CYS C 279 20.79 6.98 -3.23
C CYS C 279 22.20 7.15 -2.68
N HIS C 280 22.46 8.30 -2.07
CA HIS C 280 23.73 8.60 -1.44
C HIS C 280 23.58 8.38 0.07
N ARG C 281 24.57 7.75 0.69
CA ARG C 281 24.44 7.35 2.08
C ARG C 281 25.07 8.36 3.04
N ALA C 282 25.13 9.64 2.66
CA ALA C 282 25.62 10.70 3.54
C ALA C 282 25.05 10.54 4.95
N MET C 283 25.98 10.62 5.93
CA MET C 283 25.74 10.53 7.40
C MET C 283 25.95 9.11 7.92
N HIS C 284 26.04 8.13 7.03
CA HIS C 284 26.03 6.75 7.52
C HIS C 284 27.18 6.51 8.52
N ALA C 285 28.39 7.06 8.25
CA ALA C 285 29.52 6.71 9.08
C ALA C 285 29.48 7.39 10.45
N VAL C 286 28.57 8.36 10.66
CA VAL C 286 28.31 8.86 12.01
C VAL C 286 27.96 7.72 12.96
N PHE C 287 27.25 6.71 12.46
CA PHE C 287 26.80 5.64 13.37
C PHE C 287 27.01 4.21 12.88
N ASP C 288 27.55 4.00 11.67
CA ASP C 288 27.80 2.62 11.24
C ASP C 288 29.26 2.24 11.25
N ARG C 289 30.15 3.12 11.72
CA ARG C 289 31.57 2.81 11.60
C ARG C 289 32.15 2.06 12.80
N GLN C 290 31.85 2.52 14.02
CA GLN C 290 32.58 1.96 15.16
C GLN C 290 31.97 0.63 15.54
N PRO C 291 32.80 -0.37 15.85
CA PRO C 291 32.27 -1.73 16.08
C PRO C 291 31.52 -1.89 17.39
N ASN C 292 31.61 -0.91 18.31
CA ASN C 292 30.92 -1.03 19.59
C ASN C 292 29.57 -0.37 19.64
N HIS C 293 29.25 0.54 18.71
CA HIS C 293 28.01 1.30 18.88
C HIS C 293 27.44 1.76 17.53
N GLY C 294 26.12 1.62 17.37
CA GLY C 294 25.41 2.20 16.25
C GLY C 294 24.63 1.14 15.49
N ILE C 295 24.57 1.31 14.17
CA ILE C 295 23.79 0.44 13.28
C ILE C 295 24.72 0.06 12.13
N HIS C 296 24.92 -1.23 11.93
CA HIS C 296 25.82 -1.65 10.85
C HIS C 296 25.28 -1.24 9.50
N PHE C 297 26.19 -0.94 8.58
CA PHE C 297 25.72 -0.57 7.25
C PHE C 297 24.87 -1.68 6.61
N ARG C 298 25.12 -2.95 6.90
CA ARG C 298 24.32 -3.97 6.20
C ARG C 298 22.85 -3.85 6.58
N VAL C 299 22.54 -3.34 7.76
CA VAL C 299 21.15 -3.10 8.15
C VAL C 299 20.58 -1.93 7.34
N LEU C 300 21.34 -0.82 7.27
CA LEU C 300 20.94 0.31 6.45
C LEU C 300 20.72 -0.11 5.01
N ALA C 301 21.60 -0.98 4.48
CA ALA C 301 21.47 -1.48 3.13
C ALA C 301 20.16 -2.27 2.95
N LYS C 302 19.79 -3.10 3.94
CA LYS C 302 18.51 -3.81 3.82
C LYS C 302 17.35 -2.81 3.76
N TRP C 303 17.35 -1.83 4.66
CA TRP C 303 16.28 -0.86 4.67
C TRP C 303 16.21 -0.09 3.38
N LEU C 304 17.38 0.26 2.82
CA LEU C 304 17.46 0.95 1.54
C LEU C 304 16.80 0.12 0.43
N ARG C 305 17.12 -1.18 0.37
CA ARG C 305 16.53 -2.02 -0.67
C ARG C 305 15.01 -2.14 -0.48
N MET C 306 14.53 -2.08 0.76
CA MET C 306 13.09 -2.20 1.00
C MET C 306 12.31 -0.97 0.53
N VAL C 307 12.75 0.21 0.93
CA VAL C 307 11.99 1.43 0.54
C VAL C 307 12.06 1.49 -0.98
N GLY C 308 13.25 1.23 -1.47
CA GLY C 308 13.47 1.24 -2.90
C GLY C 308 14.42 2.31 -3.37
N GLY C 309 15.71 2.00 -3.40
CA GLY C 309 16.66 2.86 -4.11
C GLY C 309 17.20 2.03 -5.28
N ASP C 310 17.58 2.66 -6.38
CA ASP C 310 18.12 1.92 -7.51
C ASP C 310 19.61 1.64 -7.38
N HIS C 311 20.32 2.50 -6.66
CA HIS C 311 21.72 2.27 -6.34
C HIS C 311 21.94 2.74 -4.91
N VAL C 312 22.96 2.18 -4.26
CA VAL C 312 23.49 2.81 -3.04
C VAL C 312 25.00 2.58 -2.99
N HIS C 313 25.70 3.56 -2.43
CA HIS C 313 27.15 3.42 -2.26
C HIS C 313 27.46 2.32 -1.25
N THR C 314 28.50 1.54 -1.53
CA THR C 314 28.87 0.43 -0.67
C THR C 314 30.30 0.55 -0.17
N GLY C 315 31.02 1.57 -0.60
CA GLY C 315 32.44 1.67 -0.29
C GLY C 315 33.24 1.03 -1.41
N THR C 316 34.56 1.26 -1.36
CA THR C 316 35.47 0.74 -2.37
C THR C 316 36.44 -0.29 -1.83
N VAL C 317 36.57 -0.41 -0.50
CA VAL C 317 37.64 -1.16 0.15
C VAL C 317 39.01 -0.48 -0.03
N VAL C 318 39.41 -0.21 -1.29
CA VAL C 318 40.77 0.24 -1.60
C VAL C 318 40.94 1.75 -1.68
N GLY C 319 39.86 2.53 -1.63
CA GLY C 319 39.91 3.98 -1.79
C GLY C 319 40.11 4.78 -0.51
N LYS C 320 39.66 6.05 -0.50
CA LYS C 320 39.98 6.94 0.60
C LYS C 320 39.08 6.73 1.83
N LEU C 321 37.94 6.07 1.69
CA LEU C 321 37.04 5.87 2.82
C LEU C 321 37.14 4.42 3.29
N GLU C 322 36.88 4.22 4.57
CA GLU C 322 37.09 2.93 5.20
C GLU C 322 36.08 1.92 4.65
N GLY C 323 36.56 0.69 4.44
CA GLY C 323 35.70 -0.39 4.02
C GLY C 323 36.37 -1.71 4.38
N ASP C 324 35.57 -2.70 4.75
CA ASP C 324 36.06 -4.03 5.08
C ASP C 324 35.65 -4.94 3.93
N ARG C 325 36.63 -5.62 3.32
CA ARG C 325 36.34 -6.43 2.12
C ARG C 325 35.30 -7.52 2.38
N ALA C 326 35.43 -8.27 3.50
CA ALA C 326 34.48 -9.34 3.77
C ALA C 326 33.08 -8.76 4.00
N GLU C 327 32.99 -7.68 4.78
CA GLU C 327 31.67 -7.08 5.00
C GLU C 327 31.08 -6.57 3.69
N THR C 328 31.92 -5.96 2.85
CA THR C 328 31.43 -5.38 1.60
C THR C 328 30.92 -6.47 0.66
N LEU C 329 31.60 -7.63 0.60
CA LEU C 329 31.11 -8.70 -0.25
C LEU C 329 29.73 -9.20 0.22
N GLY C 330 29.52 -9.25 1.54
CA GLY C 330 28.22 -9.66 2.02
C GLY C 330 27.15 -8.63 1.73
N ILE C 331 27.49 -7.34 1.86
CA ILE C 331 26.53 -6.28 1.57
C ILE C 331 26.17 -6.27 0.08
N ALA C 332 27.16 -6.49 -0.79
CA ALA C 332 26.84 -6.57 -2.21
C ALA C 332 25.83 -7.67 -2.49
N ASP C 333 26.00 -8.85 -1.87
CA ASP C 333 25.01 -9.93 -2.02
C ASP C 333 23.65 -9.51 -1.46
N LEU C 334 23.64 -8.85 -0.30
CA LEU C 334 22.36 -8.41 0.27
C LEU C 334 21.64 -7.46 -0.68
N LEU C 335 22.39 -6.64 -1.43
CA LEU C 335 21.76 -5.68 -2.32
C LEU C 335 21.28 -6.31 -3.63
N ARG C 336 21.94 -7.38 -4.10
CA ARG C 336 21.73 -7.89 -5.46
C ARG C 336 21.05 -9.24 -5.56
N GLU C 337 21.17 -10.10 -4.54
CA GLU C 337 20.72 -11.47 -4.70
C GLU C 337 19.28 -11.69 -4.19
N ASP C 338 18.67 -12.78 -4.65
CA ASP C 338 17.30 -13.13 -4.24
C ASP C 338 17.25 -13.74 -2.84
N TYR C 339 18.37 -14.33 -2.41
CA TYR C 339 18.46 -15.06 -1.15
C TYR C 339 19.94 -15.09 -0.76
N VAL C 340 20.20 -14.73 0.50
CA VAL C 340 21.57 -14.64 1.00
C VAL C 340 21.66 -15.48 2.27
N PRO C 341 22.37 -16.60 2.26
CA PRO C 341 22.48 -17.39 3.49
C PRO C 341 23.40 -16.70 4.50
N ALA C 342 23.16 -17.01 5.78
CA ALA C 342 24.03 -16.58 6.87
C ALA C 342 25.47 -16.99 6.62
N ASP C 343 26.38 -16.15 7.08
CA ASP C 343 27.81 -16.40 6.90
C ASP C 343 28.56 -15.60 7.98
N PRO C 344 28.93 -16.25 9.08
CA PRO C 344 29.64 -15.52 10.16
C PRO C 344 30.92 -14.87 9.67
N GLY C 345 31.59 -15.45 8.67
CA GLY C 345 32.81 -14.85 8.15
C GLY C 345 32.61 -13.57 7.36
N ARG C 346 31.36 -13.16 7.10
CA ARG C 346 31.07 -11.84 6.55
C ARG C 346 30.10 -11.07 7.42
N GLY C 347 29.91 -11.51 8.66
CA GLY C 347 29.02 -10.81 9.53
C GLY C 347 27.57 -10.88 9.12
N LEU C 348 27.21 -11.86 8.30
CA LEU C 348 25.79 -12.07 7.95
C LEU C 348 25.22 -13.02 8.99
N PHE C 349 24.50 -12.48 9.98
CA PHE C 349 24.02 -13.27 11.11
C PHE C 349 22.81 -14.12 10.77
N PHE C 350 22.04 -13.76 9.75
CA PHE C 350 20.79 -14.43 9.45
C PHE C 350 20.74 -14.77 7.97
N ASP C 351 20.01 -15.81 7.64
CA ASP C 351 19.60 -15.98 6.25
C ASP C 351 18.61 -14.87 5.90
N GLN C 352 18.77 -14.27 4.71
CA GLN C 352 17.86 -13.22 4.26
C GLN C 352 17.27 -13.64 2.90
N ASP C 353 15.96 -13.93 2.89
CA ASP C 353 15.20 -14.10 1.66
C ASP C 353 14.72 -12.73 1.23
N TRP C 354 14.77 -12.45 -0.07
CA TRP C 354 14.37 -11.11 -0.48
C TRP C 354 12.96 -11.04 -1.06
N ALA C 355 12.17 -12.13 -1.03
CA ALA C 355 10.73 -12.04 -1.29
C ALA C 355 10.42 -11.46 -2.69
N GLY C 356 11.32 -11.68 -3.64
CA GLY C 356 11.19 -11.15 -4.99
C GLY C 356 11.43 -9.66 -5.17
N LEU C 357 11.92 -8.94 -4.16
CA LEU C 357 12.15 -7.52 -4.36
C LEU C 357 13.26 -7.33 -5.39
N LYS C 358 13.17 -6.23 -6.16
CA LYS C 358 14.19 -5.97 -7.17
C LYS C 358 15.56 -5.71 -6.51
N PRO C 359 16.64 -5.94 -7.24
CA PRO C 359 17.99 -5.68 -6.70
C PRO C 359 18.47 -4.25 -6.91
N VAL C 360 19.47 -3.88 -6.09
CA VAL C 360 20.05 -2.54 -6.04
C VAL C 360 21.47 -2.58 -6.58
N PHE C 361 21.88 -1.59 -7.38
CA PHE C 361 23.29 -1.50 -7.82
C PHE C 361 24.18 -1.06 -6.66
N PRO C 362 25.21 -1.84 -6.28
CA PRO C 362 26.30 -1.27 -5.47
C PRO C 362 27.00 -0.17 -6.26
N VAL C 363 27.47 0.84 -5.53
CA VAL C 363 28.23 1.95 -6.11
C VAL C 363 29.53 2.09 -5.34
N ALA C 364 30.65 1.95 -6.04
CA ALA C 364 31.98 2.04 -5.46
C ALA C 364 32.55 3.42 -5.83
N SER C 365 32.81 4.26 -4.81
CA SER C 365 33.21 5.64 -5.07
C SER C 365 34.13 6.11 -3.94
N GLY C 366 35.12 6.93 -4.29
CA GLY C 366 35.82 7.70 -3.27
C GLY C 366 37.32 7.40 -3.27
N GLY C 367 38.11 8.30 -3.86
CA GLY C 367 39.54 8.16 -3.87
C GLY C 367 40.06 7.06 -4.79
N ILE C 368 39.29 6.65 -5.79
CA ILE C 368 39.77 5.59 -6.68
C ILE C 368 40.23 6.15 -8.01
N HIS C 369 41.13 5.41 -8.63
CA HIS C 369 41.71 5.78 -9.91
C HIS C 369 42.00 4.51 -10.69
N VAL C 370 42.60 4.67 -11.88
CA VAL C 370 42.67 3.56 -12.82
C VAL C 370 43.36 2.35 -12.21
N TRP C 371 44.35 2.56 -11.33
CA TRP C 371 45.10 1.41 -10.85
C TRP C 371 44.23 0.51 -9.99
N HIS C 372 43.11 1.02 -9.49
CA HIS C 372 42.21 0.24 -8.65
C HIS C 372 41.26 -0.63 -9.47
N VAL C 373 41.22 -0.45 -10.79
CA VAL C 373 40.15 -1.08 -11.57
C VAL C 373 40.24 -2.60 -11.52
N PRO C 374 41.42 -3.23 -11.61
CA PRO C 374 41.46 -4.70 -11.43
C PRO C 374 40.84 -5.15 -10.13
N ASP C 375 41.24 -4.55 -9.00
CA ASP C 375 40.61 -4.94 -7.73
C ASP C 375 39.10 -4.70 -7.72
N LEU C 376 38.65 -3.58 -8.25
CA LEU C 376 37.22 -3.29 -8.17
C LEU C 376 36.41 -4.28 -8.99
N VAL C 377 36.90 -4.63 -10.20
CA VAL C 377 36.18 -5.61 -11.01
C VAL C 377 36.16 -6.97 -10.28
N SER C 378 37.28 -7.31 -9.64
CA SER C 378 37.37 -8.56 -8.89
C SER C 378 36.38 -8.59 -7.72
N ILE C 379 36.25 -7.47 -6.99
CA ILE C 379 35.34 -7.43 -5.84
C ILE C 379 33.88 -7.48 -6.28
N PHE C 380 33.49 -6.62 -7.26
CA PHE C 380 32.08 -6.36 -7.53
C PHE C 380 31.52 -7.08 -8.74
N GLY C 381 32.38 -7.49 -9.69
CA GLY C 381 31.82 -8.02 -10.91
C GLY C 381 31.14 -6.93 -11.73
N ASP C 382 30.30 -7.35 -12.68
CA ASP C 382 29.72 -6.38 -13.61
C ASP C 382 28.66 -5.48 -13.00
N ASP C 383 27.89 -5.95 -12.02
CA ASP C 383 26.70 -5.19 -11.61
C ASP C 383 27.08 -4.22 -10.51
N ALA C 384 27.72 -3.14 -10.93
CA ALA C 384 28.12 -2.08 -10.02
C ALA C 384 28.39 -0.84 -10.85
N PHE C 385 28.32 0.33 -10.18
CA PHE C 385 28.88 1.56 -10.74
C PHE C 385 30.21 1.81 -10.05
N PHE C 386 31.22 2.20 -10.83
CA PHE C 386 32.48 2.72 -10.28
C PHE C 386 32.53 4.22 -10.57
N LEU C 387 32.65 5.05 -9.53
CA LEU C 387 32.63 6.51 -9.70
C LEU C 387 34.03 7.09 -9.54
N PHE C 388 34.43 7.94 -10.50
CA PHE C 388 35.73 8.61 -10.48
C PHE C 388 35.46 10.10 -10.52
N GLY C 389 35.54 10.76 -9.36
CA GLY C 389 35.43 12.22 -9.34
C GLY C 389 36.79 12.87 -9.53
N GLY C 390 37.53 13.00 -8.44
CA GLY C 390 38.93 13.41 -8.55
C GLY C 390 39.68 12.62 -9.61
N GLY C 391 39.39 11.31 -9.70
CA GLY C 391 40.08 10.45 -10.69
C GLY C 391 39.68 10.71 -12.14
N THR C 392 38.74 11.62 -12.37
CA THR C 392 38.39 12.09 -13.71
C THR C 392 38.88 13.50 -13.94
N HIS C 393 38.38 14.48 -13.14
CA HIS C 393 38.76 15.88 -13.35
C HIS C 393 40.22 16.14 -13.02
N GLY C 394 40.86 15.27 -12.24
CA GLY C 394 42.25 15.42 -11.86
C GLY C 394 43.22 14.87 -12.87
N HIS C 395 42.71 14.33 -13.98
CA HIS C 395 43.58 13.94 -15.09
C HIS C 395 44.41 15.13 -15.58
N PRO C 396 45.68 14.92 -15.99
CA PRO C 396 46.51 16.05 -16.45
C PRO C 396 45.85 16.89 -17.55
N ARG C 397 45.00 16.31 -18.38
CA ARG C 397 44.38 17.05 -19.48
C ARG C 397 42.91 17.36 -19.22
N GLY C 398 42.46 17.24 -17.98
CA GLY C 398 41.06 17.55 -17.67
C GLY C 398 40.08 16.40 -17.85
N SER C 399 38.78 16.77 -17.79
CA SER C 399 37.72 15.79 -17.50
C SER C 399 37.41 14.88 -18.70
N ARG C 400 37.45 15.38 -19.93
CA ARG C 400 37.16 14.50 -21.06
C ARG C 400 38.21 13.40 -21.13
N ALA C 401 39.48 13.77 -21.03
CA ALA C 401 40.58 12.81 -21.06
C ALA C 401 40.49 11.85 -19.87
N GLY C 402 40.17 12.38 -18.69
CA GLY C 402 40.06 11.52 -17.51
C GLY C 402 38.95 10.48 -17.66
N ALA C 403 37.80 10.90 -18.21
CA ALA C 403 36.69 10.00 -18.44
C ALA C 403 37.09 8.88 -19.39
N THR C 404 37.82 9.23 -20.44
CA THR C 404 38.23 8.23 -21.41
C THR C 404 39.18 7.22 -20.78
N ALA C 405 40.16 7.71 -20.00
CA ALA C 405 41.07 6.83 -19.28
C ALA C 405 40.28 5.85 -18.43
N ASN C 406 39.27 6.34 -17.73
CA ASN C 406 38.58 5.46 -16.79
C ASN C 406 37.70 4.46 -17.51
N ARG C 407 37.03 4.90 -18.56
CA ARG C 407 36.21 3.98 -19.36
C ARG C 407 37.07 2.90 -20.00
N VAL C 408 38.22 3.27 -20.60
CA VAL C 408 39.12 2.28 -21.20
C VAL C 408 39.62 1.28 -20.15
N ALA C 409 40.00 1.75 -18.98
CA ALA C 409 40.51 0.85 -17.94
C ALA C 409 39.48 -0.21 -17.60
N VAL C 410 38.23 0.21 -17.39
CA VAL C 410 37.19 -0.76 -17.02
C VAL C 410 36.99 -1.76 -18.15
N GLU C 411 36.90 -1.27 -19.40
CA GLU C 411 36.63 -2.18 -20.53
C GLU C 411 37.78 -3.15 -20.75
N ALA C 412 39.02 -2.65 -20.65
CA ALA C 412 40.18 -3.51 -20.82
C ALA C 412 40.19 -4.63 -19.78
N VAL C 413 39.88 -4.30 -18.53
CA VAL C 413 39.93 -5.30 -17.46
C VAL C 413 38.80 -6.29 -17.62
N VAL C 414 37.59 -5.81 -18.00
CA VAL C 414 36.48 -6.72 -18.30
C VAL C 414 36.85 -7.63 -19.46
N GLN C 415 37.40 -7.06 -20.53
CA GLN C 415 37.78 -7.93 -21.65
C GLN C 415 38.74 -9.02 -21.17
N ALA C 416 39.77 -8.64 -20.40
CA ALA C 416 40.78 -9.60 -19.94
C ALA C 416 40.16 -10.68 -19.07
N ARG C 417 39.33 -10.28 -18.10
CA ARG C 417 38.62 -11.26 -17.29
C ARG C 417 37.89 -12.28 -18.16
N ASN C 418 37.14 -11.78 -19.13
CA ASN C 418 36.30 -12.63 -19.97
C ASN C 418 37.13 -13.58 -20.80
N GLU C 419 38.35 -13.17 -21.17
CA GLU C 419 39.23 -14.04 -21.93
C GLU C 419 39.84 -15.13 -21.05
N GLY C 420 39.61 -15.09 -19.74
CA GLY C 420 40.21 -16.04 -18.83
C GLY C 420 41.51 -15.63 -18.18
N ARG C 421 41.92 -14.37 -18.28
CA ARG C 421 43.13 -13.91 -17.61
C ARG C 421 42.85 -13.67 -16.13
N ASP C 422 43.91 -13.78 -15.32
CA ASP C 422 43.81 -13.49 -13.88
C ASP C 422 44.03 -11.98 -13.74
N ILE C 423 42.93 -11.24 -13.54
CA ILE C 423 43.02 -9.78 -13.58
C ILE C 423 43.72 -9.23 -12.35
N LEU C 424 43.81 -10.01 -11.28
CA LEU C 424 44.61 -9.59 -10.14
C LEU C 424 46.09 -9.83 -10.40
N ALA C 425 46.45 -11.04 -10.84
CA ALA C 425 47.86 -11.33 -11.07
C ALA C 425 48.41 -10.51 -12.22
N GLU C 426 47.58 -10.21 -13.23
CA GLU C 426 48.04 -9.53 -14.43
C GLU C 426 47.47 -8.11 -14.55
N GLY C 427 46.95 -7.55 -13.45
CA GLY C 427 46.26 -6.27 -13.54
C GLY C 427 47.12 -5.18 -14.15
N ARG C 428 48.35 -5.06 -13.67
CA ARG C 428 49.23 -4.01 -14.20
C ARG C 428 49.48 -4.20 -15.69
N GLU C 429 49.75 -5.44 -16.09
CA GLU C 429 50.05 -5.71 -17.50
C GLU C 429 48.85 -5.44 -18.39
N ILE C 430 47.63 -5.78 -17.93
CA ILE C 430 46.41 -5.48 -18.69
C ILE C 430 46.28 -3.98 -18.93
N LEU C 431 46.45 -3.19 -17.86
CA LEU C 431 46.38 -1.74 -18.01
C LEU C 431 47.49 -1.21 -18.91
N GLU C 432 48.73 -1.70 -18.73
CA GLU C 432 49.83 -1.25 -19.58
C GLU C 432 49.53 -1.57 -21.04
N GLU C 433 49.00 -2.76 -21.31
CA GLU C 433 48.64 -3.11 -22.69
C GLU C 433 47.59 -2.16 -23.25
N ALA C 434 46.54 -1.85 -22.48
CA ALA C 434 45.53 -0.94 -22.99
C ALA C 434 46.09 0.46 -23.17
N ALA C 435 47.02 0.90 -22.31
CA ALA C 435 47.57 2.24 -22.41
C ALA C 435 48.42 2.39 -23.67
N ARG C 436 48.85 1.27 -24.27
CA ARG C 436 49.64 1.35 -25.49
C ARG C 436 48.84 1.98 -26.61
N SER C 437 47.51 1.84 -26.58
CA SER C 437 46.62 2.44 -27.56
C SER C 437 45.87 3.67 -27.06
N CYS C 438 46.05 4.04 -25.78
CA CYS C 438 45.21 5.04 -25.13
C CYS C 438 46.08 5.98 -24.30
N PRO C 439 46.53 7.08 -24.91
CA PRO C 439 47.41 8.02 -24.19
C PRO C 439 46.78 8.55 -22.93
N GLU C 440 45.46 8.77 -22.95
CA GLU C 440 44.75 9.25 -21.77
C GLU C 440 45.00 8.32 -20.59
N LEU C 441 44.89 7.01 -20.83
CA LEU C 441 45.11 6.05 -19.75
C LEU C 441 46.57 6.02 -19.32
N ARG C 442 47.53 6.12 -20.25
CA ARG C 442 48.93 6.16 -19.85
C ARG C 442 49.19 7.34 -18.92
N GLU C 443 48.62 8.51 -19.23
CA GLU C 443 48.84 9.69 -18.42
C GLU C 443 48.22 9.54 -17.03
N ALA C 444 47.03 8.93 -16.96
CA ALA C 444 46.40 8.68 -15.66
C ALA C 444 47.26 7.72 -14.84
N MET C 445 47.75 6.66 -15.47
CA MET C 445 48.55 5.67 -14.73
C MET C 445 49.83 6.32 -14.19
N GLU C 446 50.44 7.20 -14.98
CA GLU C 446 51.66 7.87 -14.53
C GLU C 446 51.38 8.81 -13.38
N LEU C 447 50.28 9.57 -13.47
CA LEU C 447 50.01 10.56 -12.44
C LEU C 447 49.81 9.90 -11.08
N TRP C 448 49.02 8.82 -11.03
CA TRP C 448 48.54 8.30 -9.76
C TRP C 448 49.21 6.97 -9.40
N GLY C 449 50.28 6.61 -10.10
CA GLY C 449 50.99 5.36 -9.85
C GLY C 449 51.53 5.19 -8.43
N ASP C 450 51.71 6.28 -7.68
CA ASP C 450 52.20 6.17 -6.31
C ASP C 450 51.14 6.42 -5.23
N VAL C 451 49.85 6.45 -5.60
CA VAL C 451 48.78 6.88 -4.69
C VAL C 451 47.99 5.64 -4.26
N LYS C 452 48.19 5.22 -2.99
CA LYS C 452 47.52 4.04 -2.43
C LYS C 452 46.98 4.40 -1.05
N PHE C 453 45.94 3.67 -0.62
CA PHE C 453 45.29 3.95 0.68
C PHE C 453 45.25 2.74 1.63
N GLN D 5 48.27 22.39 -17.91
CA GLN D 5 47.66 23.72 -17.87
C GLN D 5 47.29 24.11 -16.44
N TYR D 6 47.40 23.13 -15.55
CA TYR D 6 47.23 23.32 -14.13
C TYR D 6 48.11 22.28 -13.44
N GLU D 7 48.22 22.36 -12.11
CA GLU D 7 49.15 21.45 -11.44
C GLU D 7 48.39 20.20 -10.98
N ALA D 8 48.37 19.18 -11.82
CA ALA D 8 47.66 17.95 -11.45
C ALA D 8 48.45 17.14 -10.41
N GLY D 9 47.73 16.28 -9.69
CA GLY D 9 48.35 15.39 -8.73
C GLY D 9 47.83 15.62 -7.31
N VAL D 10 48.21 14.70 -6.44
CA VAL D 10 47.75 14.68 -5.06
C VAL D 10 48.64 15.57 -4.21
N ARG D 11 48.00 16.43 -3.40
CA ARG D 11 48.61 17.28 -2.40
C ARG D 11 48.04 16.92 -1.03
N PRO D 12 48.82 17.08 0.03
CA PRO D 12 48.23 17.03 1.39
C PRO D 12 47.04 17.99 1.51
N TYR D 13 45.99 17.55 2.23
CA TYR D 13 44.86 18.44 2.44
C TYR D 13 45.27 19.71 3.17
N ARG D 14 46.29 19.62 4.05
CA ARG D 14 46.61 20.79 4.85
C ARG D 14 47.12 21.95 4.00
N GLU D 15 47.60 21.71 2.78
CA GLU D 15 48.11 22.82 1.99
C GLU D 15 47.05 23.84 1.68
N THR D 16 45.82 23.39 1.41
CA THR D 16 44.71 24.28 1.08
C THR D 16 43.75 24.51 2.23
N TYR D 17 43.58 23.54 3.12
CA TYR D 17 42.42 23.55 4.03
C TYR D 17 42.78 23.69 5.50
N TYR D 18 44.05 23.84 5.84
CA TYR D 18 44.48 24.19 7.19
C TYR D 18 45.02 25.62 7.10
N ASP D 19 44.39 26.55 7.82
CA ASP D 19 44.86 27.94 7.81
C ASP D 19 44.69 28.53 9.20
N PRO D 20 45.69 28.36 10.08
CA PRO D 20 45.57 28.93 11.44
C PRO D 20 45.63 30.44 11.48
N ASP D 21 45.87 31.12 10.34
CA ASP D 21 45.77 32.59 10.29
C ASP D 21 44.34 33.07 10.04
N TYR D 22 43.43 32.17 9.69
CA TYR D 22 42.10 32.60 9.27
C TYR D 22 41.28 33.12 10.44
N GLU D 23 40.65 34.26 10.23
CA GLU D 23 39.83 34.92 11.23
C GLU D 23 38.35 34.64 10.92
N PRO D 24 37.64 33.86 11.74
CA PRO D 24 36.24 33.56 11.41
C PRO D 24 35.43 34.84 11.25
N LYS D 25 34.55 34.83 10.25
CA LYS D 25 33.62 35.92 10.02
C LYS D 25 32.36 35.69 10.84
N ASP D 26 31.63 36.78 11.12
CA ASP D 26 30.36 36.65 11.83
C ASP D 26 29.33 35.84 11.05
N THR D 27 29.49 35.71 9.73
CA THR D 27 28.59 34.92 8.89
C THR D 27 29.04 33.47 8.69
N ASP D 28 30.20 33.07 9.18
CA ASP D 28 30.65 31.69 9.00
C ASP D 28 29.89 30.75 9.94
N LEU D 29 29.61 29.55 9.48
CA LEU D 29 29.20 28.46 10.37
C LEU D 29 30.46 27.79 10.93
N LEU D 30 30.55 27.66 12.27
CA LEU D 30 31.75 27.14 12.91
C LEU D 30 31.46 25.77 13.51
N CYS D 31 32.38 24.83 13.34
CA CYS D 31 32.26 23.51 13.92
C CYS D 31 33.44 23.21 14.84
N ALA D 32 33.13 22.54 15.95
CA ALA D 32 34.17 21.99 16.83
C ALA D 32 34.12 20.48 16.72
N PHE D 33 35.17 19.89 16.14
CA PHE D 33 35.26 18.44 15.93
C PHE D 33 36.32 17.87 16.85
N ARG D 34 35.99 16.84 17.62
CA ARG D 34 36.99 16.09 18.37
C ARG D 34 37.54 14.99 17.45
N ILE D 35 38.82 15.07 17.12
CA ILE D 35 39.36 14.23 16.04
C ILE D 35 40.35 13.22 16.62
N THR D 36 40.21 11.96 16.21
CA THR D 36 41.22 10.93 16.47
C THR D 36 41.83 10.51 15.13
N PRO D 37 43.02 11.00 14.77
CA PRO D 37 43.61 10.62 13.48
C PRO D 37 44.01 9.16 13.48
N LYS D 38 44.02 8.58 12.30
CA LYS D 38 44.76 7.35 12.12
C LYS D 38 46.18 7.55 12.63
N PRO D 39 46.72 6.62 13.40
CA PRO D 39 48.10 6.77 13.89
C PRO D 39 49.06 7.03 12.73
N GLY D 40 49.92 8.04 12.90
CA GLY D 40 50.81 8.45 11.84
C GLY D 40 50.29 9.56 10.97
N VAL D 41 49.01 9.91 11.07
CA VAL D 41 48.46 11.04 10.35
C VAL D 41 48.49 12.25 11.28
N PRO D 42 49.19 13.34 10.93
CA PRO D 42 49.24 14.51 11.83
C PRO D 42 47.85 15.09 12.04
N MET D 43 47.62 15.64 13.24
CA MET D 43 46.35 16.32 13.52
C MET D 43 46.03 17.34 12.44
N GLU D 44 47.02 18.10 11.98
CA GLU D 44 46.74 19.16 11.02
C GLU D 44 46.21 18.60 9.72
N GLU D 45 46.76 17.47 9.29
CA GLU D 45 46.29 16.82 8.07
C GLU D 45 44.91 16.18 8.25
N ALA D 46 44.68 15.53 9.41
CA ALA D 46 43.35 14.99 9.67
C ALA D 46 42.28 16.08 9.71
N ALA D 47 42.56 17.20 10.38
CA ALA D 47 41.59 18.30 10.43
C ALA D 47 41.38 18.91 9.04
N ALA D 48 42.45 18.98 8.24
CA ALA D 48 42.31 19.53 6.91
C ALA D 48 41.51 18.60 6.00
N ALA D 49 41.65 17.27 6.19
CA ALA D 49 40.83 16.34 5.44
C ALA D 49 39.34 16.55 5.75
N VAL D 50 39.00 16.70 7.04
CA VAL D 50 37.60 16.94 7.38
C VAL D 50 37.12 18.25 6.74
N ALA D 51 37.93 19.32 6.84
CA ALA D 51 37.50 20.60 6.26
C ALA D 51 37.34 20.50 4.75
N ALA D 52 38.30 19.86 4.09
CA ALA D 52 38.25 19.73 2.64
C ALA D 52 37.03 18.94 2.20
N GLU D 53 36.81 17.77 2.81
CA GLU D 53 35.86 16.81 2.27
C GLU D 53 34.43 17.07 2.73
N SER D 54 34.23 18.14 3.52
CA SER D 54 32.91 18.62 3.89
C SER D 54 32.61 19.98 3.22
N SER D 55 33.45 20.42 2.29
CA SER D 55 33.20 21.72 1.67
C SER D 55 33.42 21.65 0.17
N THR D 56 34.67 21.83 -0.30
CA THR D 56 34.95 21.94 -1.73
C THR D 56 35.94 20.91 -2.24
N GLY D 57 36.68 20.24 -1.37
CA GLY D 57 37.87 19.54 -1.82
C GLY D 57 37.61 18.07 -2.14
N THR D 58 38.63 17.43 -2.72
CA THR D 58 38.64 15.96 -2.83
C THR D 58 40.10 15.51 -2.74
N TRP D 59 40.40 14.26 -3.15
CA TRP D 59 41.65 13.59 -2.85
C TRP D 59 42.80 13.95 -3.81
N THR D 60 42.53 14.67 -4.90
CA THR D 60 43.55 15.04 -5.88
C THR D 60 43.14 16.40 -6.42
N GLU D 61 44.09 17.16 -6.94
CA GLU D 61 43.77 18.48 -7.47
C GLU D 61 42.97 18.36 -8.77
N VAL D 62 41.96 19.23 -8.96
CA VAL D 62 41.16 19.15 -10.19
C VAL D 62 41.22 20.46 -10.97
N TRP D 63 41.24 20.35 -12.31
CA TRP D 63 41.37 21.53 -13.16
C TRP D 63 40.28 22.54 -12.84
N SER D 64 39.10 22.05 -12.50
CA SER D 64 37.94 22.90 -12.33
C SER D 64 37.95 23.69 -11.02
N ASN D 65 38.90 23.42 -10.11
CA ASN D 65 39.07 24.32 -8.97
C ASN D 65 39.37 25.74 -9.43
N LEU D 66 40.00 25.88 -10.60
CA LEU D 66 40.37 27.19 -11.07
C LEU D 66 39.20 27.94 -11.69
N LEU D 67 38.04 27.32 -11.80
CA LEU D 67 36.83 27.98 -12.26
C LEU D 67 36.05 28.63 -11.11
N THR D 68 36.53 28.50 -9.89
CA THR D 68 35.85 29.18 -8.79
C THR D 68 36.89 29.84 -7.91
N ASP D 69 36.45 30.35 -6.75
CA ASP D 69 37.28 31.10 -5.81
C ASP D 69 37.31 30.29 -4.52
N LEU D 70 38.28 29.38 -4.39
CA LEU D 70 38.33 28.59 -3.15
C LEU D 70 38.57 29.47 -1.94
N GLU D 71 39.15 30.66 -2.10
CA GLU D 71 39.29 31.56 -0.95
C GLU D 71 37.93 31.96 -0.41
N ARG D 72 36.95 32.09 -1.28
CA ARG D 72 35.61 32.43 -0.82
C ARG D 72 34.90 31.20 -0.23
N TYR D 73 35.03 30.03 -0.86
CA TYR D 73 34.12 28.92 -0.60
C TYR D 73 34.69 27.81 0.29
N LYS D 74 36.01 27.63 0.35
CA LYS D 74 36.52 26.50 1.11
C LYS D 74 36.19 26.63 2.58
N ALA D 75 35.93 25.50 3.21
CA ALA D 75 36.02 25.48 4.66
C ALA D 75 37.48 25.42 5.05
N ARG D 76 37.80 25.90 6.25
CA ARG D 76 39.18 25.79 6.68
C ARG D 76 39.28 25.53 8.18
N CYS D 77 40.17 24.64 8.55
CA CYS D 77 40.49 24.45 9.95
C CYS D 77 41.36 25.62 10.38
N TYR D 78 40.86 26.45 11.30
CA TYR D 78 41.56 27.67 11.66
C TYR D 78 42.18 27.62 13.05
N ARG D 79 41.94 26.55 13.80
CA ARG D 79 42.52 26.40 15.13
C ARG D 79 42.46 24.94 15.52
N ILE D 80 43.55 24.42 16.06
CA ILE D 80 43.54 23.09 16.65
C ILE D 80 43.96 23.25 18.10
N GLU D 81 43.14 22.76 19.02
CA GLU D 81 43.41 22.93 20.45
C GLU D 81 43.19 21.58 21.09
N GLY D 82 44.25 20.97 21.61
CA GLY D 82 44.09 19.60 22.11
C GLY D 82 43.67 18.70 20.97
N ASP D 83 42.62 17.90 21.19
CA ASP D 83 42.10 17.06 20.11
C ASP D 83 40.88 17.68 19.41
N VAL D 84 40.64 18.98 19.60
CA VAL D 84 39.51 19.64 18.96
C VAL D 84 40.01 20.49 17.79
N ALA D 85 39.45 20.25 16.63
CA ALA D 85 39.71 21.07 15.46
C ALA D 85 38.52 22.01 15.24
N TYR D 86 38.80 23.31 15.15
CA TYR D 86 37.80 24.33 14.84
C TYR D 86 37.80 24.58 13.35
N ILE D 87 36.64 24.46 12.71
CA ILE D 87 36.56 24.56 11.25
C ILE D 87 35.49 25.58 10.90
N ALA D 88 35.83 26.54 10.02
CA ALA D 88 34.91 27.59 9.59
C ALA D 88 34.41 27.28 8.19
N TYR D 89 33.08 27.41 8.00
CA TYR D 89 32.38 27.15 6.76
C TYR D 89 31.73 28.45 6.30
N PRO D 90 32.07 28.95 5.13
CA PRO D 90 31.46 30.21 4.65
C PRO D 90 29.94 30.09 4.52
N LEU D 91 29.23 31.19 4.83
CA LEU D 91 27.77 31.23 4.69
C LEU D 91 27.31 30.68 3.34
N ASP D 92 28.03 31.06 2.29
CA ASP D 92 27.63 30.72 0.90
C ASP D 92 27.47 29.21 0.68
N LEU D 93 28.07 28.39 1.53
CA LEU D 93 28.04 26.96 1.26
C LEU D 93 26.68 26.31 1.54
N PHE D 94 25.78 26.99 2.24
CA PHE D 94 24.60 26.34 2.81
C PHE D 94 23.31 26.75 2.13
N GLU D 95 22.39 25.78 2.03
CA GLU D 95 21.08 26.11 1.49
C GLU D 95 20.23 26.71 2.62
N GLU D 96 19.68 27.90 2.37
CA GLU D 96 18.81 28.58 3.33
C GLU D 96 17.71 27.66 3.85
N GLY D 97 17.49 27.66 5.17
CA GLY D 97 16.35 26.95 5.75
C GLY D 97 16.42 25.43 5.74
N SER D 98 17.56 24.83 5.36
CA SER D 98 17.65 23.37 5.18
C SER D 98 18.59 22.72 6.19
N ILE D 99 18.05 22.15 7.28
CA ILE D 99 18.91 21.32 8.14
C ILE D 99 19.51 20.19 7.33
N VAL D 100 18.74 19.62 6.42
CA VAL D 100 19.22 18.50 5.60
C VAL D 100 20.53 18.88 4.92
N ASN D 101 20.61 20.12 4.42
CA ASN D 101 21.83 20.52 3.73
C ASN D 101 23.01 20.65 4.69
N ILE D 102 22.77 21.22 5.90
CA ILE D 102 23.81 21.29 6.93
C ILE D 102 24.40 19.90 7.14
N MET D 103 23.52 18.93 7.35
CA MET D 103 24.00 17.56 7.66
C MET D 103 24.79 17.01 6.46
N SER D 104 24.30 17.27 5.24
CA SER D 104 24.93 16.66 4.08
C SER D 104 26.35 17.15 3.89
N SER D 105 26.65 18.40 4.33
CA SER D 105 28.05 18.87 4.36
C SER D 105 28.78 18.45 5.62
N ILE D 106 28.28 18.87 6.79
CA ILE D 106 29.07 18.78 8.02
C ILE D 106 29.29 17.33 8.46
N VAL D 107 28.30 16.46 8.24
CA VAL D 107 28.42 15.08 8.70
C VAL D 107 28.22 14.09 7.54
N GLY D 108 28.33 14.56 6.31
CA GLY D 108 28.05 13.70 5.17
C GLY D 108 28.98 12.51 4.95
N ASN D 109 30.25 12.80 4.70
CA ASN D 109 31.25 11.78 4.43
C ASN D 109 32.39 11.74 5.43
N VAL D 110 32.64 12.84 6.17
CA VAL D 110 33.90 13.02 6.87
C VAL D 110 34.03 12.10 8.08
N PHE D 111 32.98 11.38 8.48
CA PHE D 111 33.13 10.43 9.59
C PHE D 111 33.65 9.06 9.14
N GLY D 112 33.81 8.82 7.84
CA GLY D 112 34.19 7.51 7.34
C GLY D 112 35.53 7.44 6.61
N PHE D 113 36.39 8.44 6.75
CA PHE D 113 37.71 8.41 6.09
C PHE D 113 38.71 7.51 6.79
N LYS D 114 39.49 6.80 5.98
CA LYS D 114 40.60 6.01 6.54
C LYS D 114 41.52 6.87 7.40
N ALA D 115 41.75 8.12 7.00
CA ALA D 115 42.73 8.97 7.66
C ALA D 115 42.29 9.45 9.04
N VAL D 116 40.99 9.37 9.34
CA VAL D 116 40.44 9.91 10.56
C VAL D 116 39.64 8.79 11.19
N GLN D 117 40.23 8.11 12.19
CA GLN D 117 39.64 6.89 12.79
C GLN D 117 38.42 7.11 13.69
N ALA D 118 38.33 8.27 14.31
CA ALA D 118 37.11 8.56 15.04
C ALA D 118 36.90 10.07 14.96
N LEU D 119 35.64 10.49 14.99
CA LEU D 119 35.35 11.91 14.81
C LEU D 119 34.09 12.24 15.60
N ARG D 120 34.12 13.28 16.42
CA ARG D 120 32.94 13.66 17.23
C ARG D 120 32.60 15.13 17.01
N LEU D 121 31.45 15.39 16.39
CA LEU D 121 30.99 16.76 16.27
C LEU D 121 30.42 17.20 17.63
N GLU D 122 31.11 18.10 18.32
CA GLU D 122 30.68 18.52 19.66
C GLU D 122 29.70 19.68 19.62
N ASP D 123 29.91 20.63 18.72
CA ASP D 123 29.12 21.85 18.73
C ASP D 123 29.28 22.51 17.39
N MET D 124 28.35 23.42 17.09
CA MET D 124 28.34 24.18 15.85
C MET D 124 27.82 25.56 16.18
N ARG D 125 28.49 26.62 15.70
CA ARG D 125 27.98 27.99 15.85
C ARG D 125 27.18 28.33 14.61
N ILE D 126 25.86 28.44 14.75
CA ILE D 126 24.99 28.80 13.63
C ILE D 126 24.99 30.33 13.55
N PRO D 127 25.50 30.94 12.46
CA PRO D 127 25.58 32.40 12.40
C PRO D 127 24.20 32.99 12.16
N VAL D 128 24.01 34.21 12.69
CA VAL D 128 22.70 34.84 12.64
C VAL D 128 22.20 34.97 11.21
N ALA D 129 23.10 35.31 10.28
CA ALA D 129 22.70 35.46 8.87
C ALA D 129 22.12 34.18 8.29
N TYR D 130 22.57 33.01 8.77
CA TYR D 130 21.98 31.75 8.32
C TYR D 130 20.81 31.31 9.19
N LEU D 131 20.93 31.51 10.50
CA LEU D 131 19.87 31.12 11.41
C LEU D 131 18.53 31.74 11.02
N LYS D 132 18.55 33.01 10.60
CA LYS D 132 17.29 33.68 10.35
C LYS D 132 16.67 33.31 9.01
N THR D 133 17.28 32.38 8.26
CA THR D 133 16.57 31.75 7.17
C THR D 133 15.70 30.57 7.64
N PHE D 134 15.65 30.32 8.96
CA PHE D 134 14.83 29.30 9.58
C PHE D 134 13.75 29.96 10.45
N PRO D 135 12.60 29.33 10.62
CA PRO D 135 11.48 30.00 11.28
C PRO D 135 11.43 29.76 12.78
N GLY D 136 12.07 28.72 13.25
CA GLY D 136 11.99 28.40 14.67
C GLY D 136 10.64 27.82 15.03
N PRO D 137 10.38 27.64 16.32
CA PRO D 137 9.10 26.97 16.78
C PRO D 137 7.86 27.70 16.32
N PRO D 138 6.78 26.99 15.97
CA PRO D 138 5.54 27.70 15.59
C PRO D 138 4.80 28.28 16.78
N THR D 139 5.12 27.85 18.00
CA THR D 139 4.36 28.27 19.17
C THR D 139 5.29 28.91 20.21
N GLY D 140 6.14 28.13 20.87
CA GLY D 140 7.03 28.68 21.87
C GLY D 140 6.42 28.59 23.26
N ILE D 141 7.30 28.61 24.26
CA ILE D 141 6.89 28.35 25.64
C ILE D 141 5.76 29.27 26.08
N GLN D 142 5.90 30.60 25.88
CA GLN D 142 4.91 31.49 26.49
C GLN D 142 3.55 31.35 25.82
N VAL D 143 3.54 31.28 24.50
CA VAL D 143 2.26 31.10 23.81
C VAL D 143 1.63 29.77 24.20
N GLU D 144 2.42 28.71 24.36
CA GLU D 144 1.87 27.43 24.78
C GLU D 144 1.22 27.54 26.17
N ARG D 145 1.89 28.20 27.11
CA ARG D 145 1.31 28.35 28.43
C ARG D 145 -0.01 29.14 28.36
N ASP D 146 -0.06 30.16 27.49
CA ASP D 146 -1.30 30.92 27.29
C ASP D 146 -2.40 30.04 26.73
N ARG D 147 -2.08 29.25 25.69
CA ARG D 147 -3.09 28.33 25.13
C ARG D 147 -3.59 27.35 26.19
N LEU D 148 -2.70 26.87 27.09
CA LEU D 148 -3.12 25.89 28.09
C LEU D 148 -3.69 26.53 29.34
N ASN D 149 -3.41 27.82 29.54
CA ASN D 149 -3.78 28.56 30.76
C ASN D 149 -3.12 27.95 32.00
N LYS D 150 -1.82 27.68 31.90
CA LYS D 150 -1.04 26.99 32.93
C LYS D 150 0.22 27.79 33.24
N TYR D 151 0.27 28.40 34.43
CA TYR D 151 1.34 29.31 34.79
C TYR D 151 1.97 28.95 36.11
N GLY D 152 3.29 29.08 36.16
CA GLY D 152 4.00 29.03 37.43
C GLY D 152 4.38 27.65 37.90
N ARG D 153 4.42 26.64 37.04
CA ARG D 153 4.88 25.32 37.48
C ARG D 153 5.32 24.55 36.26
N PRO D 154 6.17 23.54 36.44
CA PRO D 154 6.37 22.54 35.37
C PRO D 154 5.06 21.90 34.98
N LEU D 155 5.00 21.46 33.73
CA LEU D 155 3.81 20.81 33.21
C LEU D 155 3.99 19.30 33.25
N LEU D 156 2.88 18.57 33.41
CA LEU D 156 2.91 17.14 33.69
C LEU D 156 2.47 16.38 32.45
N GLY D 157 3.20 15.33 32.10
CA GLY D 157 2.73 14.47 31.03
C GLY D 157 3.07 13.02 31.34
N GLY D 158 2.92 12.17 30.35
CA GLY D 158 3.30 10.78 30.56
C GLY D 158 2.96 9.92 29.36
N THR D 159 3.87 9.01 29.01
CA THR D 159 3.65 8.08 27.90
C THR D 159 2.67 6.99 28.30
N ILE D 160 1.70 6.69 27.44
CA ILE D 160 0.81 5.56 27.74
C ILE D 160 1.59 4.24 27.63
N LYS D 161 1.35 3.32 28.55
CA LYS D 161 1.95 1.99 28.57
C LYS D 161 0.87 0.94 28.72
N PRO D 162 1.10 -0.31 28.26
CA PRO D 162 2.32 -0.80 27.55
C PRO D 162 2.58 -0.02 26.27
N LYS D 163 3.84 0.04 25.80
CA LYS D 163 4.19 0.86 24.64
C LYS D 163 3.25 0.56 23.48
N LEU D 164 3.05 -0.72 23.25
CA LEU D 164 2.26 -1.29 22.18
C LEU D 164 1.38 -2.37 22.78
N GLY D 165 0.25 -2.66 22.14
CA GLY D 165 -0.56 -3.81 22.50
C GLY D 165 -1.97 -3.48 22.96
N LEU D 166 -2.23 -2.25 23.40
CA LEU D 166 -3.58 -1.87 23.79
C LEU D 166 -4.45 -1.59 22.57
N SER D 167 -5.71 -2.02 22.62
CA SER D 167 -6.67 -1.54 21.63
C SER D 167 -6.81 -0.02 21.72
N ALA D 168 -7.37 0.57 20.66
CA ALA D 168 -7.64 2.02 20.65
C ALA D 168 -8.56 2.44 21.79
N LYS D 169 -9.64 1.67 22.01
CA LYS D 169 -10.60 1.99 23.07
C LYS D 169 -9.96 1.93 24.46
N GLU D 170 -9.16 0.88 24.74
CA GLU D 170 -8.57 0.78 26.08
C GLU D 170 -7.35 1.70 26.23
N TYR D 171 -6.63 1.96 25.15
CA TYR D 171 -5.62 3.01 25.14
C TYR D 171 -6.22 4.33 25.62
N ALA D 172 -7.36 4.72 25.06
CA ALA D 172 -8.00 5.96 25.46
C ALA D 172 -8.56 5.91 26.87
N ARG D 173 -8.92 4.72 27.36
CA ARG D 173 -9.28 4.60 28.76
C ARG D 173 -8.10 5.03 29.64
N VAL D 174 -6.90 4.53 29.30
CA VAL D 174 -5.75 4.90 30.11
C VAL D 174 -5.52 6.40 30.04
N VAL D 175 -5.61 6.97 28.83
CA VAL D 175 -5.51 8.42 28.66
C VAL D 175 -6.50 9.16 29.57
N TYR D 176 -7.78 8.77 29.50
CA TYR D 176 -8.80 9.39 30.32
C TYR D 176 -8.43 9.35 31.81
N GLU D 177 -7.99 8.19 32.31
CA GLU D 177 -7.67 8.08 33.73
C GLU D 177 -6.49 8.99 34.10
N CYS D 178 -5.50 9.06 33.22
CA CYS D 178 -4.34 9.92 33.47
C CYS D 178 -4.75 11.39 33.51
N LEU D 179 -5.44 11.84 32.46
CA LEU D 179 -5.76 13.26 32.38
C LEU D 179 -6.73 13.65 33.48
N ARG D 180 -7.72 12.80 33.79
CA ARG D 180 -8.65 13.22 34.84
C ARG D 180 -8.04 13.15 36.23
N GLY D 181 -6.90 12.48 36.40
CA GLY D 181 -6.18 12.48 37.65
C GLY D 181 -5.21 13.62 37.82
N GLY D 182 -5.05 14.50 36.83
CA GLY D 182 -4.20 15.66 37.03
C GLY D 182 -2.98 15.81 36.12
N LEU D 183 -2.69 14.85 35.25
CA LEU D 183 -1.73 15.11 34.18
C LEU D 183 -2.29 16.15 33.22
N ASP D 184 -1.41 17.03 32.74
CA ASP D 184 -1.80 18.02 31.74
C ASP D 184 -1.94 17.39 30.37
N THR D 185 -1.05 16.46 30.06
CA THR D 185 -0.97 15.86 28.76
C THR D 185 -0.65 14.38 28.95
N THR D 186 -0.90 13.62 27.88
CA THR D 186 -0.40 12.26 27.74
C THR D 186 0.17 12.13 26.33
N KCX D 187 0.88 11.05 26.06
CA KCX D 187 1.45 10.91 24.71
CB KCX D 187 2.91 11.54 24.62
CG KCX D 187 3.87 10.76 25.57
CD KCX D 187 5.34 11.33 25.47
CE KCX D 187 5.98 11.10 24.04
NZ KCX D 187 6.17 9.67 23.79
C KCX D 187 1.50 9.48 24.19
O KCX D 187 1.63 8.54 25.08
CX KCX D 187 7.28 8.99 24.31
OQ1 KCX D 187 7.25 7.74 24.00
OQ2 KCX D 187 8.14 9.58 24.96
N ASP D 188 1.45 9.30 22.88
CA ASP D 188 1.73 8.02 22.24
C ASP D 188 3.19 7.67 22.44
N ASP D 189 3.52 6.39 22.63
CA ASP D 189 4.93 6.00 22.57
C ASP D 189 5.50 6.32 21.20
N GLU D 190 6.83 6.55 21.16
CA GLU D 190 7.46 6.92 19.90
C GLU D 190 7.27 5.84 18.84
N ASN D 191 7.12 4.57 19.25
CA ASN D 191 7.01 3.48 18.30
C ASN D 191 5.55 3.07 18.03
N LEU D 192 4.60 3.76 18.65
CA LEU D 192 3.17 3.56 18.40
C LEU D 192 2.79 4.47 17.23
N ASN D 193 2.59 3.86 16.05
CA ASN D 193 2.26 4.65 14.85
C ASN D 193 0.90 4.13 14.38
N SER D 194 0.85 3.21 13.41
CA SER D 194 -0.40 2.52 13.12
C SER D 194 -0.08 1.04 12.94
N GLN D 195 -0.67 0.17 13.76
CA GLN D 195 -0.29 -1.24 13.78
C GLN D 195 -1.55 -2.11 13.88
N PRO D 196 -1.44 -3.42 13.61
CA PRO D 196 -2.63 -4.31 13.61
C PRO D 196 -3.51 -4.16 14.85
N PHE D 197 -2.91 -4.02 16.04
CA PHE D 197 -3.65 -4.00 17.31
C PHE D 197 -4.19 -2.63 17.68
N ASN D 198 -3.75 -1.57 16.98
CA ASN D 198 -4.15 -0.20 17.32
C ASN D 198 -3.84 0.64 16.07
N ARG D 199 -4.85 0.81 15.21
CA ARG D 199 -4.69 1.62 14.01
C ARG D 199 -4.91 3.10 14.31
N TRP D 200 -4.17 3.97 13.60
CA TRP D 200 -4.04 5.35 14.06
C TRP D 200 -5.39 6.09 14.06
N ARG D 201 -6.23 5.89 13.04
CA ARG D 201 -7.48 6.63 13.01
C ARG D 201 -8.36 6.29 14.21
N ASP D 202 -8.41 5.01 14.57
CA ASP D 202 -9.19 4.60 15.73
C ASP D 202 -8.63 5.24 16.99
N ARG D 203 -7.31 5.19 17.15
CA ARG D 203 -6.71 5.81 18.32
C ARG D 203 -6.99 7.30 18.38
N PHE D 204 -6.79 8.03 17.28
CA PHE D 204 -6.96 9.47 17.33
C PHE D 204 -8.39 9.84 17.76
N LEU D 205 -9.37 9.14 17.22
CA LEU D 205 -10.78 9.41 17.57
C LEU D 205 -11.07 9.16 19.05
N TYR D 206 -10.69 7.98 19.54
CA TYR D 206 -10.98 7.62 20.91
C TYR D 206 -10.20 8.48 21.89
N VAL D 207 -8.94 8.76 21.57
CA VAL D 207 -8.14 9.57 22.48
C VAL D 207 -8.75 10.96 22.62
N MET D 208 -9.20 11.58 21.53
CA MET D 208 -9.75 12.92 21.65
C MET D 208 -11.07 12.92 22.42
N GLU D 209 -11.82 11.82 22.37
CA GLU D 209 -12.99 11.72 23.23
C GLU D 209 -12.56 11.72 24.71
N ALA D 210 -11.49 10.98 25.01
CA ALA D 210 -10.97 10.95 26.37
C ALA D 210 -10.44 12.32 26.81
N VAL D 211 -9.74 13.00 25.91
CA VAL D 211 -9.21 14.32 26.24
C VAL D 211 -10.36 15.27 26.57
N ARG D 212 -11.38 15.29 25.71
CA ARG D 212 -12.49 16.20 25.94
C ARG D 212 -13.21 15.87 27.25
N LYS D 213 -13.37 14.58 27.55
CA LYS D 213 -14.09 14.18 28.75
C LYS D 213 -13.31 14.59 29.99
N ALA D 214 -11.97 14.40 29.95
CA ALA D 214 -11.15 14.77 31.11
C ALA D 214 -11.14 16.29 31.32
N GLU D 215 -11.11 17.04 30.23
CA GLU D 215 -11.11 18.49 30.32
C GLU D 215 -12.40 18.97 30.94
N ALA D 216 -13.53 18.39 30.50
CA ALA D 216 -14.83 18.81 31.03
C ALA D 216 -14.97 18.45 32.50
N GLU D 217 -14.48 17.27 32.88
CA GLU D 217 -14.63 16.80 34.25
C GLU D 217 -13.71 17.53 35.22
N THR D 218 -12.47 17.83 34.81
CA THR D 218 -11.53 18.48 35.72
C THR D 218 -11.61 19.99 35.69
N GLY D 219 -12.09 20.57 34.60
CA GLY D 219 -12.02 22.00 34.47
C GLY D 219 -10.71 22.53 33.94
N GLU D 220 -9.72 21.67 33.69
CA GLU D 220 -8.40 22.11 33.23
C GLU D 220 -8.19 21.69 31.78
N ARG D 221 -7.55 22.55 30.99
CA ARG D 221 -7.30 22.21 29.59
C ARG D 221 -6.30 21.06 29.51
N LYS D 222 -6.53 20.16 28.55
CA LYS D 222 -5.73 18.95 28.40
C LYS D 222 -5.26 18.80 26.96
N GLY D 223 -4.26 17.94 26.75
CA GLY D 223 -3.88 17.58 25.40
C GLY D 223 -3.31 16.18 25.40
N HIS D 224 -3.28 15.57 24.21
CA HIS D 224 -2.58 14.31 24.04
C HIS D 224 -1.71 14.44 22.81
N TRP D 225 -0.44 13.98 22.93
CA TRP D 225 0.51 14.12 21.82
C TRP D 225 0.29 12.94 20.89
N LEU D 226 -0.59 13.18 19.90
CA LEU D 226 -0.94 12.17 18.92
C LEU D 226 0.22 11.96 17.94
N ASN D 227 0.74 10.74 17.86
CA ASN D 227 1.95 10.51 17.07
C ASN D 227 1.57 10.39 15.60
N VAL D 228 2.05 11.30 14.75
CA VAL D 228 1.79 11.26 13.32
C VAL D 228 2.91 10.59 12.56
N THR D 229 3.98 10.18 13.27
CA THR D 229 5.14 9.52 12.65
C THR D 229 4.64 8.37 11.76
N ALA D 230 5.13 8.33 10.51
CA ALA D 230 4.63 7.33 9.57
C ALA D 230 5.70 7.08 8.51
N GLY D 231 5.41 6.14 7.61
CA GLY D 231 6.45 5.70 6.69
C GLY D 231 6.71 6.66 5.53
N SER D 232 5.82 7.60 5.29
CA SER D 232 6.02 8.58 4.21
C SER D 232 5.54 9.95 4.70
N THR D 233 6.02 11.01 4.05
CA THR D 233 5.59 12.34 4.46
C THR D 233 4.09 12.51 4.23
N GLU D 234 3.59 11.99 3.11
CA GLU D 234 2.17 12.16 2.82
C GLU D 234 1.31 11.55 3.91
N GLU D 235 1.70 10.37 4.37
CA GLU D 235 0.94 9.71 5.44
C GLU D 235 1.01 10.51 6.75
N MET D 236 2.20 11.05 7.09
CA MET D 236 2.29 11.89 8.29
C MET D 236 1.38 13.11 8.18
N LEU D 237 1.33 13.75 7.01
CA LEU D 237 0.45 14.91 6.86
C LEU D 237 -1.03 14.52 6.93
N LYS D 238 -1.40 13.36 6.39
CA LYS D 238 -2.77 12.88 6.53
C LYS D 238 -3.14 12.71 8.01
N ARG D 239 -2.22 12.16 8.81
CA ARG D 239 -2.51 11.96 10.22
C ARG D 239 -2.59 13.30 10.92
N ALA D 240 -1.68 14.23 10.59
CA ALA D 240 -1.77 15.57 11.19
C ALA D 240 -3.13 16.20 10.89
N GLU D 241 -3.55 16.13 9.63
CA GLU D 241 -4.85 16.65 9.20
C GLU D 241 -5.99 16.16 10.07
N PHE D 242 -6.03 14.85 10.35
CA PHE D 242 -7.14 14.30 11.14
C PHE D 242 -7.08 14.80 12.58
N ALA D 243 -5.88 14.88 13.16
CA ALA D 243 -5.74 15.47 14.49
C ALA D 243 -6.30 16.88 14.53
N ALA D 244 -6.03 17.66 13.48
CA ALA D 244 -6.58 19.03 13.40
C ALA D 244 -8.10 19.01 13.29
N GLU D 245 -8.64 18.08 12.50
CA GLU D 245 -10.10 18.00 12.35
C GLU D 245 -10.76 17.64 13.66
N LEU D 246 -10.09 16.84 14.50
CA LEU D 246 -10.63 16.49 15.80
C LEU D 246 -10.42 17.57 16.86
N GLY D 247 -9.76 18.68 16.51
CA GLY D 247 -9.50 19.73 17.48
C GLY D 247 -8.40 19.45 18.48
N SER D 248 -7.47 18.55 18.17
CA SER D 248 -6.33 18.37 19.06
C SER D 248 -5.52 19.65 19.15
N ARG D 249 -5.00 19.94 20.36
CA ARG D 249 -4.04 21.03 20.48
C ARG D 249 -2.66 20.63 19.98
N TYR D 250 -2.40 19.33 19.82
CA TYR D 250 -1.05 18.81 19.63
C TYR D 250 -0.98 17.73 18.57
N ILE D 251 0.18 17.65 17.92
CA ILE D 251 0.64 16.43 17.26
C ILE D 251 2.06 16.14 17.74
N MET D 252 2.52 14.93 17.46
CA MET D 252 3.83 14.48 17.89
C MET D 252 4.56 13.93 16.67
N VAL D 253 5.85 14.24 16.55
CA VAL D 253 6.66 13.65 15.47
C VAL D 253 7.96 13.13 16.05
N ASP D 254 8.38 11.93 15.60
CA ASP D 254 9.73 11.41 15.88
C ASP D 254 10.62 12.03 14.83
N PHE D 255 11.25 13.17 15.16
CA PHE D 255 11.84 13.97 14.07
C PHE D 255 13.08 13.30 13.49
N LEU D 256 13.78 12.46 14.24
CA LEU D 256 14.97 11.85 13.65
C LEU D 256 14.66 10.56 12.88
N THR D 257 13.72 9.73 13.37
CA THR D 257 13.39 8.52 12.61
C THR D 257 12.59 8.89 11.35
N ALA D 258 11.59 9.79 11.45
CA ALA D 258 10.97 10.27 10.22
C ALA D 258 11.98 11.01 9.36
N GLY D 259 12.83 11.82 9.98
CA GLY D 259 13.90 12.52 9.33
C GLY D 259 13.58 13.99 9.10
N PHE D 260 14.63 14.78 8.87
CA PHE D 260 14.46 16.23 8.89
C PHE D 260 13.62 16.78 7.73
N ALA D 261 13.71 16.18 6.54
CA ALA D 261 12.88 16.74 5.46
C ALA D 261 11.40 16.52 5.73
N ALA D 262 11.01 15.36 6.30
CA ALA D 262 9.59 15.17 6.63
C ALA D 262 9.20 16.01 7.85
N PHE D 263 10.10 16.16 8.82
CA PHE D 263 9.88 17.04 9.95
C PHE D 263 9.57 18.46 9.48
N ALA D 264 10.40 19.00 8.55
CA ALA D 264 10.16 20.34 8.04
C ALA D 264 8.79 20.42 7.35
N SER D 265 8.39 19.35 6.65
CA SER D 265 7.06 19.34 6.06
C SER D 265 5.98 19.44 7.13
N VAL D 266 6.14 18.69 8.22
CA VAL D 266 5.14 18.75 9.29
C VAL D 266 5.17 20.10 9.98
N ARG D 267 6.35 20.73 10.10
CA ARG D 267 6.39 22.03 10.76
C ARG D 267 5.68 23.08 9.93
N ARG D 268 5.79 23.01 8.60
CA ARG D 268 5.04 23.95 7.75
C ARG D 268 3.56 23.71 7.91
N TRP D 269 3.17 22.44 7.90
CA TRP D 269 1.77 22.10 8.13
C TRP D 269 1.28 22.65 9.46
N ALA D 270 2.11 22.53 10.51
CA ALA D 270 1.69 22.99 11.85
C ALA D 270 1.48 24.50 11.88
N ARG D 271 2.30 25.25 11.14
CA ARG D 271 2.08 26.68 11.06
C ARG D 271 0.77 27.01 10.34
N GLU D 272 0.46 26.29 9.27
CA GLU D 272 -0.80 26.52 8.55
C GLU D 272 -2.02 26.08 9.33
N ASN D 273 -1.89 25.27 10.38
CA ASN D 273 -3.06 24.70 11.03
C ASN D 273 -3.13 25.01 12.51
N GLY D 274 -2.11 25.62 13.10
CA GLY D 274 -2.18 26.08 14.47
C GLY D 274 -2.06 25.03 15.55
N LEU D 275 -1.53 23.85 15.25
CA LEU D 275 -1.35 22.84 16.29
C LEU D 275 0.08 22.94 16.82
N MET D 276 0.25 22.59 18.08
CA MET D 276 1.59 22.58 18.69
C MET D 276 2.28 21.26 18.40
N LEU D 277 3.62 21.31 18.32
CA LEU D 277 4.40 20.22 17.76
C LEU D 277 5.34 19.60 18.80
N HIS D 278 4.95 18.44 19.37
CA HIS D 278 5.83 17.70 20.27
C HIS D 278 6.85 16.89 19.47
N CYS D 279 8.14 17.05 19.78
CA CYS D 279 9.18 16.32 19.03
C CYS D 279 9.88 15.31 19.92
N HIS D 280 9.83 14.06 19.51
CA HIS D 280 10.48 12.95 20.20
C HIS D 280 11.79 12.67 19.50
N ARG D 281 12.86 12.48 20.29
CA ARG D 281 14.20 12.35 19.73
C ARG D 281 14.63 10.89 19.52
N ALA D 282 13.66 9.96 19.35
CA ALA D 282 14.01 8.57 19.04
C ALA D 282 15.12 8.50 18.01
N MET D 283 16.07 7.60 18.27
CA MET D 283 17.27 7.30 17.48
C MET D 283 18.44 8.22 17.86
N HIS D 284 18.22 9.27 18.66
CA HIS D 284 19.33 10.22 18.90
C HIS D 284 20.54 9.52 19.50
N ALA D 285 20.33 8.54 20.40
CA ALA D 285 21.47 7.90 21.04
C ALA D 285 22.28 7.01 20.09
N VAL D 286 21.69 6.57 18.97
CA VAL D 286 22.47 5.92 17.92
C VAL D 286 23.62 6.83 17.48
N PHE D 287 23.35 8.14 17.38
CA PHE D 287 24.31 9.15 16.93
C PHE D 287 25.13 9.73 18.07
N ASP D 288 24.56 9.85 19.28
CA ASP D 288 25.15 10.79 20.24
C ASP D 288 25.69 10.16 21.52
N ARG D 289 25.67 8.83 21.66
CA ARG D 289 26.00 8.22 22.97
C ARG D 289 27.49 8.25 23.25
N GLN D 290 28.33 7.96 22.23
CA GLN D 290 29.73 7.71 22.59
C GLN D 290 30.57 8.99 22.47
N PRO D 291 31.51 9.20 23.39
CA PRO D 291 32.22 10.48 23.43
C PRO D 291 33.34 10.59 22.40
N ASN D 292 33.72 9.49 21.75
CA ASN D 292 34.79 9.54 20.76
C ASN D 292 34.30 9.69 19.32
N HIS D 293 33.03 9.41 19.04
CA HIS D 293 32.59 9.34 17.66
C HIS D 293 31.08 9.58 17.59
N GLY D 294 30.66 10.48 16.68
CA GLY D 294 29.24 10.72 16.49
C GLY D 294 28.94 12.21 16.55
N ILE D 295 27.70 12.55 16.93
CA ILE D 295 27.27 13.95 17.03
C ILE D 295 26.65 14.12 18.39
N HIS D 296 27.10 15.11 19.18
CA HIS D 296 26.51 15.30 20.50
C HIS D 296 25.08 15.82 20.35
N PHE D 297 24.21 15.43 21.30
CA PHE D 297 22.81 15.88 21.20
C PHE D 297 22.68 17.40 21.15
N ARG D 298 23.62 18.17 21.73
CA ARG D 298 23.39 19.62 21.70
C ARG D 298 23.30 20.16 20.27
N VAL D 299 24.01 19.53 19.32
CA VAL D 299 23.91 19.95 17.94
C VAL D 299 22.53 19.63 17.38
N LEU D 300 22.04 18.41 17.64
CA LEU D 300 20.71 18.04 17.21
C LEU D 300 19.67 18.95 17.81
N ALA D 301 19.90 19.38 19.06
CA ALA D 301 18.98 20.29 19.73
C ALA D 301 18.94 21.64 19.03
N LYS D 302 20.09 22.15 18.60
CA LYS D 302 20.07 23.39 17.83
C LYS D 302 19.25 23.22 16.56
N TRP D 303 19.51 22.13 15.82
CA TRP D 303 18.78 21.91 14.59
C TRP D 303 17.28 21.81 14.86
N LEU D 304 16.91 21.14 15.95
CA LEU D 304 15.51 21.01 16.32
C LEU D 304 14.85 22.38 16.51
N ARG D 305 15.54 23.29 17.22
CA ARG D 305 14.94 24.59 17.50
C ARG D 305 14.86 25.43 16.25
N MET D 306 15.79 25.21 15.31
CA MET D 306 15.80 25.96 14.07
C MET D 306 14.59 25.59 13.20
N VAL D 307 14.32 24.29 13.07
CA VAL D 307 13.18 23.89 12.19
C VAL D 307 11.93 24.42 12.87
N GLY D 308 11.89 24.23 14.19
CA GLY D 308 10.75 24.73 14.93
C GLY D 308 9.93 23.65 15.60
N GLY D 309 10.53 22.84 16.48
CA GLY D 309 9.69 21.99 17.32
C GLY D 309 9.25 22.83 18.51
N ASP D 310 8.05 22.59 19.07
CA ASP D 310 7.63 23.33 20.26
C ASP D 310 8.13 22.72 21.55
N HIS D 311 8.35 21.39 21.55
CA HIS D 311 9.03 20.70 22.65
C HIS D 311 10.07 19.76 22.06
N VAL D 312 11.09 19.45 22.86
CA VAL D 312 11.92 18.28 22.58
C VAL D 312 12.35 17.64 23.89
N HIS D 313 12.53 16.32 23.89
CA HIS D 313 13.08 15.65 25.07
C HIS D 313 14.55 16.03 25.23
N THR D 314 14.95 16.27 26.46
CA THR D 314 16.30 16.71 26.78
C THR D 314 17.05 15.74 27.67
N GLY D 315 16.38 14.71 28.19
CA GLY D 315 16.91 13.89 29.24
C GLY D 315 16.44 14.36 30.62
N THR D 316 16.68 13.49 31.61
CA THR D 316 16.29 13.72 33.00
C THR D 316 17.45 13.88 33.96
N VAL D 317 18.66 13.46 33.56
CA VAL D 317 19.84 13.30 34.40
C VAL D 317 19.68 12.14 35.38
N VAL D 318 18.55 12.09 36.09
CA VAL D 318 18.41 11.18 37.24
C VAL D 318 17.66 9.90 36.90
N GLY D 319 17.08 9.78 35.69
CA GLY D 319 16.25 8.64 35.33
C GLY D 319 17.00 7.54 34.60
N LYS D 320 16.26 6.77 33.78
CA LYS D 320 16.81 5.50 33.30
C LYS D 320 17.75 5.68 32.10
N LEU D 321 17.68 6.83 31.42
CA LEU D 321 18.49 7.06 30.22
C LEU D 321 19.65 8.02 30.54
N GLU D 322 20.76 7.83 29.82
CA GLU D 322 21.99 8.55 30.13
C GLU D 322 21.81 10.04 29.86
N GLY D 323 22.39 10.87 30.71
CA GLY D 323 22.35 12.30 30.52
C GLY D 323 23.10 13.00 31.64
N ASP D 324 24.19 13.64 31.31
CA ASP D 324 25.02 14.26 32.34
C ASP D 324 24.44 15.63 32.75
N ARG D 325 24.56 16.00 34.04
CA ARG D 325 23.88 17.22 34.50
C ARG D 325 24.39 18.46 33.77
N ALA D 326 25.72 18.65 33.68
CA ALA D 326 26.24 19.86 33.03
C ALA D 326 25.79 19.96 31.56
N GLU D 327 25.93 18.88 30.80
CA GLU D 327 25.53 18.93 29.40
C GLU D 327 24.04 19.20 29.26
N THR D 328 23.24 18.60 30.16
CA THR D 328 21.80 18.82 30.08
C THR D 328 21.44 20.28 30.39
N LEU D 329 22.11 20.90 31.36
CA LEU D 329 21.87 22.32 31.61
C LEU D 329 22.22 23.16 30.38
N GLY D 330 23.32 22.81 29.70
CA GLY D 330 23.66 23.53 28.48
C GLY D 330 22.59 23.37 27.41
N ILE D 331 22.08 22.14 27.26
CA ILE D 331 21.06 21.87 26.25
C ILE D 331 19.78 22.65 26.57
N ALA D 332 19.39 22.70 27.85
CA ALA D 332 18.21 23.48 28.23
C ALA D 332 18.37 24.94 27.89
N ASP D 333 19.56 25.52 28.15
CA ASP D 333 19.79 26.91 27.77
C ASP D 333 19.72 27.10 26.25
N LEU D 334 20.32 26.16 25.50
CA LEU D 334 20.28 26.26 24.04
C LEU D 334 18.84 26.24 23.52
N LEU D 335 17.96 25.51 24.22
CA LEU D 335 16.56 25.41 23.81
C LEU D 335 15.72 26.62 24.22
N ARG D 336 16.08 27.31 25.31
CA ARG D 336 15.16 28.26 25.93
C ARG D 336 15.59 29.70 25.86
N GLU D 337 16.90 29.99 25.79
CA GLU D 337 17.38 31.34 25.98
C GLU D 337 17.54 32.06 24.64
N ASP D 338 17.57 33.38 24.70
CA ASP D 338 17.80 34.09 23.43
C ASP D 338 19.26 34.16 23.03
N TYR D 339 20.17 34.04 24.00
CA TYR D 339 21.61 34.11 23.72
C TYR D 339 22.30 33.23 24.74
N VAL D 340 23.19 32.36 24.28
CA VAL D 340 23.83 31.39 25.16
C VAL D 340 25.35 31.55 25.01
N PRO D 341 26.04 32.02 26.03
CA PRO D 341 27.50 32.08 25.97
C PRO D 341 28.11 30.70 25.86
N ALA D 342 29.35 30.63 25.33
CA ALA D 342 30.07 29.37 25.34
C ALA D 342 30.36 28.92 26.77
N ASP D 343 30.61 27.62 26.94
CA ASP D 343 31.11 27.05 28.19
C ASP D 343 31.52 25.61 27.88
N PRO D 344 32.79 25.37 27.55
CA PRO D 344 33.20 23.99 27.20
C PRO D 344 33.05 23.02 28.35
N GLY D 345 32.94 23.51 29.60
CA GLY D 345 32.60 22.65 30.73
C GLY D 345 31.24 22.00 30.58
N ARG D 346 30.37 22.59 29.76
CA ARG D 346 29.10 21.98 29.36
C ARG D 346 29.14 21.46 27.94
N GLY D 347 30.30 21.50 27.30
CA GLY D 347 30.39 21.11 25.89
C GLY D 347 29.98 22.17 24.89
N LEU D 348 29.68 23.39 25.33
CA LEU D 348 29.35 24.51 24.44
C LEU D 348 30.66 25.18 24.05
N PHE D 349 31.16 24.87 22.87
CA PHE D 349 32.43 25.43 22.42
C PHE D 349 32.27 26.82 21.83
N PHE D 350 31.04 27.21 21.51
CA PHE D 350 30.73 28.48 20.85
C PHE D 350 29.61 29.17 21.61
N ASP D 351 29.52 30.47 21.39
CA ASP D 351 28.33 31.21 21.86
C ASP D 351 27.27 30.99 20.79
N GLN D 352 26.00 31.04 21.17
CA GLN D 352 24.93 30.84 20.20
C GLN D 352 23.89 31.95 20.38
N ASP D 353 23.70 32.76 19.35
CA ASP D 353 22.65 33.77 19.36
C ASP D 353 21.41 33.18 18.69
N TRP D 354 20.24 33.39 19.29
CA TRP D 354 19.01 32.91 18.67
C TRP D 354 18.20 34.01 18.00
N ALA D 355 18.59 35.27 18.18
CA ALA D 355 18.04 36.40 17.41
C ALA D 355 16.50 36.36 17.32
N GLY D 356 15.86 36.08 18.46
CA GLY D 356 14.42 36.13 18.54
C GLY D 356 13.64 34.88 18.17
N LEU D 357 14.26 33.81 17.63
CA LEU D 357 13.54 32.54 17.47
C LEU D 357 12.93 32.12 18.81
N LYS D 358 11.75 31.52 18.76
CA LYS D 358 11.05 31.22 20.00
C LYS D 358 11.75 30.08 20.76
N PRO D 359 11.57 30.04 22.08
CA PRO D 359 12.13 28.95 22.89
C PRO D 359 11.29 27.68 22.77
N VAL D 360 11.98 26.54 22.96
CA VAL D 360 11.42 25.19 22.92
C VAL D 360 11.27 24.71 24.35
N PHE D 361 10.13 24.07 24.68
CA PHE D 361 9.96 23.41 25.98
C PHE D 361 10.85 22.17 26.10
N PRO D 362 11.75 22.11 27.08
CA PRO D 362 12.40 20.84 27.43
C PRO D 362 11.39 19.88 27.99
N VAL D 363 11.61 18.60 27.71
CA VAL D 363 10.73 17.53 28.17
C VAL D 363 11.61 16.47 28.84
N ALA D 364 11.42 16.28 30.14
CA ALA D 364 12.23 15.32 30.90
C ALA D 364 11.38 14.08 31.12
N SER D 365 11.86 12.94 30.63
CA SER D 365 11.07 11.72 30.57
C SER D 365 11.99 10.52 30.67
N GLY D 366 11.55 9.48 31.38
CA GLY D 366 12.21 8.18 31.29
C GLY D 366 12.67 7.67 32.63
N GLY D 367 11.89 6.74 33.19
CA GLY D 367 12.29 6.14 34.46
C GLY D 367 12.22 7.08 35.65
N ILE D 368 11.39 8.15 35.60
CA ILE D 368 11.33 9.05 36.74
C ILE D 368 10.06 8.80 37.55
N HIS D 369 10.12 9.17 38.83
CA HIS D 369 8.99 8.99 39.73
C HIS D 369 9.02 10.12 40.75
N VAL D 370 8.09 10.07 41.71
CA VAL D 370 7.85 11.22 42.58
C VAL D 370 9.12 11.66 43.29
N TRP D 371 9.99 10.72 43.69
CA TRP D 371 11.16 11.14 44.46
C TRP D 371 12.13 12.01 43.66
N HIS D 372 12.08 11.94 42.34
CA HIS D 372 12.90 12.74 41.44
C HIS D 372 12.42 14.18 41.31
N VAL D 373 11.21 14.50 41.76
CA VAL D 373 10.63 15.80 41.44
C VAL D 373 11.43 16.97 42.01
N PRO D 374 11.94 16.93 43.27
CA PRO D 374 12.78 18.07 43.72
C PRO D 374 14.00 18.32 42.81
N ASP D 375 14.74 17.26 42.45
CA ASP D 375 15.89 17.41 41.54
C ASP D 375 15.47 17.95 40.18
N LEU D 376 14.35 17.46 39.66
CA LEU D 376 13.90 17.92 38.35
C LEU D 376 13.52 19.40 38.39
N VAL D 377 12.83 19.85 39.45
CA VAL D 377 12.50 21.27 39.57
C VAL D 377 13.77 22.08 39.74
N SER D 378 14.74 21.56 40.50
CA SER D 378 16.02 22.26 40.65
C SER D 378 16.77 22.41 39.32
N ILE D 379 16.82 21.35 38.52
CA ILE D 379 17.54 21.37 37.24
C ILE D 379 16.86 22.29 36.24
N PHE D 380 15.54 22.15 36.07
CA PHE D 380 14.84 22.76 34.94
C PHE D 380 14.09 24.02 35.30
N GLY D 381 13.74 24.23 36.57
CA GLY D 381 12.89 25.36 36.84
C GLY D 381 11.46 25.07 36.31
N ASP D 382 10.68 26.15 36.18
CA ASP D 382 9.27 25.99 35.79
C ASP D 382 9.10 25.51 34.36
N ASP D 383 10.00 25.90 33.44
CA ASP D 383 9.68 25.77 32.02
C ASP D 383 10.22 24.44 31.47
N ALA D 384 9.49 23.38 31.81
CA ALA D 384 9.75 22.03 31.33
C ALA D 384 8.47 21.24 31.49
N PHE D 385 8.36 20.16 30.72
CA PHE D 385 7.41 19.09 31.00
C PHE D 385 8.16 17.98 31.73
N PHE D 386 7.53 17.39 32.73
CA PHE D 386 8.01 16.15 33.37
C PHE D 386 7.03 15.05 33.00
N LEU D 387 7.52 13.98 32.36
CA LEU D 387 6.66 12.90 31.92
C LEU D 387 6.85 11.68 32.82
N PHE D 388 5.74 11.12 33.29
CA PHE D 388 5.73 9.88 34.07
C PHE D 388 4.84 8.88 33.35
N GLY D 389 5.46 7.91 32.65
CA GLY D 389 4.72 6.82 32.03
C GLY D 389 4.58 5.71 33.04
N GLY D 390 5.62 4.88 33.18
CA GLY D 390 5.60 3.88 34.23
C GLY D 390 5.31 4.50 35.59
N GLY D 391 5.82 5.71 35.84
CA GLY D 391 5.65 6.41 37.10
C GLY D 391 4.22 6.89 37.33
N THR D 392 3.35 6.75 36.31
CA THR D 392 1.93 7.02 36.50
C THR D 392 1.16 5.70 36.53
N HIS D 393 1.23 4.91 35.45
CA HIS D 393 0.40 3.70 35.40
C HIS D 393 0.89 2.61 36.34
N GLY D 394 2.15 2.67 36.77
CA GLY D 394 2.61 1.69 37.73
C GLY D 394 2.30 2.00 39.17
N HIS D 395 1.47 3.02 39.42
CA HIS D 395 0.95 3.26 40.76
C HIS D 395 0.12 2.06 41.22
N PRO D 396 0.18 1.68 42.51
CA PRO D 396 -0.61 0.52 42.98
C PRO D 396 -2.09 0.63 42.71
N ARG D 397 -2.64 1.84 42.64
CA ARG D 397 -4.07 2.01 42.38
C ARG D 397 -4.34 2.45 40.94
N GLY D 398 -3.36 2.39 40.06
CA GLY D 398 -3.57 2.69 38.65
C GLY D 398 -3.34 4.13 38.27
N SER D 399 -3.79 4.48 37.05
CA SER D 399 -3.29 5.67 36.37
C SER D 399 -3.87 6.96 36.92
N ARG D 400 -5.15 6.98 37.36
CA ARG D 400 -5.65 8.22 37.96
C ARG D 400 -4.90 8.55 39.24
N ALA D 401 -4.80 7.58 40.15
CA ALA D 401 -4.04 7.79 41.38
C ALA D 401 -2.59 8.17 41.09
N GLY D 402 -1.99 7.52 40.09
CA GLY D 402 -0.62 7.84 39.74
C GLY D 402 -0.45 9.27 39.26
N ALA D 403 -1.39 9.74 38.43
CA ALA D 403 -1.33 11.12 37.94
C ALA D 403 -1.44 12.09 39.09
N THR D 404 -2.35 11.81 40.02
CA THR D 404 -2.55 12.72 41.12
C THR D 404 -1.28 12.84 41.96
N ALA D 405 -0.62 11.69 42.23
CA ALA D 405 0.62 11.68 43.01
C ALA D 405 1.67 12.57 42.36
N ASN D 406 1.84 12.43 41.04
CA ASN D 406 2.85 13.21 40.31
C ASN D 406 2.50 14.70 40.28
N ARG D 407 1.22 15.03 40.02
CA ARG D 407 0.79 16.44 40.04
C ARG D 407 1.00 17.07 41.41
N VAL D 408 0.63 16.35 42.49
CA VAL D 408 0.80 16.90 43.84
C VAL D 408 2.27 17.08 44.16
N ALA D 409 3.11 16.12 43.75
CA ALA D 409 4.55 16.26 44.01
C ALA D 409 5.10 17.54 43.39
N VAL D 410 4.82 17.77 42.10
CA VAL D 410 5.27 18.99 41.43
C VAL D 410 4.73 20.23 42.14
N GLU D 411 3.43 20.26 42.43
CA GLU D 411 2.87 21.46 43.04
C GLU D 411 3.46 21.75 44.41
N ALA D 412 3.66 20.70 45.22
CA ALA D 412 4.22 20.89 46.56
C ALA D 412 5.64 21.45 46.48
N VAL D 413 6.47 20.90 45.59
CA VAL D 413 7.84 21.39 45.44
C VAL D 413 7.83 22.84 44.96
N VAL D 414 6.95 23.18 44.00
CA VAL D 414 6.88 24.57 43.52
C VAL D 414 6.47 25.49 44.65
N GLN D 415 5.44 25.11 45.41
CA GLN D 415 5.00 25.96 46.51
C GLN D 415 6.14 26.20 47.48
N ALA D 416 6.85 25.13 47.86
CA ALA D 416 7.94 25.24 48.80
C ALA D 416 9.06 26.13 48.25
N ARG D 417 9.43 25.95 46.98
CA ARG D 417 10.46 26.81 46.37
C ARG D 417 10.06 28.27 46.48
N ASN D 418 8.80 28.59 46.14
CA ASN D 418 8.35 29.97 46.13
C ASN D 418 8.37 30.59 47.52
N GLU D 419 8.15 29.76 48.56
CA GLU D 419 8.19 30.26 49.93
C GLU D 419 9.61 30.50 50.41
N GLY D 420 10.60 30.12 49.60
CA GLY D 420 11.99 30.32 49.98
C GLY D 420 12.70 29.09 50.53
N ARG D 421 12.06 27.92 50.50
CA ARG D 421 12.72 26.74 51.03
C ARG D 421 13.74 26.24 50.03
N ASP D 422 14.79 25.58 50.54
CA ASP D 422 15.81 24.98 49.68
C ASP D 422 15.30 23.61 49.23
N ILE D 423 14.90 23.50 47.95
CA ILE D 423 14.26 22.27 47.53
C ILE D 423 15.25 21.14 47.31
N LEU D 424 16.57 21.39 47.28
CA LEU D 424 17.49 20.27 47.23
C LEU D 424 17.70 19.70 48.63
N ALA D 425 18.04 20.57 49.57
CA ALA D 425 18.25 20.10 50.94
C ALA D 425 16.96 19.59 51.58
N GLU D 426 15.80 20.19 51.25
CA GLU D 426 14.55 19.82 51.89
C GLU D 426 13.62 19.03 50.97
N GLY D 427 14.10 18.57 49.81
CA GLY D 427 13.19 17.98 48.82
C GLY D 427 12.44 16.78 49.37
N ARG D 428 13.15 15.87 50.03
CA ARG D 428 12.49 14.73 50.64
C ARG D 428 11.50 15.18 51.70
N GLU D 429 11.86 16.16 52.54
CA GLU D 429 10.91 16.62 53.57
C GLU D 429 9.67 17.23 52.95
N ILE D 430 9.84 17.95 51.83
CA ILE D 430 8.68 18.61 51.22
C ILE D 430 7.71 17.56 50.72
N LEU D 431 8.23 16.51 50.09
CA LEU D 431 7.38 15.41 49.62
C LEU D 431 6.68 14.73 50.79
N GLU D 432 7.41 14.48 51.90
CA GLU D 432 6.82 13.86 53.08
C GLU D 432 5.69 14.71 53.63
N GLU D 433 5.89 16.04 53.72
CA GLU D 433 4.83 16.94 54.16
C GLU D 433 3.61 16.86 53.24
N ALA D 434 3.83 16.91 51.93
CA ALA D 434 2.71 16.85 51.00
C ALA D 434 1.99 15.51 51.11
N ALA D 435 2.73 14.43 51.37
CA ALA D 435 2.10 13.11 51.41
C ALA D 435 1.14 12.99 52.58
N ARG D 436 1.26 13.85 53.59
CA ARG D 436 0.31 13.80 54.68
C ARG D 436 -1.09 14.19 54.27
N SER D 437 -1.25 14.94 53.18
CA SER D 437 -2.57 15.29 52.67
C SER D 437 -2.93 14.57 51.40
N CYS D 438 -2.11 13.61 50.97
CA CYS D 438 -2.35 12.98 49.66
C CYS D 438 -1.92 11.52 49.72
N PRO D 439 -2.85 10.61 50.04
CA PRO D 439 -2.48 9.19 50.09
C PRO D 439 -1.90 8.64 48.80
N GLU D 440 -2.38 9.10 47.63
CA GLU D 440 -1.79 8.65 46.36
C GLU D 440 -0.29 8.90 46.33
N LEU D 441 0.12 10.10 46.76
CA LEU D 441 1.54 10.43 46.80
C LEU D 441 2.28 9.52 47.77
N ARG D 442 1.73 9.29 48.96
CA ARG D 442 2.38 8.38 49.90
C ARG D 442 2.59 7.01 49.27
N GLU D 443 1.58 6.49 48.60
CA GLU D 443 1.71 5.15 48.01
C GLU D 443 2.78 5.11 46.93
N ALA D 444 2.89 6.18 46.16
CA ALA D 444 3.94 6.25 45.15
C ALA D 444 5.32 6.33 45.81
N MET D 445 5.45 7.13 46.87
CA MET D 445 6.73 7.25 47.53
C MET D 445 7.17 5.90 48.10
N GLU D 446 6.21 5.14 48.64
CA GLU D 446 6.55 3.87 49.25
C GLU D 446 6.91 2.84 48.18
N LEU D 447 6.19 2.84 47.06
CA LEU D 447 6.45 1.83 46.03
C LEU D 447 7.85 1.99 45.43
N TRP D 448 8.28 3.23 45.21
CA TRP D 448 9.49 3.46 44.41
C TRP D 448 10.64 4.06 45.22
N GLY D 449 10.55 3.99 46.54
CA GLY D 449 11.57 4.61 47.38
C GLY D 449 12.96 4.03 47.20
N ASP D 450 13.08 2.76 46.77
CA ASP D 450 14.38 2.13 46.62
C ASP D 450 14.84 2.11 45.18
N VAL D 451 14.15 2.81 44.30
CA VAL D 451 14.44 2.71 42.87
C VAL D 451 15.26 3.95 42.50
N LYS D 452 16.54 3.75 42.24
CA LYS D 452 17.46 4.86 42.01
C LYS D 452 18.33 4.50 40.82
N PHE D 453 18.69 5.50 40.02
CA PHE D 453 19.64 5.30 38.93
C PHE D 453 20.92 6.06 39.25
N GLU D 454 22.03 5.61 38.68
CA GLU D 454 23.30 6.29 38.93
C GLU D 454 23.31 7.65 38.23
N VAL D 455 24.02 8.61 38.84
CA VAL D 455 24.07 9.95 38.25
C VAL D 455 25.52 10.44 38.25
N MET E 1 -34.72 4.77 28.88
CA MET E 1 -33.31 4.50 28.63
C MET E 1 -33.04 2.99 28.65
N HIS E 2 -32.68 2.42 27.50
CA HIS E 2 -32.19 1.04 27.47
C HIS E 2 -30.69 1.01 27.67
N THR E 3 -30.20 -0.10 28.20
CA THR E 3 -28.80 -0.18 28.62
C THR E 3 -28.09 -1.37 27.99
N GLU E 4 -28.39 -1.65 26.71
CA GLU E 4 -27.70 -2.67 25.96
C GLU E 4 -27.94 -4.06 26.54
N THR E 5 -26.92 -4.91 26.65
CA THR E 5 -27.21 -6.34 26.81
C THR E 5 -28.05 -6.64 28.04
N PHE E 6 -29.18 -7.35 27.82
CA PHE E 6 -30.15 -7.84 28.82
C PHE E 6 -31.12 -6.71 29.19
N SER E 7 -30.98 -5.51 28.61
CA SER E 7 -31.90 -4.40 28.89
C SER E 7 -33.35 -4.73 28.51
N TYR E 8 -33.57 -5.65 27.57
CA TYR E 8 -34.94 -6.00 27.15
C TYR E 8 -35.52 -7.15 27.95
N LEU E 9 -34.75 -7.69 28.92
CA LEU E 9 -35.26 -8.65 29.90
C LEU E 9 -35.64 -7.93 31.19
N PRO E 10 -36.39 -8.62 32.06
CA PRO E 10 -36.65 -8.05 33.39
C PRO E 10 -35.37 -7.75 34.14
N PRO E 11 -35.38 -6.73 35.00
CA PRO E 11 -34.17 -6.40 35.76
C PRO E 11 -33.60 -7.64 36.45
N LEU E 12 -32.30 -7.81 36.35
CA LEU E 12 -31.68 -9.00 36.93
C LEU E 12 -31.67 -8.99 38.45
N THR E 13 -32.00 -10.15 39.03
CA THR E 13 -31.78 -10.38 40.45
C THR E 13 -30.29 -10.55 40.71
N ASP E 14 -29.93 -10.46 41.98
CA ASP E 14 -28.55 -10.72 42.37
C ASP E 14 -28.10 -12.12 41.96
N GLU E 15 -28.99 -13.11 42.08
CA GLU E 15 -28.63 -14.46 41.64
C GLU E 15 -28.35 -14.49 40.15
N GLU E 16 -29.20 -13.83 39.37
CA GLU E 16 -28.95 -13.77 37.93
C GLU E 16 -27.67 -13.02 37.62
N ILE E 17 -27.38 -11.93 38.32
CA ILE E 17 -26.12 -11.19 38.07
C ILE E 17 -24.92 -12.08 38.38
N LYS E 18 -24.96 -12.77 39.52
CA LYS E 18 -23.86 -13.66 39.91
C LYS E 18 -23.58 -14.70 38.84
N LYS E 19 -24.62 -15.27 38.24
CA LYS E 19 -24.40 -16.27 37.20
C LYS E 19 -23.64 -15.70 36.02
N GLN E 20 -23.91 -14.43 35.66
CA GLN E 20 -23.17 -13.81 34.56
C GLN E 20 -21.71 -13.57 34.97
N VAL E 21 -21.49 -13.17 36.20
CA VAL E 21 -20.11 -13.06 36.69
C VAL E 21 -19.43 -14.43 36.66
N GLU E 22 -20.17 -15.51 37.00
CA GLU E 22 -19.55 -16.83 36.99
C GLU E 22 -19.11 -17.21 35.58
N TYR E 23 -19.93 -16.83 34.59
CA TYR E 23 -19.61 -17.05 33.18
C TYR E 23 -18.35 -16.29 32.76
N ILE E 24 -18.25 -15.03 33.18
CA ILE E 24 -17.05 -14.25 32.89
C ILE E 24 -15.82 -14.96 33.43
N LEU E 25 -15.88 -15.40 34.70
CA LEU E 25 -14.75 -16.06 35.35
C LEU E 25 -14.44 -17.43 34.73
N LYS E 26 -15.47 -18.23 34.46
CA LYS E 26 -15.27 -19.55 33.86
C LYS E 26 -14.52 -19.46 32.54
N ASN E 27 -14.75 -18.39 31.77
CA ASN E 27 -14.10 -18.24 30.48
C ASN E 27 -12.70 -17.63 30.59
N GLY E 28 -12.22 -17.35 31.80
CA GLY E 28 -10.94 -16.70 31.97
C GLY E 28 -10.93 -15.21 31.70
N TRP E 29 -12.09 -14.56 31.66
CA TRP E 29 -12.17 -13.14 31.35
C TRP E 29 -12.08 -12.35 32.67
N ILE E 30 -11.83 -11.05 32.57
CA ILE E 30 -11.58 -10.20 33.73
C ILE E 30 -12.88 -9.47 34.06
N PRO E 31 -13.47 -9.68 35.24
CA PRO E 31 -14.68 -8.92 35.59
C PRO E 31 -14.31 -7.55 36.09
N GLY E 32 -15.22 -6.59 35.84
CA GLY E 32 -15.03 -5.21 36.29
C GLY E 32 -16.39 -4.60 36.57
N ILE E 33 -16.35 -3.44 37.23
CA ILE E 33 -17.56 -2.71 37.62
C ILE E 33 -17.35 -1.25 37.24
N GLU E 34 -18.33 -0.67 36.56
CA GLU E 34 -18.31 0.75 36.19
C GLU E 34 -19.65 1.38 36.54
N TYR E 35 -19.66 2.71 36.70
CA TYR E 35 -20.90 3.36 37.10
C TYR E 35 -20.94 4.76 36.51
N THR E 36 -22.14 5.31 36.40
CA THR E 36 -22.26 6.65 35.86
C THR E 36 -23.65 7.17 36.18
N ASP E 37 -23.78 8.50 36.22
CA ASP E 37 -25.09 9.12 36.18
C ASP E 37 -25.47 9.65 34.80
N GLU E 38 -24.65 9.38 33.77
CA GLU E 38 -24.95 9.75 32.38
C GLU E 38 -24.79 8.54 31.47
N PRO E 39 -25.75 7.61 31.48
CA PRO E 39 -25.59 6.34 30.74
C PRO E 39 -25.90 6.41 29.26
N GLY E 40 -26.22 7.58 28.70
CA GLY E 40 -26.70 7.65 27.34
C GLY E 40 -25.63 7.33 26.28
N PRO E 41 -26.04 7.40 25.01
CA PRO E 41 -25.18 6.92 23.92
C PRO E 41 -23.99 7.81 23.60
N HIS E 42 -23.93 9.00 24.20
CA HIS E 42 -22.74 9.84 24.04
C HIS E 42 -21.58 9.36 24.89
N ASN E 43 -21.83 8.50 25.88
CA ASN E 43 -20.85 8.24 26.94
C ASN E 43 -20.16 6.89 26.73
N SER E 44 -18.90 6.93 26.29
CA SER E 44 -18.13 5.72 26.04
C SER E 44 -17.31 5.27 27.24
N TYR E 45 -17.19 6.11 28.31
CA TYR E 45 -16.24 5.86 29.40
C TYR E 45 -16.94 6.12 30.72
N TRP E 46 -17.68 5.12 31.22
CA TRP E 46 -18.23 5.20 32.56
C TRP E 46 -17.10 5.22 33.59
N SER E 47 -17.43 5.64 34.81
CA SER E 47 -16.43 5.64 35.88
C SER E 47 -16.08 4.22 36.32
N PHE E 48 -14.79 3.93 36.40
CA PHE E 48 -14.32 2.69 37.02
C PHE E 48 -14.62 2.66 38.52
N TRP E 49 -15.15 1.53 38.99
CA TRP E 49 -15.13 1.23 40.41
C TRP E 49 -13.86 0.41 40.65
N LYS E 50 -12.85 1.01 41.26
CA LYS E 50 -11.50 0.43 41.40
C LYS E 50 -10.96 0.12 40.01
N LEU E 51 -10.08 -0.86 39.89
CA LEU E 51 -9.60 -1.31 38.59
C LEU E 51 -10.34 -2.59 38.19
N PRO E 52 -10.21 -3.02 36.94
CA PRO E 52 -10.72 -4.35 36.57
C PRO E 52 -10.17 -5.39 37.54
N PHE E 53 -11.01 -6.34 37.96
CA PHE E 53 -10.60 -7.25 39.04
C PHE E 53 -9.77 -8.41 38.48
N PHE E 54 -8.53 -8.05 38.08
CA PHE E 54 -7.57 -9.03 37.54
C PHE E 54 -7.36 -10.20 38.49
N ASN E 55 -7.40 -9.95 39.79
CA ASN E 55 -7.05 -10.97 40.76
C ASN E 55 -8.25 -11.70 41.32
N ALA E 56 -9.46 -11.41 40.85
CA ALA E 56 -10.61 -12.02 41.49
C ALA E 56 -10.66 -13.50 41.17
N GLU E 57 -10.89 -14.31 42.19
CA GLU E 57 -10.99 -15.75 42.01
C GLU E 57 -12.43 -16.26 42.05
N THR E 58 -13.35 -15.55 42.67
CA THR E 58 -14.70 -16.07 42.86
C THR E 58 -15.74 -15.01 42.50
N ALA E 59 -16.88 -15.48 42.01
CA ALA E 59 -17.96 -14.54 41.72
C ALA E 59 -18.36 -13.76 42.96
N GLU E 60 -18.30 -14.39 44.15
CA GLU E 60 -18.74 -13.73 45.37
C GLU E 60 -17.93 -12.46 45.65
N GLU E 61 -16.61 -12.50 45.36
CA GLU E 61 -15.79 -11.30 45.55
C GLU E 61 -16.32 -10.15 44.68
N VAL E 62 -16.74 -10.47 43.45
CA VAL E 62 -17.24 -9.42 42.57
C VAL E 62 -18.57 -8.88 43.09
N MET E 63 -19.44 -9.76 43.58
CA MET E 63 -20.75 -9.31 44.06
C MET E 63 -20.59 -8.41 45.29
N GLU E 64 -19.62 -8.69 46.16
CA GLU E 64 -19.34 -7.79 47.29
C GLU E 64 -18.93 -6.40 46.81
N GLU E 65 -18.12 -6.33 45.76
CA GLU E 65 -17.76 -5.02 45.22
C GLU E 65 -18.96 -4.32 44.59
N LEU E 66 -19.81 -5.07 43.88
CA LEU E 66 -21.04 -4.49 43.35
C LEU E 66 -21.89 -3.89 44.46
N GLU E 67 -22.10 -4.63 45.54
CA GLU E 67 -22.88 -4.09 46.65
C GLU E 67 -22.23 -2.84 47.24
N ALA E 68 -20.90 -2.85 47.38
CA ALA E 68 -20.20 -1.66 47.87
C ALA E 68 -20.32 -0.49 46.91
N CYS E 69 -20.28 -0.75 45.60
CA CYS E 69 -20.44 0.35 44.64
C CYS E 69 -21.86 0.89 44.69
N ARG E 70 -22.86 -0.03 44.76
CA ARG E 70 -24.26 0.32 44.93
C ARG E 70 -24.49 1.21 46.16
N GLU E 71 -23.84 0.85 47.27
CA GLU E 71 -24.02 1.64 48.50
C GLU E 71 -23.37 3.03 48.39
N ALA E 72 -22.22 3.13 47.70
CA ALA E 72 -21.58 4.43 47.53
C ALA E 72 -22.26 5.29 46.47
N ASN E 73 -22.89 4.68 45.47
CA ASN E 73 -23.40 5.41 44.30
C ASN E 73 -24.83 4.99 43.96
N PRO E 74 -25.77 5.16 44.90
CA PRO E 74 -27.14 4.66 44.69
C PRO E 74 -27.93 5.46 43.67
N ASP E 75 -27.41 6.61 43.25
CA ASP E 75 -28.02 7.42 42.21
C ASP E 75 -27.45 7.11 40.82
N CYS E 76 -26.57 6.13 40.70
CA CYS E 76 -25.90 5.84 39.43
C CYS E 76 -26.39 4.53 38.82
N TYR E 77 -26.28 4.43 37.49
CA TYR E 77 -26.35 3.14 36.82
C TYR E 77 -25.05 2.41 37.07
N ILE E 78 -25.11 1.10 37.34
CA ILE E 78 -23.92 0.32 37.61
C ILE E 78 -23.91 -0.88 36.68
N LYS E 79 -22.79 -1.04 35.98
CA LYS E 79 -22.67 -2.15 35.00
C LYS E 79 -21.53 -3.09 35.36
N ILE E 80 -21.75 -4.36 35.07
CA ILE E 80 -20.72 -5.40 35.19
C ILE E 80 -20.08 -5.54 33.82
N THR E 81 -18.75 -5.66 33.78
CA THR E 81 -18.04 -5.86 32.52
C THR E 81 -17.20 -7.12 32.59
N GLY E 82 -16.90 -7.65 31.41
CA GLY E 82 -15.97 -8.76 31.33
C GLY E 82 -15.02 -8.45 30.18
N TYR E 83 -13.71 -8.50 30.43
CA TYR E 83 -12.69 -8.09 29.45
C TYR E 83 -11.84 -9.28 29.06
N ASP E 84 -11.56 -9.44 27.75
CA ASP E 84 -10.73 -10.54 27.27
C ASP E 84 -9.45 -9.91 26.74
N ASN E 85 -8.36 -10.06 27.49
CA ASN E 85 -7.11 -9.40 27.09
C ASN E 85 -6.48 -10.09 25.87
N ILE E 86 -6.92 -11.32 25.56
CA ILE E 86 -6.39 -11.98 24.37
C ILE E 86 -7.00 -11.39 23.09
N ARG E 87 -8.25 -10.93 23.12
CA ARG E 87 -8.74 -10.24 21.94
C ARG E 87 -8.66 -8.73 22.07
N GLN E 88 -8.21 -8.24 23.22
CA GLN E 88 -8.22 -6.82 23.58
C GLN E 88 -9.62 -6.22 23.36
N GLY E 89 -10.62 -6.82 24.03
CA GLY E 89 -11.98 -6.37 23.80
C GLY E 89 -12.89 -6.78 24.94
N GLN E 90 -13.86 -5.92 25.23
CA GLN E 90 -14.90 -6.28 26.21
C GLN E 90 -15.76 -7.38 25.57
N VAL E 91 -16.05 -8.43 26.33
CA VAL E 91 -16.81 -9.55 25.81
C VAL E 91 -18.17 -9.70 26.48
N LEU E 92 -18.44 -8.95 27.55
CA LEU E 92 -19.78 -8.96 28.11
C LEU E 92 -19.94 -7.73 28.97
N SER E 93 -21.07 -7.03 28.80
CA SER E 93 -21.32 -5.82 29.57
C SER E 93 -22.82 -5.69 29.73
N PHE E 94 -23.29 -5.49 30.98
CA PHE E 94 -24.72 -5.33 31.22
C PHE E 94 -24.90 -4.53 32.51
N VAL E 95 -26.04 -3.87 32.61
CA VAL E 95 -26.36 -3.09 33.81
C VAL E 95 -26.90 -4.01 34.90
N ALA E 96 -26.27 -3.94 36.07
CA ALA E 96 -26.67 -4.70 37.23
C ALA E 96 -27.53 -3.90 38.20
N TYR E 97 -27.45 -2.57 38.15
CA TYR E 97 -28.26 -1.78 39.08
C TYR E 97 -28.67 -0.51 38.37
N ARG E 98 -29.95 -0.16 38.48
CA ARG E 98 -30.43 1.11 37.97
C ARG E 98 -30.96 1.94 39.12
N PRO E 99 -30.73 3.26 39.12
CA PRO E 99 -31.13 4.11 40.26
C PRO E 99 -32.64 4.39 40.28
N MET F 1 6.70 -1.53 -46.87
CA MET F 1 5.39 -0.90 -46.66
C MET F 1 4.27 -1.89 -47.00
N HIS F 2 3.58 -2.35 -45.96
CA HIS F 2 2.37 -3.12 -46.19
C HIS F 2 1.16 -2.19 -46.27
N THR F 3 0.13 -2.69 -46.93
CA THR F 3 -1.01 -1.86 -47.32
C THR F 3 -2.31 -2.51 -46.88
N GLU F 4 -2.31 -3.13 -45.69
CA GLU F 4 -3.54 -3.68 -45.06
C GLU F 4 -4.11 -4.83 -45.88
N THR F 5 -5.43 -4.92 -46.12
CA THR F 5 -6.01 -6.19 -46.57
C THR F 5 -5.41 -6.68 -47.89
N PHE F 6 -4.95 -7.92 -47.89
CA PHE F 6 -4.35 -8.68 -49.00
C PHE F 6 -2.89 -8.31 -49.22
N SER F 7 -2.33 -7.41 -48.40
CA SER F 7 -0.93 -7.03 -48.54
C SER F 7 0.03 -8.19 -48.26
N TYR F 8 -0.41 -9.23 -47.55
CA TYR F 8 0.43 -10.37 -47.27
C TYR F 8 0.29 -11.47 -48.29
N LEU F 9 -0.50 -11.25 -49.35
CA LEU F 9 -0.64 -12.14 -50.49
C LEU F 9 0.15 -11.58 -51.64
N PRO F 10 0.44 -12.39 -52.65
CA PRO F 10 1.10 -11.82 -53.83
C PRO F 10 0.25 -10.71 -54.42
N PRO F 11 0.87 -9.72 -55.06
CA PRO F 11 0.09 -8.64 -55.70
C PRO F 11 -1.04 -9.18 -56.57
N LEU F 12 -2.21 -8.55 -56.49
CA LEU F 12 -3.36 -9.06 -57.23
C LEU F 12 -3.24 -8.76 -58.71
N THR F 13 -3.62 -9.73 -59.53
CA THR F 13 -3.77 -9.51 -60.96
C THR F 13 -5.04 -8.71 -61.25
N ASP F 14 -5.15 -8.23 -62.50
CA ASP F 14 -6.38 -7.54 -62.90
C ASP F 14 -7.61 -8.44 -62.68
N GLU F 15 -7.49 -9.74 -63.02
CA GLU F 15 -8.64 -10.62 -62.83
C GLU F 15 -8.97 -10.82 -61.35
N GLU F 16 -7.93 -10.91 -60.50
CA GLU F 16 -8.19 -11.01 -59.06
C GLU F 16 -8.81 -9.73 -58.52
N ILE F 17 -8.32 -8.59 -58.99
CA ILE F 17 -8.92 -7.32 -58.57
C ILE F 17 -10.39 -7.28 -58.97
N LYS F 18 -10.67 -7.68 -60.21
CA LYS F 18 -12.04 -7.61 -60.71
C LYS F 18 -12.96 -8.51 -59.88
N LYS F 19 -12.47 -9.66 -59.40
CA LYS F 19 -13.32 -10.51 -58.57
C LYS F 19 -13.66 -9.83 -57.25
N GLN F 20 -12.73 -9.07 -56.66
CA GLN F 20 -13.05 -8.36 -55.43
C GLN F 20 -14.05 -7.23 -55.70
N VAL F 21 -13.95 -6.57 -56.86
CA VAL F 21 -14.93 -5.56 -57.23
C VAL F 21 -16.31 -6.20 -57.41
N GLU F 22 -16.36 -7.38 -58.05
CA GLU F 22 -17.62 -8.10 -58.19
C GLU F 22 -18.22 -8.43 -56.82
N TYR F 23 -17.37 -8.78 -55.85
CA TYR F 23 -17.86 -9.04 -54.50
C TYR F 23 -18.49 -7.79 -53.87
N ILE F 24 -17.83 -6.65 -54.02
CA ILE F 24 -18.38 -5.39 -53.53
C ILE F 24 -19.75 -5.13 -54.15
N LEU F 25 -19.85 -5.27 -55.48
CA LEU F 25 -21.12 -4.98 -56.17
C LEU F 25 -22.19 -5.98 -55.79
N LYS F 26 -21.81 -7.27 -55.68
CA LYS F 26 -22.80 -8.31 -55.35
C LYS F 26 -23.46 -8.03 -54.01
N ASN F 27 -22.71 -7.52 -53.04
CA ASN F 27 -23.25 -7.20 -51.73
C ASN F 27 -23.96 -5.86 -51.66
N GLY F 28 -24.11 -5.17 -52.78
CA GLY F 28 -24.77 -3.88 -52.79
C GLY F 28 -23.97 -2.75 -52.17
N TRP F 29 -22.66 -2.87 -52.07
CA TRP F 29 -21.80 -1.81 -51.56
C TRP F 29 -21.31 -0.91 -52.70
N ILE F 30 -20.75 0.24 -52.32
CA ILE F 30 -20.36 1.26 -53.26
C ILE F 30 -18.87 1.11 -53.53
N PRO F 31 -18.45 0.80 -54.74
CA PRO F 31 -17.01 0.77 -55.00
C PRO F 31 -16.44 2.19 -55.12
N GLY F 32 -15.19 2.35 -54.68
CA GLY F 32 -14.50 3.61 -54.88
C GLY F 32 -13.03 3.37 -55.19
N ILE F 33 -12.37 4.44 -55.65
CA ILE F 33 -10.93 4.41 -55.90
C ILE F 33 -10.27 5.60 -55.19
N GLU F 34 -9.17 5.33 -54.48
CA GLU F 34 -8.37 6.36 -53.82
C GLU F 34 -6.91 6.12 -54.14
N TYR F 35 -6.10 7.20 -54.09
CA TYR F 35 -4.69 7.10 -54.43
C TYR F 35 -3.88 8.04 -53.56
N THR F 36 -2.58 7.75 -53.41
CA THR F 36 -1.73 8.65 -52.63
C THR F 36 -0.27 8.33 -52.92
N ASP F 37 0.59 9.34 -52.75
CA ASP F 37 2.02 9.06 -52.67
C ASP F 37 2.50 8.97 -51.24
N GLU F 38 1.60 9.07 -50.26
CA GLU F 38 1.96 8.97 -48.84
C GLU F 38 1.10 7.92 -48.13
N PRO F 39 1.34 6.63 -48.39
CA PRO F 39 0.45 5.57 -47.88
C PRO F 39 0.62 5.16 -46.42
N GLY F 40 1.50 5.79 -45.65
CA GLY F 40 1.83 5.30 -44.34
C GLY F 40 0.71 5.46 -43.30
N PRO F 41 0.99 5.01 -42.08
CA PRO F 41 -0.08 4.93 -41.07
C PRO F 41 -0.53 6.30 -40.55
N HIS F 42 0.17 7.38 -40.91
CA HIS F 42 -0.27 8.71 -40.53
C HIS F 42 -1.43 9.21 -41.38
N ASN F 43 -1.71 8.57 -42.52
CA ASN F 43 -2.61 9.14 -43.54
C ASN F 43 -3.95 8.39 -43.52
N SER F 44 -4.99 9.01 -42.98
CA SER F 44 -6.32 8.40 -43.01
C SER F 44 -7.13 8.77 -44.25
N TYR F 45 -6.62 9.68 -45.10
CA TYR F 45 -7.45 10.32 -46.12
C TYR F 45 -6.64 10.39 -47.43
N TRP F 46 -6.59 9.27 -48.14
CA TRP F 46 -6.02 9.28 -49.47
C TRP F 46 -6.86 10.15 -50.40
N SER F 47 -6.27 10.53 -51.55
CA SER F 47 -7.00 11.35 -52.52
C SER F 47 -8.08 10.52 -53.21
N PHE F 48 -9.30 11.07 -53.28
CA PHE F 48 -10.37 10.45 -54.05
C PHE F 48 -10.05 10.55 -55.54
N TRP F 49 -10.19 9.44 -56.26
CA TRP F 49 -10.35 9.49 -57.71
C TRP F 49 -11.83 9.67 -57.99
N LYS F 50 -12.21 10.85 -58.48
CA LYS F 50 -13.63 11.20 -58.71
C LYS F 50 -14.37 11.04 -57.38
N LEU F 51 -15.61 10.60 -57.40
CA LEU F 51 -16.38 10.31 -56.21
C LEU F 51 -16.60 8.80 -56.08
N PRO F 52 -17.03 8.32 -54.91
CA PRO F 52 -17.43 6.89 -54.83
C PRO F 52 -18.43 6.61 -55.93
N PHE F 53 -18.32 5.42 -56.53
CA PHE F 53 -19.06 5.14 -57.77
C PHE F 53 -20.47 4.63 -57.44
N PHE F 54 -21.28 5.57 -56.96
CA PHE F 54 -22.63 5.25 -56.54
C PHE F 54 -23.43 4.63 -57.67
N ASN F 55 -23.19 5.10 -58.91
CA ASN F 55 -23.97 4.71 -60.07
C ASN F 55 -23.36 3.55 -60.85
N ALA F 56 -22.23 3.00 -60.38
CA ALA F 56 -21.59 1.91 -61.11
C ALA F 56 -22.50 0.70 -61.14
N GLU F 57 -22.59 0.06 -62.31
CA GLU F 57 -23.39 -1.15 -62.41
C GLU F 57 -22.59 -2.41 -62.68
N THR F 58 -21.38 -2.30 -63.20
CA THR F 58 -20.58 -3.46 -63.54
C THR F 58 -19.18 -3.29 -62.99
N ALA F 59 -18.53 -4.42 -62.68
CA ALA F 59 -17.14 -4.34 -62.25
C ALA F 59 -16.26 -3.79 -63.36
N GLU F 60 -16.62 -4.02 -64.64
CA GLU F 60 -15.80 -3.49 -65.72
C GLU F 60 -15.74 -1.96 -65.69
N GLU F 61 -16.83 -1.30 -65.33
CA GLU F 61 -16.79 0.16 -65.24
C GLU F 61 -15.78 0.62 -64.19
N VAL F 62 -15.73 -0.08 -63.07
CA VAL F 62 -14.77 0.25 -62.03
C VAL F 62 -13.35 -0.01 -62.51
N MET F 63 -13.14 -1.14 -63.19
CA MET F 63 -11.82 -1.47 -63.70
C MET F 63 -11.31 -0.42 -64.67
N GLU F 64 -12.18 0.09 -65.55
CA GLU F 64 -11.81 1.21 -66.44
C GLU F 64 -11.38 2.45 -65.64
N GLU F 65 -12.11 2.78 -64.57
CA GLU F 65 -11.67 3.92 -63.76
C GLU F 65 -10.35 3.64 -63.07
N LEU F 66 -10.12 2.40 -62.65
CA LEU F 66 -8.82 2.05 -62.08
C LEU F 66 -7.71 2.31 -63.08
N GLU F 67 -7.91 1.90 -64.34
CA GLU F 67 -6.90 2.14 -65.37
C GLU F 67 -6.68 3.64 -65.61
N ALA F 68 -7.76 4.43 -65.59
CA ALA F 68 -7.65 5.87 -65.75
C ALA F 68 -6.91 6.51 -64.57
N CYS F 69 -7.23 6.10 -63.34
CA CYS F 69 -6.51 6.65 -62.19
C CYS F 69 -5.03 6.31 -62.26
N ARG F 70 -4.71 5.08 -62.66
CA ARG F 70 -3.31 4.68 -62.74
C ARG F 70 -2.57 5.44 -63.85
N GLU F 71 -3.22 5.64 -65.00
CA GLU F 71 -2.58 6.43 -66.05
C GLU F 71 -2.30 7.85 -65.59
N ALA F 72 -3.23 8.44 -64.82
CA ALA F 72 -3.04 9.80 -64.34
C ALA F 72 -2.05 9.90 -63.17
N ASN F 73 -1.89 8.85 -62.37
CA ASN F 73 -1.13 8.91 -61.12
C ASN F 73 -0.22 7.69 -61.00
N PRO F 74 0.68 7.47 -61.97
CA PRO F 74 1.47 6.24 -61.97
C PRO F 74 2.50 6.16 -60.87
N ASP F 75 2.73 7.29 -60.18
CA ASP F 75 3.66 7.37 -59.08
C ASP F 75 2.99 7.14 -57.72
N CYS F 76 1.70 6.78 -57.72
CA CYS F 76 0.93 6.63 -56.50
C CYS F 76 0.49 5.19 -56.25
N TYR F 77 0.26 4.91 -54.97
CA TYR F 77 -0.50 3.74 -54.59
C TYR F 77 -1.97 3.97 -54.86
N ILE F 78 -2.66 2.94 -55.33
CA ILE F 78 -4.06 3.06 -55.67
C ILE F 78 -4.82 1.93 -55.01
N LYS F 79 -5.88 2.27 -54.30
CA LYS F 79 -6.64 1.28 -53.56
C LYS F 79 -8.10 1.30 -54.03
N ILE F 80 -8.68 0.11 -54.03
CA ILE F 80 -10.11 -0.09 -54.24
C ILE F 80 -10.78 -0.13 -52.87
N THR F 81 -11.86 0.63 -52.72
CA THR F 81 -12.68 0.61 -51.51
C THR F 81 -14.08 0.12 -51.83
N GLY F 82 -14.78 -0.32 -50.78
CA GLY F 82 -16.20 -0.65 -50.88
C GLY F 82 -16.88 -0.13 -49.64
N TYR F 83 -17.90 0.69 -49.83
CA TYR F 83 -18.56 1.39 -48.73
C TYR F 83 -19.98 0.87 -48.55
N ASP F 84 -20.37 0.65 -47.30
CA ASP F 84 -21.72 0.23 -46.96
C ASP F 84 -22.43 1.41 -46.25
N ASN F 85 -23.36 2.07 -46.94
CA ASN F 85 -24.01 3.25 -46.36
C ASN F 85 -24.99 2.86 -45.27
N ILE F 86 -25.36 1.58 -45.18
CA ILE F 86 -26.25 1.14 -44.08
C ILE F 86 -25.49 1.01 -42.76
N ARG F 87 -24.22 0.66 -42.80
CA ARG F 87 -23.42 0.64 -41.54
C ARG F 87 -22.62 1.94 -41.40
N GLN F 88 -22.64 2.78 -42.42
CA GLN F 88 -21.80 3.98 -42.45
C GLN F 88 -20.33 3.62 -42.19
N GLY F 89 -19.82 2.67 -42.98
CA GLY F 89 -18.45 2.25 -42.82
C GLY F 89 -17.94 1.54 -44.05
N GLN F 90 -16.61 1.61 -44.25
CA GLN F 90 -15.94 0.84 -45.29
C GLN F 90 -15.95 -0.63 -44.92
N VAL F 91 -16.24 -1.48 -45.90
CA VAL F 91 -16.31 -2.91 -45.65
C VAL F 91 -15.24 -3.69 -46.40
N LEU F 92 -14.48 -3.04 -47.27
CA LEU F 92 -13.34 -3.71 -47.90
C LEU F 92 -12.44 -2.63 -48.49
N SER F 93 -11.14 -2.74 -48.26
CA SER F 93 -10.22 -1.76 -48.85
C SER F 93 -8.92 -2.51 -49.12
N PHE F 94 -8.41 -2.45 -50.35
CA PHE F 94 -7.14 -3.10 -50.63
C PHE F 94 -6.41 -2.34 -51.74
N VAL F 95 -5.08 -2.46 -51.76
CA VAL F 95 -4.28 -1.82 -52.80
C VAL F 95 -4.27 -2.66 -54.07
N ALA F 96 -4.62 -2.02 -55.19
CA ALA F 96 -4.67 -2.62 -56.51
C ALA F 96 -3.45 -2.31 -57.35
N TYR F 97 -2.71 -1.24 -57.05
CA TYR F 97 -1.54 -0.85 -57.84
C TYR F 97 -0.51 -0.20 -56.94
N ARG F 98 0.74 -0.61 -57.08
CA ARG F 98 1.82 0.00 -56.34
C ARG F 98 2.81 0.59 -57.33
N PRO F 99 3.36 1.78 -57.07
CA PRO F 99 4.24 2.41 -58.08
C PRO F 99 5.63 1.74 -58.19
N MET G 1 30.01 7.34 -33.51
CA MET G 1 29.07 6.40 -32.91
C MET G 1 29.82 5.37 -32.05
N HIS G 2 29.69 5.49 -30.73
CA HIS G 2 30.15 4.45 -29.83
C HIS G 2 29.04 3.41 -29.66
N THR G 3 29.44 2.19 -29.33
CA THR G 3 28.54 1.04 -29.36
C THR G 3 28.56 0.29 -28.03
N GLU G 4 28.69 1.01 -26.92
CA GLU G 4 28.61 0.41 -25.59
C GLU G 4 29.76 -0.55 -25.33
N THR G 5 29.53 -1.71 -24.71
CA THR G 5 30.66 -2.46 -24.16
C THR G 5 31.72 -2.82 -25.20
N PHE G 6 32.97 -2.47 -24.87
CA PHE G 6 34.20 -2.69 -25.62
C PHE G 6 34.37 -1.63 -26.70
N SER G 7 33.43 -0.67 -26.82
CA SER G 7 33.52 0.37 -27.84
C SER G 7 34.71 1.28 -27.64
N TYR G 8 35.24 1.38 -26.41
CA TYR G 8 36.39 2.24 -26.18
C TYR G 8 37.71 1.49 -26.30
N LEU G 9 37.66 0.20 -26.70
CA LEU G 9 38.85 -0.58 -27.01
C LEU G 9 39.04 -0.64 -28.51
N PRO G 10 40.23 -1.04 -28.98
CA PRO G 10 40.41 -1.26 -30.42
C PRO G 10 39.39 -2.26 -30.94
N PRO G 11 38.88 -2.06 -32.16
CA PRO G 11 37.90 -3.00 -32.71
C PRO G 11 38.43 -4.42 -32.60
N LEU G 12 37.54 -5.32 -32.18
CA LEU G 12 37.98 -6.69 -31.86
C LEU G 12 38.29 -7.49 -33.11
N THR G 13 39.37 -8.28 -33.02
CA THR G 13 39.62 -9.30 -34.04
C THR G 13 38.63 -10.47 -33.91
N ASP G 14 38.57 -11.30 -34.95
CA ASP G 14 37.71 -12.48 -34.88
C ASP G 14 38.10 -13.36 -33.69
N GLU G 15 39.41 -13.51 -33.44
CA GLU G 15 39.86 -14.28 -32.29
C GLU G 15 39.40 -13.64 -30.97
N GLU G 16 39.45 -12.31 -30.88
CA GLU G 16 38.95 -11.66 -29.66
C GLU G 16 37.46 -11.86 -29.50
N ILE G 17 36.70 -11.78 -30.60
CA ILE G 17 35.26 -11.99 -30.53
C ILE G 17 34.97 -13.39 -30.04
N LYS G 18 35.68 -14.38 -30.59
CA LYS G 18 35.43 -15.76 -30.22
C LYS G 18 35.67 -15.98 -28.73
N LYS G 19 36.70 -15.33 -28.16
CA LYS G 19 36.93 -15.46 -26.73
C LYS G 19 35.73 -14.98 -25.93
N GLN G 20 35.09 -13.90 -26.39
CA GLN G 20 33.91 -13.41 -25.69
C GLN G 20 32.73 -14.38 -25.83
N VAL G 21 32.57 -14.98 -27.02
CA VAL G 21 31.56 -16.02 -27.20
C VAL G 21 31.85 -17.21 -26.29
N GLU G 22 33.12 -17.63 -26.17
CA GLU G 22 33.45 -18.73 -25.25
C GLU G 22 33.10 -18.38 -23.81
N TYR G 23 33.27 -17.12 -23.40
CA TYR G 23 32.88 -16.70 -22.06
C TYR G 23 31.37 -16.81 -21.86
N ILE G 24 30.58 -16.37 -22.84
CA ILE G 24 29.13 -16.51 -22.75
C ILE G 24 28.73 -17.97 -22.54
N LEU G 25 29.32 -18.86 -23.35
CA LEU G 25 28.97 -20.28 -23.31
C LEU G 25 29.43 -20.94 -22.02
N LYS G 26 30.66 -20.64 -21.59
CA LYS G 26 31.22 -21.18 -20.35
C LYS G 26 30.32 -20.90 -19.17
N ASN G 27 29.65 -19.75 -19.16
CA ASN G 27 28.79 -19.36 -18.06
C ASN G 27 27.37 -19.87 -18.23
N GLY G 28 27.10 -20.63 -19.29
CA GLY G 28 25.77 -21.19 -19.49
C GLY G 28 24.75 -20.18 -19.99
N TRP G 29 25.21 -19.07 -20.54
CA TRP G 29 24.30 -18.07 -21.07
C TRP G 29 24.00 -18.36 -22.54
N ILE G 30 22.95 -17.74 -23.05
CA ILE G 30 22.45 -17.98 -24.40
C ILE G 30 23.07 -16.93 -25.32
N PRO G 31 23.94 -17.31 -26.25
CA PRO G 31 24.42 -16.34 -27.23
C PRO G 31 23.35 -15.97 -28.24
N GLY G 32 23.43 -14.72 -28.73
CA GLY G 32 22.55 -14.22 -29.77
C GLY G 32 23.30 -13.26 -30.68
N ILE G 33 22.70 -12.99 -31.82
CA ILE G 33 23.26 -12.06 -32.80
C ILE G 33 22.14 -11.12 -33.21
N GLU G 34 22.41 -9.82 -33.21
CA GLU G 34 21.45 -8.83 -33.67
C GLU G 34 22.16 -7.85 -34.58
N TYR G 35 21.40 -7.17 -35.42
CA TYR G 35 22.03 -6.26 -36.39
C TYR G 35 21.08 -5.11 -36.67
N THR G 36 21.65 -3.97 -37.10
CA THR G 36 20.82 -2.81 -37.47
C THR G 36 21.65 -1.87 -38.33
N ASP G 37 20.94 -1.04 -39.11
CA ASP G 37 21.55 0.13 -39.72
C ASP G 37 21.21 1.41 -38.98
N GLU G 38 20.54 1.33 -37.82
CA GLU G 38 20.26 2.50 -36.98
C GLU G 38 20.71 2.22 -35.55
N PRO G 39 22.01 2.28 -35.28
CA PRO G 39 22.51 1.86 -33.94
C PRO G 39 22.39 2.87 -32.81
N GLY G 40 21.88 4.06 -33.03
CA GLY G 40 21.96 5.11 -32.04
C GLY G 40 21.11 4.86 -30.80
N PRO G 41 21.12 5.85 -29.90
CA PRO G 41 20.49 5.67 -28.58
C PRO G 41 18.96 5.62 -28.61
N HIS G 42 18.32 5.90 -29.74
CA HIS G 42 16.86 5.76 -29.79
C HIS G 42 16.44 4.30 -29.96
N ASN G 43 17.38 3.42 -30.30
CA ASN G 43 16.99 2.09 -30.78
C ASN G 43 17.24 1.05 -29.69
N SER G 44 16.15 0.53 -29.11
CA SER G 44 16.30 -0.51 -28.10
C SER G 44 16.16 -1.90 -28.67
N TYR G 45 15.78 -2.04 -29.96
CA TYR G 45 15.37 -3.32 -30.51
C TYR G 45 15.99 -3.55 -31.89
N TRP G 46 17.27 -3.93 -31.91
CA TRP G 46 17.92 -4.33 -33.14
C TRP G 46 17.21 -5.56 -33.72
N SER G 47 17.45 -5.82 -35.01
CA SER G 47 16.89 -7.00 -35.66
C SER G 47 17.60 -8.27 -35.19
N PHE G 48 16.81 -9.26 -34.77
CA PHE G 48 17.39 -10.56 -34.47
C PHE G 48 17.91 -11.21 -35.76
N TRP G 49 19.09 -11.80 -35.68
CA TRP G 49 19.54 -12.77 -36.67
C TRP G 49 19.12 -14.14 -36.14
N LYS G 50 18.07 -14.69 -36.72
CA LYS G 50 17.41 -15.93 -36.26
C LYS G 50 16.88 -15.72 -34.82
N LEU G 51 16.78 -16.77 -34.06
CA LEU G 51 16.45 -16.67 -32.65
C LEU G 51 17.73 -16.73 -31.82
N PRO G 52 17.69 -16.34 -30.53
CA PRO G 52 18.84 -16.62 -29.65
C PRO G 52 19.25 -18.09 -29.77
N PHE G 53 20.56 -18.36 -29.73
CA PHE G 53 21.04 -19.71 -30.08
C PHE G 53 20.96 -20.63 -28.86
N PHE G 54 19.72 -21.01 -28.54
CA PHE G 54 19.47 -21.81 -27.34
C PHE G 54 20.23 -23.14 -27.37
N ASN G 55 20.43 -23.68 -28.55
CA ASN G 55 21.01 -25.00 -28.68
C ASN G 55 22.49 -24.97 -29.05
N ALA G 56 23.09 -23.79 -29.14
CA ALA G 56 24.50 -23.72 -29.51
C ALA G 56 25.36 -24.36 -28.44
N GLU G 57 26.29 -25.23 -28.86
CA GLU G 57 27.23 -25.85 -27.93
C GLU G 57 28.66 -25.36 -28.10
N THR G 58 29.00 -24.76 -29.24
CA THR G 58 30.38 -24.36 -29.47
C THR G 58 30.44 -22.92 -29.94
N ALA G 59 31.57 -22.28 -29.66
CA ALA G 59 31.79 -20.93 -30.14
C ALA G 59 31.88 -20.88 -31.66
N GLU G 60 32.40 -21.94 -32.29
CA GLU G 60 32.51 -21.98 -33.75
C GLU G 60 31.13 -21.88 -34.40
N GLU G 61 30.12 -22.55 -33.81
CA GLU G 61 28.75 -22.40 -34.27
C GLU G 61 28.33 -20.94 -34.30
N VAL G 62 28.56 -20.21 -33.21
CA VAL G 62 28.14 -18.81 -33.19
C VAL G 62 28.94 -17.99 -34.19
N MET G 63 30.25 -18.26 -34.28
CA MET G 63 31.09 -17.50 -35.20
C MET G 63 30.63 -17.70 -36.66
N GLU G 64 30.17 -18.91 -37.00
CA GLU G 64 29.62 -19.14 -38.34
C GLU G 64 28.38 -18.30 -38.57
N GLU G 65 27.49 -18.21 -37.56
CA GLU G 65 26.31 -17.37 -37.73
C GLU G 65 26.67 -15.90 -37.84
N LEU G 66 27.70 -15.47 -37.13
CA LEU G 66 28.14 -14.09 -37.24
C LEU G 66 28.59 -13.78 -38.67
N GLU G 67 29.41 -14.66 -39.24
CA GLU G 67 29.87 -14.47 -40.61
C GLU G 67 28.70 -14.47 -41.57
N ALA G 68 27.75 -15.38 -41.38
CA ALA G 68 26.56 -15.41 -42.23
C ALA G 68 25.75 -14.12 -42.10
N CYS G 69 25.61 -13.60 -40.88
CA CYS G 69 24.89 -12.34 -40.72
C CYS G 69 25.62 -11.21 -41.43
N ARG G 70 26.94 -11.16 -41.33
CA ARG G 70 27.70 -10.08 -41.95
C ARG G 70 27.61 -10.15 -43.48
N GLU G 71 27.71 -11.35 -44.05
CA GLU G 71 27.61 -11.46 -45.49
C GLU G 71 26.26 -10.98 -45.99
N ALA G 72 25.17 -11.30 -45.28
CA ALA G 72 23.83 -10.89 -45.67
C ALA G 72 23.58 -9.42 -45.37
N ASN G 73 24.26 -8.85 -44.39
CA ASN G 73 23.97 -7.50 -43.90
C ASN G 73 25.25 -6.69 -43.75
N PRO G 74 26.02 -6.54 -44.84
CA PRO G 74 27.34 -5.88 -44.72
C PRO G 74 27.25 -4.39 -44.48
N ASP G 75 26.08 -3.80 -44.66
CA ASP G 75 25.83 -2.40 -44.41
C ASP G 75 25.43 -2.12 -42.97
N CYS G 76 25.42 -3.14 -42.10
CA CYS G 76 24.84 -3.05 -40.76
C CYS G 76 25.89 -3.21 -39.67
N TYR G 77 25.56 -2.66 -38.50
CA TYR G 77 26.25 -2.99 -37.26
C TYR G 77 25.74 -4.34 -36.77
N ILE G 78 26.64 -5.18 -36.30
CA ILE G 78 26.25 -6.52 -35.84
C ILE G 78 26.79 -6.74 -34.44
N LYS G 79 25.91 -7.12 -33.51
CA LYS G 79 26.33 -7.28 -32.14
C LYS G 79 26.08 -8.72 -31.68
N ILE G 80 26.90 -9.12 -30.73
CA ILE G 80 26.78 -10.39 -30.06
C ILE G 80 26.16 -10.12 -28.70
N THR G 81 25.18 -10.95 -28.31
CA THR G 81 24.51 -10.83 -27.03
C THR G 81 24.65 -12.14 -26.25
N GLY G 82 24.50 -12.03 -24.93
CA GLY G 82 24.45 -13.19 -24.06
C GLY G 82 23.29 -12.99 -23.11
N TYR G 83 22.39 -13.98 -22.98
CA TYR G 83 21.19 -13.82 -22.15
C TYR G 83 21.19 -14.84 -21.03
N ASP G 84 20.80 -14.41 -19.83
CA ASP G 84 20.68 -15.29 -18.67
C ASP G 84 19.19 -15.39 -18.32
N ASN G 85 18.58 -16.56 -18.58
CA ASN G 85 17.15 -16.71 -18.37
C ASN G 85 16.79 -16.81 -16.88
N ILE G 86 17.78 -17.08 -16.03
CA ILE G 86 17.50 -17.12 -14.58
C ILE G 86 17.44 -15.71 -13.99
N ARG G 87 18.17 -14.77 -14.56
CA ARG G 87 18.02 -13.37 -14.11
C ARG G 87 17.01 -12.66 -15.00
N GLN G 88 16.64 -13.27 -16.13
CA GLN G 88 15.80 -12.60 -17.12
C GLN G 88 16.43 -11.27 -17.53
N GLY G 89 17.67 -11.33 -17.96
CA GLY G 89 18.36 -10.13 -18.36
C GLY G 89 19.54 -10.44 -19.25
N GLN G 90 19.85 -9.49 -20.12
CA GLN G 90 21.05 -9.59 -20.94
C GLN G 90 22.30 -9.39 -20.07
N VAL G 91 23.31 -10.24 -20.23
CA VAL G 91 24.50 -10.18 -19.39
C VAL G 91 25.75 -9.75 -20.13
N LEU G 92 25.71 -9.64 -21.45
CA LEU G 92 26.83 -9.13 -22.22
C LEU G 92 26.31 -8.77 -23.59
N SER G 93 26.72 -7.61 -24.09
CA SER G 93 26.33 -7.20 -25.44
C SER G 93 27.46 -6.30 -25.97
N PHE G 94 27.94 -6.59 -27.18
CA PHE G 94 29.04 -5.82 -27.75
C PHE G 94 28.99 -5.93 -29.27
N VAL G 95 29.50 -4.91 -29.94
CA VAL G 95 29.48 -4.91 -31.40
C VAL G 95 30.69 -5.67 -31.92
N ALA G 96 30.43 -6.66 -32.78
CA ALA G 96 31.47 -7.47 -33.41
C ALA G 96 31.82 -7.00 -34.80
N TYR G 97 30.92 -6.30 -35.50
CA TYR G 97 31.20 -5.87 -36.85
C TYR G 97 30.63 -4.49 -37.06
N ARG G 98 31.46 -3.59 -37.59
CA ARG G 98 30.94 -2.30 -38.00
C ARG G 98 31.02 -2.17 -39.52
N PRO G 99 30.03 -1.56 -40.16
CA PRO G 99 30.08 -1.43 -41.62
C PRO G 99 31.17 -0.47 -42.05
N HIS G 100 31.52 -0.53 -43.35
CA HIS G 100 32.62 0.31 -43.91
C HIS G 100 32.37 1.79 -43.66
N HIS G 101 31.12 2.23 -43.76
CA HIS G 101 30.77 3.64 -43.58
C HIS G 101 30.83 4.10 -42.13
N HIS G 102 31.31 3.26 -41.21
CA HIS G 102 31.57 3.70 -39.84
C HIS G 102 32.93 4.40 -39.78
N MET H 1 -14.09 20.73 39.78
CA MET H 1 -13.48 21.94 39.26
C MET H 1 -12.08 22.14 39.85
N HIS H 2 -11.03 21.69 39.16
CA HIS H 2 -9.68 22.07 39.52
C HIS H 2 -9.34 23.41 38.88
N THR H 3 -8.44 24.16 39.52
CA THR H 3 -8.21 25.54 39.11
C THR H 3 -6.72 25.79 38.90
N GLU H 4 -6.02 24.81 38.31
CA GLU H 4 -4.64 24.96 37.88
C GLU H 4 -3.69 25.08 39.07
N THR H 5 -2.66 25.95 39.02
CA THR H 5 -1.55 25.80 39.95
C THR H 5 -1.99 25.86 41.41
N PHE H 6 -1.58 24.85 42.17
CA PHE H 6 -1.81 24.61 43.60
C PHE H 6 -3.20 24.02 43.83
N SER H 7 -3.99 23.80 42.77
CA SER H 7 -5.33 23.22 42.93
C SER H 7 -5.30 21.82 43.54
N TYR H 8 -4.17 21.11 43.42
CA TYR H 8 -4.07 19.77 43.98
C TYR H 8 -3.45 19.75 45.37
N LEU H 9 -3.15 20.91 45.94
CA LEU H 9 -2.76 21.02 47.32
C LEU H 9 -3.96 21.41 48.18
N PRO H 10 -3.87 21.26 49.48
CA PRO H 10 -4.94 21.80 50.35
C PRO H 10 -5.19 23.26 50.07
N PRO H 11 -6.44 23.73 50.19
CA PRO H 11 -6.72 25.17 50.05
C PRO H 11 -5.74 25.99 50.87
N LEU H 12 -5.23 27.07 50.28
CA LEU H 12 -4.17 27.84 50.92
C LEU H 12 -4.73 28.71 52.04
N THR H 13 -4.02 28.70 53.18
CA THR H 13 -4.29 29.71 54.21
C THR H 13 -3.89 31.10 53.74
N ASP H 14 -4.38 32.12 54.46
CA ASP H 14 -3.95 33.48 54.14
C ASP H 14 -2.44 33.65 54.26
N GLU H 15 -1.81 32.99 55.23
CA GLU H 15 -0.36 33.09 55.35
C GLU H 15 0.34 32.43 54.15
N GLU H 16 -0.17 31.28 53.69
CA GLU H 16 0.37 30.65 52.49
C GLU H 16 0.17 31.52 51.26
N ILE H 17 -1.01 32.12 51.13
CA ILE H 17 -1.26 33.04 50.02
C ILE H 17 -0.27 34.20 50.06
N LYS H 18 -0.10 34.80 51.24
CA LYS H 18 0.79 35.95 51.34
C LYS H 18 2.21 35.61 50.92
N LYS H 19 2.68 34.40 51.25
CA LYS H 19 4.02 34.01 50.84
C LYS H 19 4.13 33.93 49.33
N GLN H 20 3.07 33.44 48.67
CA GLN H 20 3.10 33.44 47.21
C GLN H 20 3.10 34.87 46.65
N VAL H 21 2.34 35.77 47.25
CA VAL H 21 2.38 37.16 46.82
C VAL H 21 3.77 37.75 47.05
N GLU H 22 4.40 37.41 48.18
CA GLU H 22 5.77 37.86 48.42
C GLU H 22 6.72 37.35 47.34
N TYR H 23 6.52 36.11 46.87
CA TYR H 23 7.35 35.57 45.80
C TYR H 23 7.18 36.39 44.51
N ILE H 24 5.93 36.72 44.15
CA ILE H 24 5.66 37.55 42.98
C ILE H 24 6.40 38.89 43.09
N LEU H 25 6.21 39.58 44.22
CA LEU H 25 6.76 40.93 44.40
C LEU H 25 8.27 40.90 44.43
N LYS H 26 8.86 39.90 45.08
CA LYS H 26 10.31 39.85 45.23
C LYS H 26 11.01 39.68 43.89
N ASN H 27 10.35 39.04 42.94
CA ASN H 27 10.90 38.87 41.61
C ASN H 27 10.58 40.01 40.67
N GLY H 28 9.94 41.07 41.18
CA GLY H 28 9.58 42.23 40.40
C GLY H 28 8.38 42.05 39.50
N TRP H 29 7.54 41.07 39.76
CA TRP H 29 6.37 40.84 38.92
C TRP H 29 5.17 41.58 39.51
N ILE H 30 4.11 41.67 38.71
CA ILE H 30 2.95 42.50 39.04
C ILE H 30 1.85 41.59 39.61
N PRO H 31 1.45 41.75 40.86
CA PRO H 31 0.31 40.98 41.37
C PRO H 31 -1.01 41.58 40.92
N GLY H 32 -1.99 40.70 40.74
CA GLY H 32 -3.32 41.12 40.34
C GLY H 32 -4.32 40.18 40.97
N ILE H 33 -5.60 40.58 40.93
CA ILE H 33 -6.69 39.77 41.45
C ILE H 33 -7.82 39.71 40.42
N GLU H 34 -8.32 38.50 40.17
CA GLU H 34 -9.41 38.32 39.23
C GLU H 34 -10.43 37.38 39.85
N TYR H 35 -11.67 37.43 39.36
CA TYR H 35 -12.71 36.61 39.96
C TYR H 35 -13.71 36.20 38.90
N THR H 36 -14.40 35.08 39.15
CA THR H 36 -15.43 34.65 38.21
C THR H 36 -16.36 33.64 38.90
N ASP H 37 -17.57 33.51 38.35
CA ASP H 37 -18.42 32.36 38.68
C ASP H 37 -18.44 31.31 37.58
N GLU H 38 -17.59 31.42 36.57
CA GLU H 38 -17.50 30.44 35.49
C GLU H 38 -16.02 30.12 35.26
N PRO H 39 -15.42 29.32 36.14
CA PRO H 39 -13.97 29.10 36.08
C PRO H 39 -13.47 28.05 35.10
N GLY H 40 -14.29 27.40 34.29
CA GLY H 40 -13.80 26.29 33.48
C GLY H 40 -12.92 26.58 32.26
N PRO H 41 -12.69 25.55 31.46
CA PRO H 41 -11.65 25.64 30.41
C PRO H 41 -12.02 26.53 29.22
N HIS H 42 -13.27 26.95 29.07
CA HIS H 42 -13.62 27.89 28.02
C HIS H 42 -13.43 29.34 28.41
N ASN H 43 -13.04 29.65 29.65
CA ASN H 43 -13.00 31.03 30.12
C ASN H 43 -11.55 31.49 30.31
N SER H 44 -11.03 32.25 29.35
CA SER H 44 -9.67 32.76 29.42
C SER H 44 -9.56 34.11 30.12
N TYR H 45 -10.69 34.80 30.35
CA TYR H 45 -10.71 36.17 30.85
C TYR H 45 -11.65 36.26 32.04
N TRP H 46 -11.12 36.03 33.23
CA TRP H 46 -11.92 36.32 34.42
C TRP H 46 -12.05 37.84 34.60
N SER H 47 -12.92 38.24 35.53
CA SER H 47 -13.16 39.66 35.75
C SER H 47 -12.03 40.26 36.57
N PHE H 48 -11.49 41.39 36.12
CA PHE H 48 -10.55 42.16 36.94
C PHE H 48 -11.20 42.67 38.22
N TRP H 49 -10.54 42.43 39.36
CA TRP H 49 -10.73 43.24 40.56
C TRP H 49 -9.71 44.37 40.50
N LYS H 50 -10.15 45.54 40.00
CA LYS H 50 -9.28 46.69 39.75
C LYS H 50 -8.28 46.30 38.68
N LEU H 51 -7.40 47.19 38.28
CA LEU H 51 -6.36 46.81 37.32
C LEU H 51 -5.27 46.02 38.04
N PRO H 52 -4.34 45.39 37.31
CA PRO H 52 -3.19 44.77 37.97
C PRO H 52 -2.51 45.81 38.87
N PHE H 53 -1.98 45.35 40.02
CA PHE H 53 -1.48 46.29 41.05
C PHE H 53 -0.05 46.72 40.72
N PHE H 54 0.05 47.51 39.63
CA PHE H 54 1.35 48.00 39.18
C PHE H 54 2.13 48.71 40.29
N ASN H 55 1.44 49.39 41.19
CA ASN H 55 2.12 50.20 42.19
C ASN H 55 2.20 49.52 43.55
N ALA H 56 1.73 48.27 43.66
CA ALA H 56 1.83 47.58 44.95
C ALA H 56 3.29 47.49 45.39
N GLU H 57 3.54 47.80 46.65
CA GLU H 57 4.88 47.63 47.20
C GLU H 57 5.02 46.53 48.23
N THR H 58 3.93 46.15 48.90
CA THR H 58 3.97 45.11 49.94
C THR H 58 2.93 44.04 49.66
N ALA H 59 3.20 42.84 50.16
CA ALA H 59 2.20 41.78 50.08
C ALA H 59 0.94 42.13 50.84
N GLU H 60 1.08 42.90 51.94
CA GLU H 60 -0.07 43.28 52.75
C GLU H 60 -1.10 44.05 51.92
N GLU H 61 -0.65 44.95 51.05
CA GLU H 61 -1.59 45.72 50.24
C GLU H 61 -2.41 44.79 49.38
N VAL H 62 -1.76 43.76 48.84
CA VAL H 62 -2.47 42.82 48.00
C VAL H 62 -3.44 41.99 48.82
N MET H 63 -3.03 41.57 50.02
CA MET H 63 -3.92 40.77 50.87
C MET H 63 -5.15 41.58 51.26
N GLU H 64 -5.00 42.88 51.47
CA GLU H 64 -6.15 43.73 51.77
C GLU H 64 -7.13 43.77 50.60
N GLU H 65 -6.63 43.81 49.36
CA GLU H 65 -7.52 43.77 48.20
C GLU H 65 -8.18 42.40 48.06
N LEU H 66 -7.45 41.31 48.33
CA LEU H 66 -8.06 39.98 48.30
C LEU H 66 -9.23 39.91 49.28
N GLU H 67 -9.00 40.37 50.51
CA GLU H 67 -10.08 40.42 51.50
C GLU H 67 -11.27 41.20 50.98
N ALA H 68 -11.04 42.37 50.37
CA ALA H 68 -12.15 43.16 49.84
C ALA H 68 -12.87 42.43 48.71
N CYS H 69 -12.13 41.76 47.83
CA CYS H 69 -12.75 41.06 46.72
C CYS H 69 -13.58 39.88 47.22
N ARG H 70 -13.10 39.16 48.22
CA ARG H 70 -13.83 37.98 48.64
C ARG H 70 -15.04 38.36 49.49
N GLU H 71 -15.00 39.51 50.16
CA GLU H 71 -16.19 40.02 50.83
C GLU H 71 -17.22 40.53 49.83
N ALA H 72 -16.76 41.15 48.72
CA ALA H 72 -17.69 41.63 47.71
C ALA H 72 -18.24 40.52 46.82
N ASN H 73 -17.51 39.41 46.66
CA ASN H 73 -17.85 38.36 45.70
C ASN H 73 -17.73 36.98 46.34
N PRO H 74 -18.49 36.71 47.41
CA PRO H 74 -18.33 35.45 48.15
C PRO H 74 -18.77 34.23 47.36
N ASP H 75 -19.52 34.42 46.28
CA ASP H 75 -20.01 33.36 45.41
C ASP H 75 -19.07 33.07 44.25
N CYS H 76 -17.90 33.72 44.20
CA CYS H 76 -16.99 33.61 43.07
C CYS H 76 -15.71 32.89 43.47
N TYR H 77 -15.08 32.24 42.47
CA TYR H 77 -13.68 31.88 42.55
C TYR H 77 -12.84 33.13 42.36
N ILE H 78 -11.78 33.25 43.15
CA ILE H 78 -10.90 34.41 43.15
C ILE H 78 -9.46 33.92 43.03
N LYS H 79 -8.74 34.45 42.04
CA LYS H 79 -7.37 34.03 41.79
C LYS H 79 -6.42 35.21 41.93
N ILE H 80 -5.21 34.91 42.39
CA ILE H 80 -4.09 35.84 42.37
C ILE H 80 -3.30 35.61 41.09
N THR H 81 -2.99 36.69 40.38
CA THR H 81 -2.15 36.61 39.19
C THR H 81 -0.80 37.29 39.44
N GLY H 82 0.20 36.86 38.67
CA GLY H 82 1.55 37.40 38.82
C GLY H 82 2.10 37.60 37.41
N TYR H 83 2.18 38.85 36.95
CA TYR H 83 2.48 39.12 35.55
C TYR H 83 3.89 39.66 35.38
N ASP H 84 4.62 39.16 34.38
CA ASP H 84 5.96 39.66 34.07
C ASP H 84 5.90 40.44 32.76
N ASN H 85 5.95 41.77 32.84
CA ASN H 85 5.90 42.55 31.60
C ASN H 85 7.15 42.36 30.75
N ILE H 86 8.22 41.80 31.31
CA ILE H 86 9.45 41.65 30.53
C ILE H 86 9.30 40.54 29.51
N ARG H 87 8.56 39.49 29.84
CA ARG H 87 8.30 38.42 28.91
C ARG H 87 6.90 38.49 28.32
N GLN H 88 6.08 39.43 28.78
CA GLN H 88 4.65 39.54 28.40
C GLN H 88 3.91 38.24 28.70
N GLY H 89 3.98 37.78 29.95
CA GLY H 89 3.24 36.57 30.28
C GLY H 89 3.06 36.38 31.76
N GLN H 90 1.99 35.65 32.13
CA GLN H 90 1.80 35.31 33.54
C GLN H 90 2.88 34.33 33.97
N VAL H 91 3.43 34.56 35.15
CA VAL H 91 4.47 33.69 35.69
C VAL H 91 3.98 32.89 36.88
N LEU H 92 2.81 33.22 37.42
CA LEU H 92 2.19 32.45 38.48
C LEU H 92 0.75 32.88 38.57
N SER H 93 -0.18 31.93 38.57
CA SER H 93 -1.55 32.25 38.89
C SER H 93 -2.10 31.10 39.73
N PHE H 94 -2.92 31.40 40.74
CA PHE H 94 -3.47 30.32 41.57
C PHE H 94 -4.75 30.84 42.23
N VAL H 95 -5.67 29.93 42.55
CA VAL H 95 -6.90 30.36 43.24
C VAL H 95 -6.67 30.53 44.72
N ALA H 96 -7.11 31.67 45.25
CA ALA H 96 -6.96 31.98 46.67
C ALA H 96 -8.24 31.82 47.46
N TYR H 97 -9.38 31.74 46.78
CA TYR H 97 -10.68 31.66 47.44
C TYR H 97 -11.63 30.86 46.54
N ARG H 98 -12.32 29.90 47.12
CA ARG H 98 -13.34 29.16 46.40
C ARG H 98 -14.65 29.33 47.14
N PRO H 99 -15.77 29.41 46.44
CA PRO H 99 -17.05 29.61 47.12
C PRO H 99 -17.47 28.34 47.85
N HIS H 100 -18.41 28.55 48.79
CA HIS H 100 -18.79 27.50 49.72
C HIS H 100 -19.22 26.21 49.01
N HIS H 101 -19.93 26.34 47.90
CA HIS H 101 -20.47 25.13 47.29
C HIS H 101 -19.37 24.23 46.75
N HIS H 102 -18.19 24.79 46.49
CA HIS H 102 -17.12 24.00 45.89
C HIS H 102 -16.84 22.74 46.71
N HIS H 103 -16.81 22.90 48.03
CA HIS H 103 -16.39 21.88 48.98
C HIS H 103 -17.53 21.06 49.54
N HIS H 104 -18.70 21.05 48.86
CA HIS H 104 -19.87 20.43 49.46
C HIS H 104 -20.69 19.69 48.43
N HIS H 105 -20.06 19.22 47.35
CA HIS H 105 -20.70 18.37 46.34
C HIS H 105 -20.41 16.89 46.61
C1 CAP I . -33.58 -11.54 3.60
C2 CAP I . -32.86 -10.79 2.47
C3 CAP I . -31.35 -11.05 2.56
C4 CAP I . -30.96 -12.53 2.42
C5 CAP I . -29.55 -12.69 1.83
C CAP I . -33.44 -11.13 1.10
O1 CAP I . -34.90 -11.03 3.75
O2 CAP I . -33.07 -9.40 2.70
O3 CAP I . -30.70 -10.30 1.53
O4 CAP I . -30.94 -13.15 3.71
O5 CAP I . -29.29 -14.08 1.69
O6 CAP I . -33.30 -10.40 0.16
O7 CAP I . -34.13 -12.28 0.99
P1 CAP I . -35.69 -11.70 4.99
P2 CAP I . -27.89 -14.48 2.37
O1P CAP I . -35.74 -13.28 4.83
O2P CAP I . -37.18 -11.11 4.97
O3P CAP I . -35.03 -11.33 6.24
O4P CAP I . -26.68 -13.92 1.50
O5P CAP I . -27.81 -16.08 2.44
O6P CAP I . -27.81 -13.95 3.74
MG MG J . -32.07 -8.76 0.76
C1 CAP K . -5.13 -18.05 -25.01
C2 CAP K . -5.35 -17.24 -23.71
C3 CAP K . -6.71 -16.54 -23.74
C4 CAP K . -7.88 -17.53 -23.82
C5 CAP K . -9.13 -16.96 -23.16
C CAP K . -5.16 -18.11 -22.48
O1 CAP K . -3.74 -18.37 -25.12
O2 CAP K . -4.37 -16.21 -23.67
O3 CAP K . -6.83 -15.75 -22.56
O4 CAP K . -8.20 -17.78 -25.19
O5 CAP K . -10.19 -17.92 -23.25
O6 CAP K . -5.31 -19.43 -22.60
O7 CAP K . -4.86 -17.60 -21.43
P1 CAP K . -3.41 -19.18 -26.47
P2 CAP K . -11.50 -17.27 -23.93
O1P CAP K . -3.66 -18.33 -27.64
O2P CAP K . -1.87 -19.61 -26.42
O3P CAP K . -4.34 -20.48 -26.57
O4P CAP K . -11.13 -16.60 -25.19
O5P CAP K . -12.53 -18.46 -24.24
O6P CAP K . -12.18 -16.25 -22.91
MG MG L . -4.92 -15.48 -21.54
C1 CAP M . 33.79 11.03 -3.91
C2 CAP M . 32.56 11.66 -3.23
C3 CAP M . 31.55 10.56 -2.85
C4 CAP M . 32.10 9.56 -1.82
C5 CAP M . 30.98 9.00 -0.94
C CAP M . 32.96 12.51 -2.05
O1 CAP M . 34.53 12.06 -4.56
O2 CAP M . 31.90 12.48 -4.18
O3 CAP M . 30.37 11.19 -2.34
O4 CAP M . 32.69 8.46 -2.50
O5 CAP M . 31.57 8.10 0.01
O6 CAP M . 34.13 12.31 -1.45
O7 CAP M . 32.21 13.39 -1.69
P1 CAP M . 35.82 11.49 -5.35
P2 CAP M . 30.86 6.66 -0.05
O1P CAP M . 36.59 12.74 -5.97
O2P CAP M . 35.39 10.59 -6.43
O3P CAP M . 36.77 10.69 -4.36
O4P CAP M . 30.84 6.18 -1.43
O5P CAP M . 31.73 5.68 0.87
O6P CAP M . 29.38 6.75 0.53
MG MG N . 30.33 13.36 -2.75
C1 B3P O . 38.60 -5.46 10.89
C2 B3P O . 37.16 -5.72 11.31
C3 B3P O . 38.64 -4.54 9.66
N1 B3P O . 40.02 -4.10 9.45
C4 B3P O . 40.16 -3.29 8.24
C5 B3P O . 40.46 -4.15 7.02
C6 B3P O . 41.34 -2.35 8.44
C7 B3P O . 38.90 -2.46 7.97
N2 B3P O . 37.12 -6.57 12.50
C8 B3P O . 35.74 -6.59 13.02
C9 B3P O . 35.68 -7.54 14.21
C10 B3P O . 34.77 -7.05 11.92
C11 B3P O . 35.33 -5.18 13.46
O1 B3P O . 34.44 -7.44 14.88
O2 B3P O . 35.12 -8.36 11.48
O3 B3P O . 36.16 -4.76 14.54
O4 B3P O . 39.38 -5.02 6.70
O5 B3P O . 42.50 -3.14 8.69
O6 B3P O . 38.74 -1.45 8.97
C1 CAP P . 9.48 6.74 28.76
C2 CAP P . 9.40 6.63 27.22
C3 CAP P . 10.07 7.86 26.58
C4 CAP P . 11.55 8.03 26.94
C5 CAP P . 12.30 8.83 25.88
C CAP P . 10.00 5.32 26.73
O1 CAP P . 8.58 5.78 29.33
O2 CAP P . 8.03 6.65 26.84
O3 CAP P . 9.93 7.73 25.17
O4 CAP P . 11.65 8.77 28.15
O5 CAP P . 13.67 8.94 26.26
O6 CAP P . 9.68 4.88 25.66
O7 CAP P . 10.87 4.69 27.52
P1 CAP P . 8.56 5.87 30.93
P2 CAP P . 14.23 10.46 26.15
O1P CAP P . 10.03 5.70 31.50
O2P CAP P . 7.63 4.68 31.45
O3P CAP P . 7.99 7.16 31.37
O4P CAP P . 14.41 10.88 24.62
O5P CAP P . 15.65 10.48 26.86
O6P CAP P . 13.32 11.38 26.83
MG MG Q . 8.46 6.31 24.61
#